data_6NDY
#
_entry.id   6NDY
#
_cell.length_a   1
_cell.length_b   1
_cell.length_c   1
_cell.angle_alpha   90.00
_cell.angle_beta   90.00
_cell.angle_gamma   90.00
#
_symmetry.space_group_name_H-M   'P 1'
#
loop_
_entity.id
_entity.type
_entity.pdbx_description
1 polymer 'Vacuolar protein sorting-associated protein 4'
2 polymer 'Designed Cyclic Peptide'
3 non-polymer "ADENOSINE-5'-DIPHOSPHATE"
4 non-polymer 'BERYLLIUM TRIFLUORIDE ION'
5 non-polymer 'MAGNESIUM ION'
#
loop_
_entity_poly.entity_id
_entity_poly.type
_entity_poly.pdbx_seq_one_letter_code
_entity_poly.pdbx_strand_id
1 'polypeptide(L)'
;QEEGEDNGGEDNKKLRGALSSAILSEKPNVKWEDVAGLEGAKEALKEAVILPVKFPHLFKGNRKPTSGILLYGPPGTGKS
YLAKAVATEANSTFFSVSSSDLVSKWMGESEKLVKQLFAMARENKPSIIFIDEVDALTGTRGEGESEASRRIKTELLVQM
NGVGNDSQGVLVLGATNIPWQLDSAIRRRFERRIYIPLPDLAARTTMFEINVGDTPCVLTKEDYRTLGAMTEGYSGSDIA
VVVKDALMQPIRKIQSATHFKDVSTEDDETRKLTPCSPGDDGAIEMSWTDIEADELKEPDLTIKDFLKAIKSTRPTVNED
DLLKQEQFTRDFGQEGN
;
A,B,C,D,E
2 'polypeptide(L)' GGDEIVNKVLGGSSGG(UNK)(UNK)(UNK)(UNK)(UNK)(UNK)(UNK)(UNK)GGKGCK G
#
loop_
_chem_comp.id
_chem_comp.type
_chem_comp.name
_chem_comp.formula
ADP non-polymer ADENOSINE-5'-DIPHOSPHATE 'C10 H15 N5 O10 P2'
BEF non-polymer 'BERYLLIUM TRIFLUORIDE ION' 'Be F3 -1'
MG non-polymer 'MAGNESIUM ION' 'Mg 2'
#
# COMPACT_ATOMS: atom_id res chain seq x y z
N ARG A 16 12.66 -39.94 3.90
CA ARG A 16 13.26 -41.04 3.15
C ARG A 16 14.77 -40.84 3.02
N GLY A 17 15.29 -41.09 1.82
CA GLY A 17 16.70 -40.96 1.55
C GLY A 17 17.21 -39.56 1.30
N ALA A 18 16.32 -38.55 1.36
CA ALA A 18 16.72 -37.17 1.17
C ALA A 18 17.38 -36.56 2.40
N LEU A 19 17.37 -37.27 3.54
CA LEU A 19 17.95 -36.77 4.78
C LEU A 19 19.41 -37.23 4.95
N SER A 20 20.09 -37.55 3.86
CA SER A 20 21.48 -37.96 3.92
C SER A 20 22.45 -36.78 4.01
N SER A 21 21.94 -35.55 3.93
CA SER A 21 22.77 -34.36 4.09
C SER A 21 22.60 -33.67 5.43
N ALA A 22 21.63 -34.10 6.25
CA ALA A 22 21.44 -33.50 7.56
C ALA A 22 22.52 -33.92 8.55
N ILE A 23 23.09 -35.10 8.39
CA ILE A 23 24.16 -35.58 9.25
C ILE A 23 25.49 -35.22 8.60
N LEU A 24 26.46 -34.83 9.41
CA LEU A 24 27.79 -34.50 8.92
C LEU A 24 28.79 -35.57 9.33
N SER A 25 29.69 -35.92 8.41
CA SER A 25 30.74 -36.89 8.66
C SER A 25 32.12 -36.25 8.61
N GLU A 26 32.19 -34.92 8.69
CA GLU A 26 33.46 -34.22 8.63
C GLU A 26 34.14 -34.12 9.99
N LYS A 27 33.36 -33.92 11.07
CA LYS A 27 33.80 -33.73 12.45
C LYS A 27 34.82 -32.61 12.56
N PRO A 28 34.39 -31.34 12.49
CA PRO A 28 35.35 -30.21 12.52
C PRO A 28 36.12 -30.10 13.82
N ASN A 29 37.45 -30.06 13.71
CA ASN A 29 38.35 -30.17 14.86
C ASN A 29 38.35 -28.88 15.66
N VAL A 30 37.34 -28.74 16.51
CA VAL A 30 37.23 -27.64 17.46
C VAL A 30 37.09 -28.29 18.83
N LYS A 31 38.17 -28.27 19.61
CA LYS A 31 38.17 -28.91 20.92
C LYS A 31 37.59 -27.98 21.98
N TRP A 32 37.53 -28.48 23.21
CA TRP A 32 36.98 -27.71 24.31
C TRP A 32 37.92 -26.57 24.74
N GLU A 33 39.22 -26.72 24.50
CA GLU A 33 40.16 -25.66 24.82
C GLU A 33 40.12 -24.51 23.83
N ASP A 34 39.59 -24.73 22.63
CA ASP A 34 39.54 -23.68 21.63
C ASP A 34 38.46 -22.66 21.94
N VAL A 35 37.39 -23.08 22.62
CA VAL A 35 36.28 -22.20 22.96
C VAL A 35 36.73 -21.33 24.13
N ALA A 36 37.03 -20.07 23.84
CA ALA A 36 37.51 -19.14 24.86
C ALA A 36 36.36 -18.68 25.73
N GLY A 37 36.52 -18.83 27.05
CA GLY A 37 35.48 -18.43 27.99
C GLY A 37 34.31 -19.38 27.97
N LEU A 38 33.16 -18.84 28.39
CA LEU A 38 31.85 -19.54 28.45
C LEU A 38 31.94 -20.81 29.30
N GLU A 39 32.37 -20.64 30.55
CA GLU A 39 32.66 -21.79 31.40
C GLU A 39 31.40 -22.51 31.84
N GLY A 40 30.35 -21.75 32.18
CA GLY A 40 29.10 -22.37 32.62
C GLY A 40 28.38 -23.10 31.50
N ALA A 41 28.33 -22.48 30.32
CA ALA A 41 27.74 -23.16 29.15
C ALA A 41 28.57 -24.35 28.74
N LYS A 42 29.90 -24.25 28.84
CA LYS A 42 30.78 -25.36 28.48
C LYS A 42 30.60 -26.53 29.44
N GLU A 43 30.52 -26.28 30.74
CA GLU A 43 30.34 -27.37 31.68
C GLU A 43 28.92 -27.95 31.63
N ALA A 44 27.92 -27.13 31.29
CA ALA A 44 26.56 -27.65 31.15
C ALA A 44 26.43 -28.55 29.94
N LEU A 45 26.98 -28.11 28.80
CA LEU A 45 27.01 -28.96 27.61
C LEU A 45 27.88 -30.20 27.83
N LYS A 46 28.96 -30.05 28.59
CA LYS A 46 29.86 -31.16 28.89
C LYS A 46 29.15 -32.24 29.70
N GLU A 47 28.45 -31.85 30.77
CA GLU A 47 27.75 -32.85 31.56
C GLU A 47 26.58 -33.45 30.79
N ALA A 48 25.84 -32.61 30.02
CA ALA A 48 24.68 -33.09 29.28
C ALA A 48 25.03 -33.97 28.10
N VAL A 49 26.27 -33.94 27.60
CA VAL A 49 26.65 -34.84 26.52
C VAL A 49 27.56 -35.98 27.00
N ILE A 50 28.16 -35.87 28.18
CA ILE A 50 29.13 -36.86 28.65
C ILE A 50 28.56 -37.76 29.73
N LEU A 51 27.94 -37.17 30.77
CA LEU A 51 27.54 -37.92 31.97
C LEU A 51 26.48 -39.01 31.76
N PRO A 52 25.47 -38.87 30.88
CA PRO A 52 24.67 -40.07 30.54
C PRO A 52 25.42 -41.16 29.79
N VAL A 53 26.57 -40.84 29.17
CA VAL A 53 27.38 -41.84 28.51
C VAL A 53 28.47 -42.29 29.45
N LYS A 54 28.92 -41.39 30.33
CA LYS A 54 29.97 -41.72 31.29
C LYS A 54 29.44 -42.61 32.40
N PHE A 55 28.46 -42.12 33.16
CA PHE A 55 27.85 -42.88 34.25
C PHE A 55 26.37 -43.04 33.93
N PRO A 56 25.97 -44.13 33.25
CA PRO A 56 24.55 -44.32 32.93
C PRO A 56 23.68 -44.66 34.12
N HIS A 57 24.27 -45.07 35.26
CA HIS A 57 23.48 -45.37 36.44
C HIS A 57 23.08 -44.12 37.20
N LEU A 58 23.69 -42.96 36.89
CA LEU A 58 23.39 -41.74 37.64
C LEU A 58 22.05 -41.15 37.23
N PHE A 59 21.57 -41.44 36.02
CA PHE A 59 20.35 -40.85 35.49
C PHE A 59 19.29 -41.93 35.38
N LYS A 60 18.39 -41.98 36.36
CA LYS A 60 17.29 -42.93 36.36
C LYS A 60 16.19 -42.40 37.27
N GLY A 61 14.98 -42.26 36.73
CA GLY A 61 13.84 -41.85 37.51
C GLY A 61 13.77 -40.36 37.80
N ASN A 62 14.03 -39.98 39.05
CA ASN A 62 13.87 -38.59 39.46
C ASN A 62 15.00 -37.72 38.93
N ARG A 63 16.25 -38.14 39.11
CA ARG A 63 17.41 -37.38 38.65
C ARG A 63 17.61 -37.64 37.15
N LYS A 64 16.76 -36.98 36.34
CA LYS A 64 16.70 -37.09 34.90
C LYS A 64 17.67 -36.11 34.24
N PRO A 65 18.29 -36.48 33.12
CA PRO A 65 19.22 -35.57 32.45
C PRO A 65 18.48 -34.45 31.72
N THR A 66 19.27 -33.49 31.24
CA THR A 66 18.72 -32.36 30.53
C THR A 66 18.33 -32.76 29.11
N SER A 67 17.06 -32.56 28.76
CA SER A 67 16.55 -32.92 27.45
C SER A 67 16.44 -31.74 26.49
N GLY A 68 16.55 -30.50 26.99
CA GLY A 68 16.48 -29.34 26.12
C GLY A 68 17.47 -28.26 26.50
N ILE A 69 18.35 -27.89 25.58
CA ILE A 69 19.34 -26.85 25.79
C ILE A 69 19.13 -25.76 24.73
N LEU A 70 19.04 -24.52 25.19
CA LEU A 70 18.87 -23.37 24.29
C LEU A 70 19.98 -22.36 24.56
N LEU A 71 20.57 -21.87 23.48
CA LEU A 71 21.63 -20.86 23.55
C LEU A 71 21.19 -19.61 22.84
N TYR A 72 21.47 -18.45 23.44
CA TYR A 72 21.05 -17.17 22.87
C TYR A 72 22.06 -16.11 23.28
N GLY A 73 21.86 -14.90 22.77
CA GLY A 73 22.73 -13.79 23.05
C GLY A 73 22.90 -12.88 21.84
N PRO A 74 23.95 -12.06 21.86
CA PRO A 74 24.25 -11.22 20.69
C PRO A 74 24.72 -12.06 19.52
N PRO A 75 24.58 -11.57 18.29
CA PRO A 75 25.03 -12.35 17.13
C PRO A 75 26.55 -12.44 17.06
N GLY A 76 27.06 -13.65 16.88
CA GLY A 76 28.48 -13.87 16.79
C GLY A 76 29.17 -13.89 18.14
N THR A 77 28.76 -14.82 19.00
CA THR A 77 29.36 -14.95 20.33
C THR A 77 29.89 -16.35 20.61
N GLY A 78 29.56 -17.34 19.79
CA GLY A 78 30.11 -18.67 19.97
C GLY A 78 29.07 -19.77 20.10
N LYS A 79 27.86 -19.54 19.61
CA LYS A 79 26.81 -20.55 19.69
C LYS A 79 27.08 -21.71 18.73
N SER A 80 27.28 -21.38 17.45
CA SER A 80 27.61 -22.42 16.47
C SER A 80 29.01 -22.97 16.70
N TYR A 81 29.89 -22.17 17.32
CA TYR A 81 31.21 -22.67 17.71
C TYR A 81 31.10 -23.71 18.82
N LEU A 82 30.20 -23.48 19.79
CA LEU A 82 29.96 -24.46 20.84
C LEU A 82 29.28 -25.70 20.27
N ALA A 83 28.42 -25.52 19.27
CA ALA A 83 27.82 -26.67 18.59
C ALA A 83 28.87 -27.48 17.84
N LYS A 84 29.83 -26.81 17.20
CA LYS A 84 30.94 -27.51 16.55
C LYS A 84 31.82 -28.24 17.56
N ALA A 85 32.03 -27.63 18.73
CA ALA A 85 32.81 -28.28 19.78
C ALA A 85 32.09 -29.51 20.34
N VAL A 86 30.77 -29.44 20.46
CA VAL A 86 29.99 -30.60 20.89
C VAL A 86 30.03 -31.69 19.84
N ALA A 87 29.92 -31.32 18.56
CA ALA A 87 30.00 -32.30 17.47
C ALA A 87 31.39 -32.92 17.35
N THR A 88 32.42 -32.19 17.78
CA THR A 88 33.77 -32.75 17.79
C THR A 88 33.98 -33.70 18.96
N GLU A 89 33.77 -33.22 20.19
CA GLU A 89 34.07 -33.97 21.40
C GLU A 89 32.84 -34.60 22.02
N ALA A 90 31.86 -35.03 21.21
CA ALA A 90 30.69 -35.72 21.73
C ALA A 90 30.71 -37.23 21.50
N ASN A 91 31.30 -37.68 20.39
CA ASN A 91 31.27 -39.07 19.92
C ASN A 91 29.84 -39.59 19.83
N SER A 92 29.06 -38.92 18.99
CA SER A 92 27.64 -39.22 18.84
C SER A 92 27.18 -38.74 17.47
N THR A 93 26.02 -39.23 17.05
CA THR A 93 25.46 -38.85 15.75
C THR A 93 24.93 -37.43 15.80
N PHE A 94 25.52 -36.55 14.99
CA PHE A 94 25.17 -35.14 14.96
C PHE A 94 24.17 -34.91 13.82
N PHE A 95 23.01 -34.37 14.16
CA PHE A 95 21.97 -34.04 13.19
C PHE A 95 21.91 -32.50 13.09
N SER A 96 22.73 -31.95 12.20
CA SER A 96 22.76 -30.51 11.97
C SER A 96 21.83 -30.22 10.79
N VAL A 97 20.57 -29.95 11.12
CA VAL A 97 19.52 -29.75 10.13
C VAL A 97 18.80 -28.45 10.45
N SER A 98 18.24 -27.82 9.42
CA SER A 98 17.56 -26.54 9.55
C SER A 98 16.24 -26.63 8.76
N SER A 99 15.62 -25.48 8.55
CA SER A 99 14.31 -25.39 7.90
C SER A 99 14.34 -25.70 6.41
N SER A 100 15.52 -25.88 5.80
CA SER A 100 15.57 -26.20 4.38
C SER A 100 15.17 -27.64 4.10
N ASP A 101 15.47 -28.55 5.03
CA ASP A 101 15.17 -29.97 4.85
C ASP A 101 13.91 -30.41 5.58
N LEU A 102 13.08 -29.46 6.03
CA LEU A 102 11.84 -29.79 6.72
C LEU A 102 10.59 -29.43 5.95
N VAL A 103 10.69 -28.50 4.99
CA VAL A 103 9.53 -28.03 4.23
C VAL A 103 9.67 -28.51 2.79
N SER A 104 8.56 -28.97 2.22
CA SER A 104 8.52 -29.48 0.86
C SER A 104 7.43 -28.74 0.08
N LYS A 105 7.34 -29.07 -1.21
CA LYS A 105 6.32 -28.47 -2.06
C LYS A 105 4.95 -29.10 -1.81
N TRP A 106 4.92 -30.35 -1.36
CA TRP A 106 3.66 -31.07 -1.20
C TRP A 106 3.08 -30.84 0.19
N MET A 107 1.94 -31.48 0.45
CA MET A 107 1.27 -31.41 1.74
C MET A 107 1.40 -32.76 2.44
N GLY A 108 1.69 -32.72 3.74
CA GLY A 108 1.91 -33.91 4.53
C GLY A 108 3.36 -34.37 4.59
N GLU A 109 4.12 -34.13 3.54
CA GLU A 109 5.54 -34.46 3.55
C GLU A 109 6.35 -33.56 4.48
N SER A 110 5.86 -32.35 4.76
CA SER A 110 6.52 -31.49 5.75
C SER A 110 6.38 -32.03 7.16
N GLU A 111 5.35 -32.83 7.44
CA GLU A 111 5.23 -33.54 8.70
C GLU A 111 5.96 -34.88 8.66
N LYS A 112 5.93 -35.55 7.51
CA LYS A 112 6.62 -36.83 7.35
C LYS A 112 8.14 -36.66 7.46
N LEU A 113 8.67 -35.50 7.06
CA LEU A 113 10.10 -35.25 7.19
C LEU A 113 10.52 -35.17 8.65
N VAL A 114 9.76 -34.46 9.47
CA VAL A 114 10.07 -34.37 10.91
C VAL A 114 9.84 -35.71 11.59
N LYS A 115 8.82 -36.46 11.15
CA LYS A 115 8.53 -37.76 11.72
C LYS A 115 9.66 -38.75 11.45
N GLN A 116 10.10 -38.84 10.20
CA GLN A 116 11.22 -39.71 9.87
C GLN A 116 12.55 -39.20 10.40
N LEU A 117 12.68 -37.88 10.61
CA LEU A 117 13.88 -37.33 11.23
C LEU A 117 14.00 -37.79 12.68
N PHE A 118 12.92 -37.66 13.45
CA PHE A 118 12.94 -38.14 14.83
C PHE A 118 12.99 -39.66 14.90
N ALA A 119 12.45 -40.36 13.91
CA ALA A 119 12.55 -41.82 13.88
C ALA A 119 13.99 -42.27 13.65
N MET A 120 14.70 -41.61 12.72
CA MET A 120 16.10 -41.94 12.47
C MET A 120 16.98 -41.52 13.64
N ALA A 121 16.62 -40.43 14.32
CA ALA A 121 17.38 -40.01 15.49
C ALA A 121 17.17 -40.96 16.67
N ARG A 122 15.97 -41.54 16.79
CA ARG A 122 15.75 -42.55 17.82
C ARG A 122 16.40 -43.88 17.46
N GLU A 123 16.48 -44.19 16.16
CA GLU A 123 17.12 -45.43 15.74
C GLU A 123 18.64 -45.34 15.86
N ASN A 124 19.19 -44.14 15.75
CA ASN A 124 20.64 -43.93 15.84
C ASN A 124 21.05 -43.43 17.21
N LYS A 125 20.41 -43.93 18.26
CA LYS A 125 20.76 -43.52 19.62
C LYS A 125 22.12 -44.09 20.02
N PRO A 126 22.96 -43.35 20.74
CA PRO A 126 22.76 -41.95 21.19
C PRO A 126 23.05 -40.92 20.11
N SER A 127 22.11 -40.01 19.91
CA SER A 127 22.21 -38.97 18.89
C SER A 127 21.98 -37.61 19.52
N ILE A 128 22.17 -36.56 18.73
CA ILE A 128 21.96 -35.19 19.18
C ILE A 128 21.53 -34.35 17.98
N ILE A 129 20.44 -33.61 18.14
CA ILE A 129 19.87 -32.80 17.07
C ILE A 129 20.15 -31.34 17.38
N PHE A 130 20.83 -30.67 16.46
CA PHE A 130 21.13 -29.25 16.58
C PHE A 130 20.37 -28.49 15.51
N ILE A 131 19.44 -27.64 15.94
CA ILE A 131 18.67 -26.79 15.05
C ILE A 131 19.25 -25.39 15.17
N ASP A 132 19.96 -24.96 14.14
CA ASP A 132 20.44 -23.58 14.09
C ASP A 132 19.31 -22.67 13.61
N GLU A 133 19.17 -21.52 14.27
CA GLU A 133 18.18 -20.48 13.98
C GLU A 133 16.76 -21.05 14.08
N VAL A 134 16.38 -21.42 15.31
CA VAL A 134 15.08 -22.05 15.54
C VAL A 134 13.91 -21.09 15.35
N ASP A 135 14.15 -19.79 15.27
CA ASP A 135 13.09 -18.83 15.01
C ASP A 135 12.58 -18.87 13.58
N ALA A 136 13.28 -19.56 12.67
CA ALA A 136 12.76 -19.79 11.33
C ALA A 136 11.59 -20.75 11.31
N LEU A 137 11.45 -21.60 12.34
CA LEU A 137 10.29 -22.47 12.48
C LEU A 137 9.21 -21.90 13.36
N THR A 138 9.51 -20.90 14.18
CA THR A 138 8.56 -20.31 15.11
C THR A 138 8.27 -18.87 14.66
N GLY A 139 7.28 -18.73 13.79
CA GLY A 139 6.81 -17.43 13.37
C GLY A 139 5.71 -16.84 14.22
N THR A 140 5.50 -17.39 15.43
CA THR A 140 4.48 -17.06 16.42
C THR A 140 3.04 -17.20 15.93
N ARG A 141 2.87 -17.84 14.76
CA ARG A 141 1.61 -18.12 14.04
C ARG A 141 0.58 -16.99 14.14
N GLY A 142 1.02 -15.78 13.81
CA GLY A 142 0.13 -14.64 13.79
C GLY A 142 -0.85 -14.70 12.63
N GLU A 143 -0.36 -14.52 11.42
CA GLU A 143 -1.14 -14.72 10.20
C GLU A 143 -0.28 -15.39 9.14
N GLY A 144 0.58 -16.32 9.54
CA GLY A 144 1.54 -16.94 8.66
C GLY A 144 0.94 -18.10 7.87
N GLU A 145 1.84 -18.85 7.25
CA GLU A 145 1.46 -20.00 6.44
C GLU A 145 1.05 -21.16 7.35
N SER A 146 -0.19 -21.62 7.18
CA SER A 146 -0.80 -22.57 8.13
C SER A 146 -0.16 -23.94 8.03
N GLU A 147 -0.21 -24.56 6.85
CA GLU A 147 0.21 -25.95 6.69
C GLU A 147 1.72 -26.14 6.82
N ALA A 148 2.49 -25.07 6.65
CA ALA A 148 3.94 -25.15 6.78
C ALA A 148 4.47 -24.46 8.04
N SER A 149 3.61 -23.86 8.85
CA SER A 149 4.04 -23.28 10.11
C SER A 149 3.40 -23.97 11.31
N ARG A 150 2.06 -24.01 11.37
CA ARG A 150 1.38 -24.44 12.59
C ARG A 150 1.46 -25.95 12.78
N ARG A 151 1.30 -26.71 11.69
CA ARG A 151 1.40 -28.16 11.79
C ARG A 151 2.82 -28.61 12.08
N ILE A 152 3.82 -27.91 11.52
CA ILE A 152 5.22 -28.22 11.82
C ILE A 152 5.54 -27.87 13.27
N LYS A 153 4.96 -26.78 13.78
CA LYS A 153 5.19 -26.40 15.18
C LYS A 153 4.54 -27.39 16.14
N THR A 154 3.32 -27.86 15.83
CA THR A 154 2.69 -28.85 16.69
C THR A 154 3.38 -30.21 16.59
N GLU A 155 3.91 -30.55 15.40
CA GLU A 155 4.69 -31.78 15.26
C GLU A 155 5.98 -31.72 16.05
N LEU A 156 6.66 -30.57 16.05
CA LEU A 156 7.85 -30.41 16.87
C LEU A 156 7.51 -30.38 18.36
N LEU A 157 6.32 -29.90 18.72
CA LEU A 157 5.90 -29.91 20.11
C LEU A 157 5.59 -31.31 20.60
N VAL A 158 4.96 -32.15 19.77
CA VAL A 158 4.67 -33.52 20.18
C VAL A 158 5.86 -34.46 19.98
N GLN A 159 6.86 -34.06 19.19
CA GLN A 159 8.09 -34.83 19.12
C GLN A 159 9.14 -34.37 20.12
N MET A 160 8.95 -33.19 20.73
CA MET A 160 9.72 -32.77 21.88
C MET A 160 9.09 -33.22 23.19
N ASN A 161 8.12 -34.13 23.13
CA ASN A 161 7.50 -34.74 24.30
C ASN A 161 8.23 -36.00 24.76
N GLY A 162 9.53 -36.10 24.47
CA GLY A 162 10.32 -37.25 24.86
C GLY A 162 10.88 -37.17 26.26
N VAL A 163 10.15 -36.53 27.18
CA VAL A 163 10.51 -36.57 28.58
C VAL A 163 10.19 -37.92 29.19
N GLY A 164 9.32 -38.71 28.55
CA GLY A 164 9.07 -40.08 28.95
C GLY A 164 9.40 -41.04 27.83
N ASN A 165 9.38 -40.55 26.58
CA ASN A 165 9.72 -41.39 25.44
C ASN A 165 11.23 -41.48 25.24
N ASP A 166 11.86 -40.35 24.96
CA ASP A 166 13.31 -40.30 24.72
C ASP A 166 14.07 -39.92 25.98
N SER A 167 13.93 -40.71 27.04
CA SER A 167 14.72 -40.48 28.24
C SER A 167 16.19 -40.83 28.00
N GLN A 168 16.44 -41.89 27.22
CA GLN A 168 17.78 -42.21 26.75
C GLN A 168 17.79 -42.06 25.23
N GLY A 169 18.77 -41.32 24.72
CA GLY A 169 18.84 -41.08 23.30
C GLY A 169 19.10 -39.64 22.91
N VAL A 170 18.12 -39.03 22.25
CA VAL A 170 18.35 -37.76 21.56
C VAL A 170 18.41 -36.60 22.55
N LEU A 171 18.90 -35.47 22.06
CA LEU A 171 18.96 -34.22 22.81
C LEU A 171 18.89 -33.08 21.81
N VAL A 172 17.93 -32.17 22.00
CA VAL A 172 17.71 -31.06 21.08
C VAL A 172 18.54 -29.87 21.55
N LEU A 173 19.06 -29.11 20.59
CA LEU A 173 19.82 -27.90 20.86
C LEU A 173 19.10 -26.69 20.25
N GLY A 174 19.76 -25.54 20.34
CA GLY A 174 19.21 -24.33 19.76
C GLY A 174 20.14 -23.15 19.85
N ALA A 175 20.29 -22.43 18.73
CA ALA A 175 21.10 -21.22 18.68
C ALA A 175 20.26 -20.12 18.04
N THR A 176 20.14 -18.99 18.75
CA THR A 176 19.22 -17.94 18.32
C THR A 176 19.83 -16.58 18.61
N ASN A 177 19.83 -15.70 17.60
CA ASN A 177 20.31 -14.35 17.80
C ASN A 177 19.23 -13.45 18.37
N ILE A 178 17.97 -13.69 18.01
CA ILE A 178 16.85 -12.86 18.44
C ILE A 178 15.85 -13.78 19.13
N PRO A 179 15.96 -13.96 20.45
CA PRO A 179 15.15 -14.97 21.14
C PRO A 179 13.82 -14.47 21.67
N TRP A 180 13.55 -13.16 21.65
CA TRP A 180 12.26 -12.68 22.11
C TRP A 180 11.16 -12.93 21.08
N GLN A 181 11.54 -13.11 19.81
CA GLN A 181 10.58 -13.50 18.78
C GLN A 181 10.62 -15.02 18.63
N LEU A 182 10.14 -15.70 19.67
CA LEU A 182 10.12 -17.15 19.74
C LEU A 182 8.79 -17.60 20.30
N ASP A 183 8.33 -18.77 19.88
CA ASP A 183 7.07 -19.32 20.37
C ASP A 183 7.21 -19.72 21.84
N SER A 184 6.22 -19.31 22.65
CA SER A 184 6.30 -19.52 24.09
C SER A 184 6.18 -20.98 24.47
N ALA A 185 5.50 -21.79 23.64
CA ALA A 185 5.37 -23.22 23.91
C ALA A 185 6.72 -23.92 23.80
N ILE A 186 7.46 -23.65 22.72
CA ILE A 186 8.78 -24.26 22.56
C ILE A 186 9.79 -23.60 23.49
N ARG A 187 9.56 -22.34 23.89
CA ARG A 187 10.40 -21.70 24.90
C ARG A 187 10.24 -22.39 26.26
N ARG A 188 9.00 -22.75 26.62
CA ARG A 188 8.79 -23.50 27.85
C ARG A 188 9.25 -24.94 27.73
N ARG A 189 9.20 -25.52 26.53
CA ARG A 189 9.71 -26.87 26.32
C ARG A 189 11.22 -26.94 26.41
N PHE A 190 11.92 -25.87 26.05
CA PHE A 190 13.37 -25.79 26.24
C PHE A 190 13.62 -25.41 27.70
N GLU A 191 14.00 -26.39 28.51
CA GLU A 191 14.09 -26.20 29.94
C GLU A 191 15.35 -25.44 30.36
N ARG A 192 16.46 -25.62 29.65
CA ARG A 192 17.71 -24.95 29.97
C ARG A 192 18.00 -23.90 28.92
N ARG A 193 18.01 -22.63 29.33
CA ARG A 193 18.27 -21.50 28.44
C ARG A 193 19.49 -20.76 28.97
N ILE A 194 20.63 -20.93 28.31
CA ILE A 194 21.89 -20.35 28.74
C ILE A 194 22.15 -19.09 27.91
N TYR A 195 22.48 -17.99 28.58
CA TYR A 195 22.77 -16.72 27.92
C TYR A 195 24.26 -16.64 27.64
N ILE A 196 24.61 -16.53 26.36
CA ILE A 196 26.00 -16.41 25.93
C ILE A 196 26.36 -14.93 25.85
N PRO A 197 27.15 -14.39 26.77
CA PRO A 197 27.41 -12.94 26.77
C PRO A 197 28.62 -12.57 25.92
N LEU A 198 28.94 -11.28 25.90
CA LEU A 198 30.20 -10.85 25.31
C LEU A 198 31.36 -11.31 26.19
N PRO A 199 32.49 -11.70 25.62
CA PRO A 199 33.58 -12.25 26.43
C PRO A 199 34.27 -11.17 27.25
N ASP A 200 34.79 -11.58 28.41
CA ASP A 200 35.51 -10.68 29.30
C ASP A 200 36.99 -10.63 28.91
N LEU A 201 37.81 -10.05 29.78
CA LEU A 201 39.19 -9.72 29.42
C LEU A 201 40.05 -10.98 29.30
N ALA A 202 39.88 -11.94 30.22
CA ALA A 202 40.66 -13.18 30.16
C ALA A 202 40.29 -14.00 28.93
N ALA A 203 38.99 -14.04 28.59
CA ALA A 203 38.56 -14.73 27.38
C ALA A 203 39.05 -14.03 26.13
N ARG A 204 39.13 -12.69 26.15
CA ARG A 204 39.70 -11.94 25.04
C ARG A 204 41.17 -12.28 24.84
N THR A 205 41.94 -12.35 25.94
CA THR A 205 43.37 -12.64 25.84
C THR A 205 43.62 -14.07 25.35
N THR A 206 42.89 -15.05 25.89
CA THR A 206 43.10 -16.40 25.39
C THR A 206 42.51 -16.61 23.99
N MET A 207 41.54 -15.78 23.57
CA MET A 207 41.06 -15.85 22.20
C MET A 207 42.08 -15.28 21.23
N PHE A 208 42.78 -14.20 21.61
CA PHE A 208 43.90 -13.71 20.82
C PHE A 208 45.03 -14.73 20.75
N GLU A 209 45.29 -15.42 21.88
CA GLU A 209 46.33 -16.44 21.92
C GLU A 209 45.98 -17.64 21.03
N ILE A 210 44.70 -18.01 20.98
CA ILE A 210 44.26 -19.11 20.14
C ILE A 210 44.28 -18.71 18.67
N ASN A 211 43.82 -17.49 18.36
CA ASN A 211 43.70 -17.07 16.97
C ASN A 211 45.06 -16.78 16.35
N VAL A 212 46.03 -16.32 17.15
CA VAL A 212 47.40 -16.23 16.64
C VAL A 212 47.99 -17.62 16.46
N GLY A 213 48.04 -18.39 17.55
CA GLY A 213 48.43 -19.79 17.44
C GLY A 213 49.93 -19.95 17.28
N ASP A 214 50.33 -20.74 16.28
CA ASP A 214 51.72 -21.06 16.02
C ASP A 214 52.42 -20.04 15.13
N THR A 215 51.78 -18.90 14.86
CA THR A 215 52.43 -17.86 14.09
C THR A 215 53.51 -17.20 14.93
N PRO A 216 54.72 -17.00 14.37
CA PRO A 216 55.78 -16.33 15.14
C PRO A 216 55.44 -14.87 15.39
N CYS A 217 55.77 -14.39 16.59
CA CYS A 217 55.45 -13.04 17.00
C CYS A 217 56.40 -12.61 18.10
N VAL A 218 56.37 -11.31 18.42
CA VAL A 218 57.07 -10.75 19.56
C VAL A 218 56.11 -10.31 20.66
N LEU A 219 54.82 -10.64 20.52
CA LEU A 219 53.81 -10.22 21.47
C LEU A 219 53.95 -11.02 22.76
N THR A 220 53.79 -10.33 23.88
CA THR A 220 53.93 -10.95 25.19
C THR A 220 52.57 -11.05 25.88
N LYS A 221 52.59 -11.51 27.13
CA LYS A 221 51.36 -11.57 27.92
C LYS A 221 50.85 -10.17 28.26
N GLU A 222 51.76 -9.22 28.51
CA GLU A 222 51.36 -7.84 28.72
C GLU A 222 50.81 -7.22 27.43
N ASP A 223 51.36 -7.62 26.28
CA ASP A 223 50.83 -7.15 25.01
C ASP A 223 49.45 -7.71 24.73
N TYR A 224 49.22 -8.99 25.06
CA TYR A 224 47.89 -9.57 24.91
C TYR A 224 46.91 -8.94 25.89
N ARG A 225 47.38 -8.59 27.09
CA ARG A 225 46.52 -7.96 28.08
C ARG A 225 46.12 -6.55 27.66
N THR A 226 47.06 -5.77 27.12
CA THR A 226 46.69 -4.44 26.64
C THR A 226 45.91 -4.50 25.33
N LEU A 227 46.05 -5.57 24.54
CA LEU A 227 45.18 -5.74 23.38
C LEU A 227 43.75 -6.04 23.82
N GLY A 228 43.58 -6.93 24.81
CA GLY A 228 42.27 -7.19 25.37
C GLY A 228 41.67 -6.01 26.10
N ALA A 229 42.50 -5.14 26.66
CA ALA A 229 42.00 -3.89 27.25
C ALA A 229 41.63 -2.86 26.19
N MET A 230 42.30 -2.90 25.03
CA MET A 230 41.93 -2.02 23.93
C MET A 230 40.60 -2.46 23.31
N THR A 231 40.40 -3.77 23.15
CA THR A 231 39.14 -4.30 22.64
C THR A 231 38.08 -4.22 23.74
N GLU A 232 37.41 -3.07 23.78
CA GLU A 232 36.33 -2.84 24.73
C GLU A 232 35.00 -2.98 23.99
N GLY A 233 34.30 -4.08 24.25
CA GLY A 233 33.04 -4.34 23.59
C GLY A 233 33.12 -5.11 22.31
N TYR A 234 34.28 -5.67 21.98
CA TYR A 234 34.44 -6.44 20.76
C TYR A 234 33.87 -7.84 20.94
N SER A 235 33.70 -8.55 19.83
CA SER A 235 33.13 -9.89 19.82
C SER A 235 34.16 -10.88 19.26
N GLY A 236 33.73 -12.13 19.16
CA GLY A 236 34.63 -13.19 18.72
C GLY A 236 34.98 -13.08 17.25
N SER A 237 33.99 -12.79 16.40
CA SER A 237 34.26 -12.62 14.98
C SER A 237 35.06 -11.36 14.72
N ASP A 238 34.85 -10.31 15.52
CA ASP A 238 35.65 -9.10 15.40
C ASP A 238 37.10 -9.36 15.81
N ILE A 239 37.32 -10.16 16.86
CA ILE A 239 38.67 -10.54 17.25
C ILE A 239 39.33 -11.39 16.17
N ALA A 240 38.55 -12.27 15.53
CA ALA A 240 39.08 -13.12 14.47
C ALA A 240 39.47 -12.31 13.24
N VAL A 241 38.65 -11.31 12.86
CA VAL A 241 39.02 -10.53 11.68
C VAL A 241 40.12 -9.51 12.01
N VAL A 242 40.25 -9.10 13.28
CA VAL A 242 41.41 -8.30 13.68
C VAL A 242 42.70 -9.12 13.58
N VAL A 243 42.64 -10.37 14.01
CA VAL A 243 43.79 -11.27 13.88
C VAL A 243 44.10 -11.54 12.40
N LYS A 244 43.06 -11.65 11.57
CA LYS A 244 43.25 -11.84 10.14
C LYS A 244 43.90 -10.62 9.48
N ASP A 245 43.50 -9.41 9.90
CA ASP A 245 44.11 -8.20 9.38
C ASP A 245 45.56 -8.06 9.83
N ALA A 246 45.84 -8.45 11.08
CA ALA A 246 47.21 -8.42 11.57
C ALA A 246 48.08 -9.47 10.89
N LEU A 247 47.49 -10.58 10.47
CA LEU A 247 48.24 -11.56 9.68
C LEU A 247 48.46 -11.07 8.26
N MET A 248 47.51 -10.33 7.70
CA MET A 248 47.63 -9.85 6.32
C MET A 248 48.51 -8.61 6.20
N GLN A 249 48.79 -7.91 7.30
CA GLN A 249 49.64 -6.73 7.24
C GLN A 249 51.09 -6.97 6.80
N PRO A 250 51.80 -8.05 7.18
CA PRO A 250 53.13 -8.28 6.58
C PRO A 250 53.11 -8.55 5.09
N ILE A 251 52.02 -9.11 4.54
CA ILE A 251 51.91 -9.27 3.10
C ILE A 251 51.80 -7.90 2.42
N ARG A 252 51.10 -6.96 3.05
CA ARG A 252 51.05 -5.59 2.52
C ARG A 252 52.40 -4.90 2.65
N LYS A 253 53.15 -5.20 3.70
CA LYS A 253 54.49 -4.63 3.84
C LYS A 253 55.46 -5.20 2.83
N ILE A 254 55.29 -6.47 2.44
CA ILE A 254 56.07 -7.04 1.36
C ILE A 254 55.64 -6.44 0.01
N GLN A 255 54.34 -6.19 -0.14
CA GLN A 255 53.81 -5.55 -1.34
C GLN A 255 54.31 -4.13 -1.51
N SER A 256 54.59 -3.43 -0.41
CA SER A 256 55.31 -2.16 -0.46
C SER A 256 56.81 -2.46 -0.59
N ALA A 257 57.19 -2.85 -1.80
CA ALA A 257 58.53 -3.38 -2.08
C ALA A 257 59.48 -2.23 -2.35
N THR A 258 60.42 -2.00 -1.44
CA THR A 258 61.46 -0.98 -1.60
C THR A 258 62.66 -1.39 -0.76
N HIS A 259 63.82 -1.52 -1.41
CA HIS A 259 65.12 -1.76 -0.78
C HIS A 259 65.12 -3.06 0.04
N PHE A 260 65.00 -4.18 -0.70
CA PHE A 260 65.09 -5.50 -0.11
C PHE A 260 66.50 -5.75 0.44
N LYS A 261 66.57 -6.67 1.40
CA LYS A 261 67.83 -6.95 2.09
C LYS A 261 67.85 -8.41 2.50
N ASP A 262 68.93 -9.12 2.15
CA ASP A 262 69.06 -10.53 2.49
C ASP A 262 69.45 -10.69 3.95
N VAL A 263 68.82 -11.67 4.60
CA VAL A 263 69.13 -12.05 5.99
C VAL A 263 69.70 -13.45 5.99
N SER A 264 70.85 -13.62 6.64
CA SER A 264 71.57 -14.88 6.79
C SER A 264 71.90 -15.56 5.46
N GLU A 269 68.55 -18.88 5.50
CA GLU A 269 69.47 -19.60 4.64
C GLU A 269 69.01 -19.58 3.19
N THR A 270 70.00 -19.53 2.30
CA THR A 270 69.85 -19.53 0.84
C THR A 270 68.96 -18.35 0.39
N ARG A 271 69.48 -17.15 0.66
CA ARG A 271 68.97 -15.86 0.17
C ARG A 271 67.52 -15.62 0.62
N LYS A 272 67.36 -15.50 1.94
CA LYS A 272 66.07 -15.14 2.54
C LYS A 272 66.00 -13.62 2.63
N LEU A 273 65.29 -13.00 1.70
CA LEU A 273 65.25 -11.55 1.61
C LEU A 273 64.22 -10.96 2.58
N THR A 274 64.40 -9.68 2.89
CA THR A 274 63.53 -8.94 3.79
C THR A 274 63.63 -7.45 3.47
N PRO A 275 62.51 -6.76 3.23
CA PRO A 275 62.58 -5.32 2.97
C PRO A 275 62.88 -4.54 4.24
N CYS A 276 63.63 -3.46 4.07
CA CYS A 276 64.03 -2.62 5.19
C CYS A 276 63.75 -1.15 4.90
N SER A 277 64.26 -0.27 5.76
CA SER A 277 64.07 1.16 5.60
C SER A 277 64.83 1.66 4.37
N PRO A 278 64.33 2.73 3.72
CA PRO A 278 65.05 3.29 2.56
C PRO A 278 66.37 3.94 2.95
N GLY A 279 67.47 3.27 2.59
CA GLY A 279 68.79 3.71 2.96
C GLY A 279 69.34 2.92 4.13
N ASP A 280 70.15 1.91 3.84
CA ASP A 280 70.68 1.00 4.85
C ASP A 280 71.96 0.36 4.29
N ASP A 281 72.42 -0.68 4.97
CA ASP A 281 73.59 -1.42 4.52
C ASP A 281 73.14 -2.65 3.74
N GLY A 282 73.43 -2.67 2.44
CA GLY A 282 72.99 -3.76 1.59
C GLY A 282 71.58 -3.65 1.08
N ALA A 283 71.05 -2.43 0.91
CA ALA A 283 69.69 -2.21 0.46
C ALA A 283 69.60 -2.45 -1.04
N ILE A 284 69.33 -3.70 -1.40
CA ILE A 284 69.18 -4.09 -2.79
C ILE A 284 67.83 -3.63 -3.31
N GLU A 285 67.81 -2.54 -4.08
CA GLU A 285 66.57 -1.98 -4.60
C GLU A 285 66.09 -2.83 -5.76
N MET A 286 65.05 -3.63 -5.53
CA MET A 286 64.49 -4.50 -6.56
C MET A 286 62.98 -4.63 -6.31
N SER A 287 62.33 -5.48 -7.10
CA SER A 287 60.91 -5.71 -6.98
C SER A 287 60.66 -6.88 -6.03
N TRP A 288 59.41 -7.34 -5.96
CA TRP A 288 59.04 -8.45 -5.10
C TRP A 288 58.51 -9.67 -5.85
N THR A 289 58.04 -9.50 -7.08
CA THR A 289 57.53 -10.62 -7.87
C THR A 289 58.59 -11.32 -8.68
N ASP A 290 59.81 -10.76 -8.76
CA ASP A 290 60.88 -11.40 -9.50
C ASP A 290 61.54 -12.54 -8.73
N ILE A 291 61.28 -12.64 -7.44
CA ILE A 291 61.90 -13.64 -6.58
C ILE A 291 60.97 -14.85 -6.52
N GLU A 292 61.55 -16.05 -6.55
CA GLU A 292 60.78 -17.27 -6.43
C GLU A 292 60.28 -17.47 -5.00
N ALA A 293 59.42 -18.47 -4.82
CA ALA A 293 58.84 -18.74 -3.52
C ALA A 293 59.86 -19.42 -2.59
N ASP A 294 59.46 -19.57 -1.32
CA ASP A 294 60.19 -20.24 -0.25
C ASP A 294 61.55 -19.61 0.05
N GLU A 295 61.75 -18.34 -0.32
CA GLU A 295 62.97 -17.62 0.05
C GLU A 295 62.66 -16.18 0.43
N LEU A 296 61.48 -15.93 0.98
CA LEU A 296 61.05 -14.59 1.39
C LEU A 296 60.86 -14.61 2.91
N LYS A 297 61.84 -14.08 3.63
CA LYS A 297 61.74 -13.96 5.08
C LYS A 297 60.82 -12.78 5.39
N GLU A 298 59.58 -13.09 5.73
CA GLU A 298 58.58 -12.06 5.97
C GLU A 298 58.85 -11.33 7.29
N PRO A 299 58.42 -10.07 7.43
CA PRO A 299 58.58 -9.38 8.71
C PRO A 299 57.72 -9.97 9.82
N ASP A 300 58.02 -9.64 11.06
CA ASP A 300 57.42 -10.27 12.22
C ASP A 300 56.30 -9.39 12.77
N LEU A 301 55.38 -10.02 13.48
CA LEU A 301 54.18 -9.34 13.99
C LEU A 301 54.56 -8.47 15.18
N THR A 302 54.41 -7.16 15.01
CA THR A 302 54.62 -6.20 16.08
C THR A 302 53.29 -5.96 16.79
N ILE A 303 53.20 -4.89 17.59
CA ILE A 303 51.93 -4.48 18.17
C ILE A 303 51.29 -3.35 17.37
N LYS A 304 52.05 -2.69 16.49
CA LYS A 304 51.52 -1.55 15.75
C LYS A 304 50.53 -1.98 14.67
N ASP A 305 50.78 -3.11 14.02
CA ASP A 305 49.82 -3.62 13.04
C ASP A 305 48.54 -4.09 13.73
N PHE A 306 48.65 -4.61 14.95
CA PHE A 306 47.47 -4.97 15.72
C PHE A 306 46.68 -3.73 16.12
N LEU A 307 47.36 -2.65 16.50
CA LEU A 307 46.67 -1.40 16.82
C LEU A 307 46.03 -0.78 15.59
N LYS A 308 46.67 -0.94 14.42
CA LYS A 308 46.08 -0.46 13.17
C LYS A 308 44.84 -1.27 12.81
N ALA A 309 44.87 -2.58 13.05
CA ALA A 309 43.69 -3.41 12.83
C ALA A 309 42.57 -3.08 13.81
N ILE A 310 42.92 -2.68 15.03
CA ILE A 310 41.92 -2.23 15.99
C ILE A 310 41.28 -0.93 15.54
N LYS A 311 42.10 0.00 15.05
CA LYS A 311 41.59 1.28 14.57
C LYS A 311 40.77 1.11 13.28
N SER A 312 41.08 0.09 12.49
CA SER A 312 40.34 -0.16 11.26
C SER A 312 38.99 -0.85 11.54
N THR A 313 39.04 -2.00 12.21
CA THR A 313 37.83 -2.80 12.42
C THR A 313 36.97 -2.19 13.52
N ARG A 314 35.67 -2.07 13.25
CA ARG A 314 34.68 -1.53 14.16
C ARG A 314 33.89 -2.65 14.82
N PRO A 315 33.36 -2.42 16.03
CA PRO A 315 32.49 -3.43 16.66
C PRO A 315 31.17 -3.57 15.91
N THR A 316 30.76 -4.81 15.68
CA THR A 316 29.58 -5.10 14.87
C THR A 316 28.28 -5.12 15.67
N VAL A 317 28.32 -4.90 16.98
CA VAL A 317 27.12 -4.93 17.81
C VAL A 317 26.82 -3.53 18.31
N ASN A 318 25.54 -3.27 18.57
CA ASN A 318 25.06 -1.99 19.03
C ASN A 318 24.54 -2.13 20.47
N GLU A 319 23.95 -1.04 20.98
CA GLU A 319 23.46 -1.00 22.35
C GLU A 319 22.00 -1.42 22.48
N ASP A 320 21.22 -1.34 21.40
CA ASP A 320 19.82 -1.75 21.46
C ASP A 320 19.69 -3.26 21.60
N ASP A 321 20.54 -4.01 20.89
CA ASP A 321 20.54 -5.46 21.01
C ASP A 321 20.97 -5.90 22.40
N LEU A 322 21.90 -5.15 23.02
CA LEU A 322 22.37 -5.50 24.36
C LEU A 322 21.28 -5.26 25.41
N LEU A 323 20.55 -4.15 25.31
CA LEU A 323 19.47 -3.91 26.27
C LEU A 323 18.30 -4.85 26.04
N LYS A 324 18.04 -5.25 24.78
CA LYS A 324 17.00 -6.23 24.54
C LYS A 324 17.40 -7.62 25.05
N GLN A 325 18.69 -7.97 24.95
CA GLN A 325 19.17 -9.22 25.54
C GLN A 325 19.08 -9.18 27.06
N GLU A 326 19.37 -8.03 27.66
CA GLU A 326 19.24 -7.88 29.11
C GLU A 326 17.78 -7.98 29.56
N GLN A 327 16.87 -7.41 28.78
CA GLN A 327 15.44 -7.54 29.07
C GLN A 327 14.98 -8.98 28.94
N PHE A 328 15.48 -9.70 27.93
CA PHE A 328 15.08 -11.09 27.75
C PHE A 328 15.62 -11.98 28.87
N THR A 329 16.86 -11.76 29.31
CA THR A 329 17.37 -12.61 30.38
C THR A 329 16.79 -12.23 31.74
N ARG A 330 16.38 -10.96 31.92
CA ARG A 330 15.71 -10.61 33.17
C ARG A 330 14.24 -11.03 33.15
N ASP A 331 13.68 -11.32 31.98
CA ASP A 331 12.32 -11.83 31.90
C ASP A 331 12.26 -13.36 31.93
N PHE A 332 13.29 -14.05 31.44
CA PHE A 332 13.26 -15.50 31.39
C PHE A 332 14.60 -16.12 31.81
N GLY A 333 15.22 -15.59 32.86
CA GLY A 333 16.46 -16.16 33.37
C GLY A 333 16.28 -17.48 34.09
N ASN B 12 15.66 -31.84 -9.66
CA ASN B 12 16.94 -31.52 -9.01
C ASN B 12 17.92 -30.91 -10.00
N LYS B 13 17.75 -31.25 -11.28
CA LYS B 13 18.59 -30.69 -12.33
C LYS B 13 18.00 -29.41 -12.92
N LYS B 14 16.68 -29.23 -12.81
CA LYS B 14 16.05 -28.00 -13.27
C LYS B 14 16.46 -26.79 -12.43
N LEU B 15 16.79 -27.01 -11.15
CA LEU B 15 17.30 -25.92 -10.32
C LEU B 15 18.66 -25.43 -10.81
N ARG B 16 19.54 -26.37 -11.16
CA ARG B 16 20.84 -25.98 -11.73
C ARG B 16 20.69 -25.39 -13.12
N GLY B 17 19.71 -25.86 -13.90
CA GLY B 17 19.44 -25.27 -15.20
C GLY B 17 18.90 -23.85 -15.09
N ALA B 18 18.14 -23.56 -14.04
CA ALA B 18 17.66 -22.21 -13.83
C ALA B 18 18.76 -21.31 -13.27
N LEU B 19 19.65 -21.87 -12.44
CA LEU B 19 20.72 -21.09 -11.83
C LEU B 19 21.92 -20.91 -12.75
N SER B 20 22.01 -21.66 -13.85
CA SER B 20 23.10 -21.51 -14.80
C SER B 20 23.02 -20.22 -15.61
N SER B 21 21.87 -19.52 -15.59
CA SER B 21 21.74 -18.23 -16.26
C SER B 21 22.28 -17.08 -15.42
N ALA B 22 22.72 -17.34 -14.19
CA ALA B 22 23.30 -16.31 -13.34
C ALA B 22 24.81 -16.20 -13.48
N ILE B 23 25.45 -17.13 -14.18
CA ILE B 23 26.88 -17.07 -14.44
C ILE B 23 27.09 -16.36 -15.76
N LEU B 24 27.51 -15.10 -15.70
CA LEU B 24 27.70 -14.33 -16.92
C LEU B 24 28.99 -14.75 -17.61
N SER B 25 28.99 -14.65 -18.94
CA SER B 25 30.16 -14.97 -19.75
C SER B 25 30.51 -13.86 -20.73
N GLU B 26 29.94 -12.67 -20.55
CA GLU B 26 30.18 -11.56 -21.47
C GLU B 26 31.49 -10.82 -21.20
N LYS B 27 31.96 -10.85 -19.94
CA LYS B 27 33.20 -10.23 -19.47
C LYS B 27 33.27 -8.74 -19.82
N PRO B 28 32.55 -7.87 -19.10
CA PRO B 28 32.58 -6.43 -19.39
C PRO B 28 33.97 -5.84 -19.13
N ASN B 29 34.57 -5.27 -20.17
CA ASN B 29 35.97 -4.85 -20.15
C ASN B 29 36.10 -3.57 -19.32
N VAL B 30 36.22 -3.77 -18.00
CA VAL B 30 36.47 -2.70 -17.05
C VAL B 30 37.73 -3.09 -16.28
N LYS B 31 38.82 -2.35 -16.50
CA LYS B 31 40.08 -2.65 -15.84
C LYS B 31 40.26 -1.76 -14.61
N TRP B 32 41.36 -2.00 -13.89
CA TRP B 32 41.63 -1.24 -12.69
C TRP B 32 42.04 0.20 -12.99
N GLU B 33 42.54 0.47 -14.19
CA GLU B 33 42.83 1.84 -14.60
C GLU B 33 41.59 2.60 -15.03
N ASP B 34 40.47 1.91 -15.25
CA ASP B 34 39.23 2.60 -15.60
C ASP B 34 38.59 3.25 -14.38
N VAL B 35 38.81 2.67 -13.20
CA VAL B 35 38.23 3.19 -11.96
C VAL B 35 39.08 4.37 -11.50
N ALA B 36 38.44 5.53 -11.36
CA ALA B 36 39.11 6.74 -10.90
C ALA B 36 38.99 6.83 -9.39
N GLY B 37 40.10 6.66 -8.70
CA GLY B 37 40.10 6.74 -7.24
C GLY B 37 39.80 5.41 -6.58
N LEU B 38 39.34 5.49 -5.33
CA LEU B 38 38.94 4.35 -4.50
C LEU B 38 40.08 3.34 -4.33
N GLU B 39 41.25 3.85 -3.92
CA GLU B 39 42.44 3.02 -3.85
C GLU B 39 42.38 2.02 -2.71
N GLY B 40 41.76 2.39 -1.58
CA GLY B 40 41.62 1.43 -0.49
C GLY B 40 40.68 0.29 -0.82
N ALA B 41 39.56 0.60 -1.49
CA ALA B 41 38.64 -0.45 -1.92
C ALA B 41 39.27 -1.32 -3.00
N LYS B 42 40.05 -0.72 -3.89
CA LYS B 42 40.72 -1.50 -4.92
C LYS B 42 41.82 -2.40 -4.33
N GLU B 43 42.53 -1.92 -3.30
CA GLU B 43 43.54 -2.74 -2.64
C GLU B 43 42.90 -3.87 -1.85
N ALA B 44 41.75 -3.61 -1.21
CA ALA B 44 41.04 -4.66 -0.48
C ALA B 44 40.50 -5.72 -1.43
N LEU B 45 39.96 -5.30 -2.58
CA LEU B 45 39.48 -6.26 -3.56
C LEU B 45 40.63 -7.03 -4.19
N LYS B 46 41.79 -6.39 -4.36
CA LYS B 46 42.96 -7.06 -4.89
C LYS B 46 43.46 -8.14 -3.92
N GLU B 47 43.61 -7.80 -2.65
CA GLU B 47 44.01 -8.79 -1.65
C GLU B 47 42.91 -9.79 -1.35
N ALA B 48 41.68 -9.55 -1.80
CA ALA B 48 40.62 -10.55 -1.69
C ALA B 48 40.62 -11.56 -2.83
N VAL B 49 40.81 -11.14 -4.09
CA VAL B 49 40.64 -12.05 -5.21
C VAL B 49 41.94 -12.36 -5.95
N ILE B 50 42.88 -11.41 -6.10
CA ILE B 50 44.04 -11.62 -6.95
C ILE B 50 45.06 -12.47 -6.22
N LEU B 51 45.23 -12.22 -4.92
CA LEU B 51 46.24 -12.94 -4.14
C LEU B 51 45.96 -14.43 -3.92
N PRO B 52 44.76 -14.91 -3.54
CA PRO B 52 44.61 -16.35 -3.30
C PRO B 52 44.67 -17.23 -4.54
N VAL B 53 44.72 -16.67 -5.74
CA VAL B 53 44.90 -17.45 -6.96
C VAL B 53 46.30 -17.30 -7.52
N LYS B 54 46.93 -16.13 -7.33
CA LYS B 54 48.28 -15.91 -7.86
C LYS B 54 49.34 -16.44 -6.90
N PHE B 55 49.18 -16.22 -5.60
CA PHE B 55 50.14 -16.65 -4.59
C PHE B 55 49.42 -17.53 -3.57
N PRO B 56 49.23 -18.82 -3.89
CA PRO B 56 48.53 -19.70 -2.94
C PRO B 56 49.40 -20.21 -1.81
N HIS B 57 50.70 -19.94 -1.83
CA HIS B 57 51.61 -20.40 -0.79
C HIS B 57 51.69 -19.44 0.39
N LEU B 58 50.92 -18.36 0.39
CA LEU B 58 50.87 -17.44 1.51
C LEU B 58 49.69 -17.69 2.45
N PHE B 59 48.58 -18.19 1.91
CA PHE B 59 47.38 -18.44 2.70
C PHE B 59 47.31 -19.90 3.15
N LYS B 60 48.28 -20.27 3.98
CA LYS B 60 48.36 -21.62 4.52
C LYS B 60 48.46 -21.55 6.04
N GLY B 61 47.75 -22.43 6.72
CA GLY B 61 47.75 -22.47 8.17
C GLY B 61 46.62 -21.63 8.74
N ASN B 62 46.97 -20.73 9.66
CA ASN B 62 45.98 -19.89 10.33
C ASN B 62 45.64 -18.63 9.54
N ARG B 63 46.23 -18.45 8.35
CA ARG B 63 45.95 -17.29 7.52
C ARG B 63 44.91 -17.66 6.48
N LYS B 64 43.75 -16.99 6.53
CA LYS B 64 42.64 -17.25 5.64
C LYS B 64 42.29 -15.98 4.88
N PRO B 65 41.80 -16.11 3.64
CA PRO B 65 41.38 -14.92 2.88
C PRO B 65 40.05 -14.38 3.38
N THR B 66 39.66 -13.24 2.80
CA THR B 66 38.40 -12.60 3.18
C THR B 66 37.22 -13.37 2.59
N SER B 67 36.15 -13.46 3.38
CA SER B 67 34.96 -14.22 3.00
C SER B 67 33.73 -13.34 3.06
N GLY B 68 33.82 -12.16 2.46
CA GLY B 68 32.70 -11.25 2.38
C GLY B 68 33.09 -9.79 2.46
N ILE B 69 32.60 -8.98 1.52
CA ILE B 69 32.93 -7.56 1.42
C ILE B 69 31.65 -6.82 1.08
N LEU B 70 31.28 -5.85 1.91
CA LEU B 70 30.07 -5.06 1.72
C LEU B 70 30.47 -3.67 1.23
N LEU B 71 30.10 -3.36 -0.01
CA LEU B 71 30.34 -2.04 -0.59
C LEU B 71 29.07 -1.21 -0.40
N TYR B 72 29.19 -0.06 0.23
CA TYR B 72 28.06 0.82 0.49
C TYR B 72 28.46 2.27 0.27
N GLY B 73 27.47 3.11 0.02
CA GLY B 73 27.70 4.52 -0.19
C GLY B 73 26.50 5.23 -0.79
N PRO B 74 26.71 6.45 -1.28
CA PRO B 74 25.64 7.18 -1.96
C PRO B 74 25.30 6.53 -3.29
N PRO B 75 24.10 6.79 -3.85
CA PRO B 75 23.75 6.20 -5.15
C PRO B 75 24.57 6.80 -6.28
N GLY B 76 25.16 5.93 -7.08
CA GLY B 76 25.99 6.36 -8.20
C GLY B 76 27.39 6.78 -7.81
N THR B 77 28.13 5.89 -7.16
CA THR B 77 29.51 6.16 -6.79
C THR B 77 30.50 5.17 -7.37
N GLY B 78 30.06 4.00 -7.83
CA GLY B 78 30.94 3.08 -8.49
C GLY B 78 31.00 1.68 -7.91
N LYS B 79 29.98 1.28 -7.16
CA LYS B 79 29.96 -0.06 -6.56
C LYS B 79 29.76 -1.13 -7.64
N SER B 80 28.81 -0.91 -8.54
CA SER B 80 28.64 -1.81 -9.67
C SER B 80 29.82 -1.76 -10.63
N TYR B 81 30.51 -0.62 -10.70
CA TYR B 81 31.69 -0.51 -11.55
C TYR B 81 32.86 -1.32 -10.97
N LEU B 82 33.05 -1.29 -9.65
CA LEU B 82 34.04 -2.14 -9.02
C LEU B 82 33.66 -3.61 -9.11
N ALA B 83 32.35 -3.92 -9.08
CA ALA B 83 31.92 -5.30 -9.31
C ALA B 83 32.22 -5.75 -10.73
N LYS B 84 32.04 -4.87 -11.71
CA LYS B 84 32.40 -5.20 -13.09
C LYS B 84 33.91 -5.37 -13.24
N ALA B 85 34.69 -4.56 -12.54
CA ALA B 85 36.15 -4.67 -12.59
C ALA B 85 36.63 -5.96 -11.94
N VAL B 86 35.98 -6.37 -10.85
CA VAL B 86 36.31 -7.65 -10.22
C VAL B 86 35.92 -8.82 -11.12
N ALA B 87 34.77 -8.72 -11.78
CA ALA B 87 34.36 -9.77 -12.72
C ALA B 87 35.25 -9.82 -13.95
N THR B 88 35.88 -8.70 -14.31
CA THR B 88 36.78 -8.69 -15.46
C THR B 88 38.15 -9.24 -15.10
N GLU B 89 38.73 -8.76 -14.00
CA GLU B 89 40.10 -9.10 -13.63
C GLU B 89 40.20 -10.21 -12.60
N ALA B 90 39.11 -10.93 -12.34
CA ALA B 90 39.15 -11.98 -11.32
C ALA B 90 39.66 -13.31 -11.84
N ASN B 91 39.37 -13.62 -13.12
CA ASN B 91 39.68 -14.90 -13.76
C ASN B 91 39.09 -16.08 -12.98
N SER B 92 37.88 -15.89 -12.47
CA SER B 92 37.18 -16.90 -11.69
C SER B 92 35.70 -16.87 -12.06
N THR B 93 34.93 -17.75 -11.43
CA THR B 93 33.49 -17.83 -11.67
C THR B 93 32.79 -16.69 -10.93
N PHE B 94 31.97 -15.93 -11.65
CA PHE B 94 31.28 -14.77 -11.11
C PHE B 94 29.78 -15.03 -11.12
N PHE B 95 29.18 -15.03 -9.93
CA PHE B 95 27.74 -15.22 -9.77
C PHE B 95 27.09 -13.86 -9.55
N SER B 96 26.23 -13.46 -10.48
CA SER B 96 25.48 -12.21 -10.38
C SER B 96 24.02 -12.56 -10.18
N VAL B 97 23.60 -12.65 -8.92
CA VAL B 97 22.23 -13.00 -8.57
C VAL B 97 21.52 -11.78 -8.00
N SER B 98 20.20 -11.89 -7.88
CA SER B 98 19.37 -10.83 -7.34
C SER B 98 18.13 -11.47 -6.73
N SER B 99 17.12 -10.64 -6.44
CA SER B 99 15.90 -11.12 -5.81
C SER B 99 14.99 -11.87 -6.78
N SER B 100 15.23 -11.77 -8.08
CA SER B 100 14.44 -12.49 -9.06
C SER B 100 14.98 -13.88 -9.36
N ASP B 101 16.17 -14.22 -8.86
CA ASP B 101 16.77 -15.52 -9.10
C ASP B 101 16.75 -16.42 -7.87
N LEU B 102 16.19 -15.97 -6.75
CA LEU B 102 16.11 -16.75 -5.53
C LEU B 102 14.70 -17.00 -5.06
N VAL B 103 13.80 -16.02 -5.20
CA VAL B 103 12.42 -16.18 -4.76
C VAL B 103 11.65 -16.95 -5.82
N SER B 104 10.95 -18.00 -5.40
CA SER B 104 10.19 -18.86 -6.30
C SER B 104 8.73 -18.85 -5.90
N LYS B 105 7.90 -19.40 -6.79
CA LYS B 105 6.46 -19.40 -6.55
C LYS B 105 6.04 -20.51 -5.59
N TRP B 106 6.76 -21.62 -5.60
CA TRP B 106 6.40 -22.79 -4.81
C TRP B 106 6.89 -22.63 -3.37
N MET B 107 6.80 -23.71 -2.59
CA MET B 107 7.19 -23.71 -1.19
C MET B 107 8.41 -24.60 -1.02
N GLY B 108 9.47 -24.04 -0.44
CA GLY B 108 10.73 -24.75 -0.28
C GLY B 108 11.70 -24.53 -1.42
N GLU B 109 11.22 -24.20 -2.62
CA GLU B 109 12.10 -23.89 -3.73
C GLU B 109 12.87 -22.59 -3.49
N SER B 110 12.29 -21.67 -2.74
CA SER B 110 12.96 -20.40 -2.41
C SER B 110 14.19 -20.59 -1.54
N GLU B 111 14.31 -21.72 -0.84
CA GLU B 111 15.52 -22.05 -0.09
C GLU B 111 16.38 -23.09 -0.80
N LYS B 112 15.76 -23.99 -1.56
CA LYS B 112 16.54 -24.94 -2.36
C LYS B 112 17.31 -24.26 -3.47
N LEU B 113 16.83 -23.14 -3.99
CA LEU B 113 17.59 -22.38 -4.99
C LEU B 113 18.84 -21.76 -4.38
N VAL B 114 18.73 -21.22 -3.16
CA VAL B 114 19.89 -20.64 -2.49
C VAL B 114 20.88 -21.73 -2.10
N LYS B 115 20.37 -22.90 -1.67
CA LYS B 115 21.24 -24.02 -1.34
C LYS B 115 21.98 -24.54 -2.56
N GLN B 116 21.28 -24.64 -3.71
CA GLN B 116 21.93 -25.07 -4.94
C GLN B 116 22.89 -24.02 -5.48
N LEU B 117 22.61 -22.73 -5.23
CA LEU B 117 23.51 -21.67 -5.66
C LEU B 117 24.83 -21.73 -4.87
N PHE B 118 24.74 -21.89 -3.54
CA PHE B 118 25.96 -22.02 -2.75
C PHE B 118 26.66 -23.34 -3.00
N ALA B 119 25.91 -24.39 -3.37
CA ALA B 119 26.52 -25.67 -3.73
C ALA B 119 27.30 -25.55 -5.04
N MET B 120 26.75 -24.83 -6.02
CA MET B 120 27.49 -24.58 -7.26
C MET B 120 28.69 -23.68 -7.04
N ALA B 121 28.57 -22.71 -6.11
CA ALA B 121 29.70 -21.83 -5.81
C ALA B 121 30.82 -22.59 -5.10
N ARG B 122 30.47 -23.57 -4.25
CA ARG B 122 31.49 -24.39 -3.62
C ARG B 122 32.01 -25.48 -4.55
N GLU B 123 31.24 -25.88 -5.55
CA GLU B 123 31.70 -26.86 -6.53
C GLU B 123 32.61 -26.24 -7.58
N ASN B 124 32.44 -24.95 -7.87
CA ASN B 124 33.24 -24.23 -8.84
C ASN B 124 34.22 -23.27 -8.17
N LYS B 125 34.81 -23.70 -7.06
CA LYS B 125 35.75 -22.84 -6.35
C LYS B 125 37.07 -22.75 -7.13
N PRO B 126 37.69 -21.57 -7.18
CA PRO B 126 37.28 -20.28 -6.58
C PRO B 126 36.19 -19.56 -7.37
N SER B 127 35.16 -19.14 -6.64
CA SER B 127 33.99 -18.49 -7.24
C SER B 127 33.63 -17.25 -6.43
N ILE B 128 32.96 -16.31 -7.10
CA ILE B 128 32.55 -15.06 -6.49
C ILE B 128 31.04 -14.93 -6.63
N ILE B 129 30.36 -14.72 -5.52
CA ILE B 129 28.93 -14.43 -5.51
C ILE B 129 28.76 -12.93 -5.32
N PHE B 130 28.17 -12.26 -6.30
CA PHE B 130 27.89 -10.84 -6.20
C PHE B 130 26.38 -10.66 -6.09
N ILE B 131 25.93 -10.21 -4.92
CA ILE B 131 24.52 -9.92 -4.70
C ILE B 131 24.33 -8.41 -4.69
N ASP B 132 23.83 -7.87 -5.79
CA ASP B 132 23.51 -6.45 -5.83
C ASP B 132 22.22 -6.19 -5.07
N GLU B 133 22.21 -5.10 -4.29
CA GLU B 133 21.08 -4.66 -3.45
C GLU B 133 20.69 -5.75 -2.45
N VAL B 134 21.61 -5.99 -1.51
CA VAL B 134 21.37 -6.96 -0.44
C VAL B 134 20.31 -6.50 0.55
N ASP B 135 19.94 -5.22 0.54
CA ASP B 135 18.89 -4.73 1.42
C ASP B 135 17.50 -5.24 1.05
N ALA B 136 17.32 -5.77 -0.17
CA ALA B 136 16.03 -6.34 -0.55
C ALA B 136 15.82 -7.70 0.11
N LEU B 137 16.87 -8.50 0.25
CA LEU B 137 16.75 -9.83 0.82
C LEU B 137 16.86 -9.81 2.34
N THR B 138 17.68 -8.92 2.90
CA THR B 138 17.90 -8.83 4.33
C THR B 138 17.21 -7.56 4.84
N GLY B 139 16.07 -7.74 5.49
CA GLY B 139 15.26 -6.64 5.98
C GLY B 139 15.04 -6.68 7.48
N THR B 140 16.11 -7.01 8.21
CA THR B 140 16.31 -7.05 9.68
C THR B 140 15.29 -7.90 10.45
N ARG B 141 14.48 -8.68 9.73
CA ARG B 141 13.52 -9.70 10.21
C ARG B 141 12.77 -9.31 11.48
N GLY B 142 12.17 -8.12 11.44
CA GLY B 142 11.39 -7.66 12.57
C GLY B 142 9.93 -7.45 12.26
N GLU B 143 9.62 -7.06 11.02
CA GLU B 143 8.26 -6.74 10.62
C GLU B 143 7.85 -7.26 9.26
N GLY B 144 8.77 -7.78 8.45
CA GLY B 144 8.48 -8.15 7.08
C GLY B 144 7.68 -9.43 6.97
N GLU B 145 7.65 -9.95 5.73
CA GLU B 145 6.89 -11.15 5.45
C GLU B 145 7.57 -12.35 6.07
N SER B 146 6.78 -13.16 6.80
CA SER B 146 7.31 -14.17 7.71
C SER B 146 8.08 -15.25 6.97
N GLU B 147 7.42 -15.94 6.04
CA GLU B 147 7.98 -17.04 5.27
C GLU B 147 9.23 -16.64 4.49
N ALA B 148 9.09 -15.70 3.55
CA ALA B 148 10.20 -15.31 2.69
C ALA B 148 11.34 -14.70 3.49
N SER B 149 11.02 -13.73 4.37
CA SER B 149 12.02 -13.03 5.17
C SER B 149 12.79 -13.97 6.08
N ARG B 150 12.10 -14.71 6.95
CA ARG B 150 12.76 -15.58 7.91
C ARG B 150 13.52 -16.71 7.24
N ARG B 151 12.89 -17.40 6.27
CA ARG B 151 13.54 -18.56 5.65
C ARG B 151 14.73 -18.14 4.80
N ILE B 152 14.58 -17.08 4.00
CA ILE B 152 15.67 -16.61 3.15
C ILE B 152 16.83 -16.07 3.98
N LYS B 153 16.54 -15.32 5.06
CA LYS B 153 17.62 -14.79 5.88
C LYS B 153 18.36 -15.88 6.64
N THR B 154 17.62 -16.85 7.19
CA THR B 154 18.26 -17.93 7.93
C THR B 154 19.05 -18.85 7.00
N GLU B 155 18.54 -19.13 5.80
CA GLU B 155 19.30 -19.92 4.83
C GLU B 155 20.51 -19.17 4.32
N LEU B 156 20.43 -17.84 4.21
CA LEU B 156 21.59 -17.05 3.83
C LEU B 156 22.67 -17.09 4.91
N LEU B 157 22.27 -17.03 6.18
CA LEU B 157 23.24 -17.13 7.27
C LEU B 157 23.90 -18.52 7.32
N VAL B 158 23.09 -19.58 7.15
CA VAL B 158 23.59 -20.95 7.21
C VAL B 158 24.52 -21.22 6.02
N GLN B 159 24.17 -20.75 4.83
CA GLN B 159 25.05 -20.92 3.68
C GLN B 159 26.25 -20.00 3.72
N MET B 160 26.21 -18.92 4.50
CA MET B 160 27.38 -18.06 4.61
C MET B 160 28.42 -18.67 5.55
N ASN B 161 28.06 -18.94 6.81
CA ASN B 161 28.98 -19.73 7.64
C ASN B 161 28.40 -21.06 8.07
N GLY B 162 27.26 -21.07 8.77
CA GLY B 162 26.59 -22.26 9.26
C GLY B 162 27.47 -23.09 10.19
N VAL B 163 27.26 -24.41 10.13
CA VAL B 163 28.07 -25.35 10.91
C VAL B 163 28.70 -26.36 9.95
N GLY B 164 27.87 -27.08 9.21
CA GLY B 164 28.35 -28.14 8.34
C GLY B 164 28.44 -27.76 6.88
N ASN B 165 28.92 -26.54 6.60
CA ASN B 165 29.03 -26.05 5.23
C ASN B 165 30.48 -25.80 4.84
N ASP B 166 31.25 -25.07 5.66
CA ASP B 166 32.66 -24.76 5.47
C ASP B 166 32.89 -24.03 4.13
N SER B 167 32.33 -22.82 4.07
CA SER B 167 32.50 -21.95 2.92
C SER B 167 33.94 -21.43 2.91
N GLN B 168 34.79 -22.06 2.10
CA GLN B 168 36.20 -21.73 2.04
C GLN B 168 36.59 -21.51 0.59
N GLY B 169 36.98 -20.29 0.25
CA GLY B 169 37.38 -19.94 -1.10
C GLY B 169 36.37 -19.10 -1.85
N VAL B 170 35.14 -19.00 -1.37
CA VAL B 170 34.09 -18.21 -2.02
C VAL B 170 34.10 -16.81 -1.42
N LEU B 171 33.65 -15.84 -2.21
CA LEU B 171 33.56 -14.45 -1.79
C LEU B 171 32.16 -13.93 -2.06
N VAL B 172 31.55 -13.33 -1.05
CA VAL B 172 30.20 -12.80 -1.14
C VAL B 172 30.31 -11.29 -1.24
N LEU B 173 30.29 -10.76 -2.45
CA LEU B 173 30.26 -9.31 -2.65
C LEU B 173 28.84 -8.79 -2.53
N GLY B 174 28.70 -7.61 -1.97
CA GLY B 174 27.40 -6.98 -1.84
C GLY B 174 27.52 -5.48 -2.03
N ALA B 175 26.57 -4.94 -2.79
CA ALA B 175 26.53 -3.51 -3.08
C ALA B 175 25.14 -2.99 -2.78
N THR B 176 25.05 -2.04 -1.85
CA THR B 176 23.77 -1.51 -1.42
C THR B 176 23.87 -0.02 -1.15
N ASN B 177 22.75 0.67 -1.31
CA ASN B 177 22.69 2.10 -1.00
C ASN B 177 22.17 2.35 0.40
N ILE B 178 21.53 1.38 1.01
CA ILE B 178 20.96 1.50 2.35
C ILE B 178 21.67 0.52 3.28
N PRO B 179 22.80 0.89 3.88
CA PRO B 179 23.52 -0.06 4.75
C PRO B 179 22.96 -0.17 6.15
N TRP B 180 22.19 0.80 6.63
CA TRP B 180 21.66 0.74 7.98
C TRP B 180 20.44 -0.16 8.10
N GLN B 181 19.79 -0.50 6.99
CA GLN B 181 18.62 -1.38 7.01
C GLN B 181 18.98 -2.84 6.84
N LEU B 182 20.24 -3.21 7.08
CA LEU B 182 20.66 -4.60 7.03
C LEU B 182 20.38 -5.28 8.36
N ASP B 183 20.27 -6.61 8.31
CA ASP B 183 20.17 -7.39 9.53
C ASP B 183 21.50 -7.35 10.28
N SER B 184 21.41 -7.46 11.61
CA SER B 184 22.62 -7.44 12.43
C SER B 184 23.45 -8.69 12.22
N ALA B 185 22.81 -9.82 11.96
CA ALA B 185 23.55 -11.05 11.67
C ALA B 185 24.22 -10.98 10.30
N ILE B 186 23.56 -10.35 9.32
CA ILE B 186 24.16 -10.16 8.00
C ILE B 186 25.34 -9.19 8.08
N ARG B 187 25.20 -8.14 8.90
CA ARG B 187 26.30 -7.21 9.13
C ARG B 187 27.46 -7.88 9.86
N ARG B 188 27.15 -8.86 10.72
CA ARG B 188 28.21 -9.67 11.32
C ARG B 188 28.88 -10.57 10.29
N ARG B 189 28.11 -11.09 9.32
CA ARG B 189 28.68 -11.95 8.29
C ARG B 189 29.62 -11.17 7.38
N PHE B 190 29.20 -9.97 6.94
CA PHE B 190 30.03 -9.14 6.08
C PHE B 190 31.16 -8.56 6.92
N GLU B 191 32.34 -9.15 6.82
CA GLU B 191 33.47 -8.80 7.68
C GLU B 191 34.27 -7.61 7.17
N ARG B 192 33.87 -7.01 6.05
CA ARG B 192 34.61 -5.87 5.49
C ARG B 192 33.59 -4.85 4.99
N ARG B 193 33.35 -3.82 5.80
CA ARG B 193 32.43 -2.74 5.45
C ARG B 193 33.25 -1.61 4.81
N ILE B 194 33.16 -1.49 3.50
CA ILE B 194 33.96 -0.52 2.74
C ILE B 194 33.03 0.58 2.24
N TYR B 195 33.30 1.80 2.65
CA TYR B 195 32.49 2.95 2.26
C TYR B 195 33.07 3.56 0.99
N ILE B 196 32.29 3.57 -0.08
CA ILE B 196 32.67 4.20 -1.34
C ILE B 196 32.08 5.61 -1.35
N PRO B 197 32.90 6.66 -1.19
CA PRO B 197 32.34 8.01 -1.09
C PRO B 197 32.20 8.70 -2.43
N LEU B 198 31.76 9.95 -2.40
CA LEU B 198 31.81 10.79 -3.60
C LEU B 198 33.26 11.11 -3.95
N PRO B 199 33.59 11.22 -5.23
CA PRO B 199 35.00 11.39 -5.62
C PRO B 199 35.52 12.79 -5.29
N ASP B 200 36.81 12.84 -4.97
CA ASP B 200 37.49 14.09 -4.65
C ASP B 200 38.00 14.75 -5.94
N LEU B 201 38.88 15.75 -5.79
CA LEU B 201 39.30 16.56 -6.93
C LEU B 201 40.17 15.79 -7.92
N ALA B 202 41.15 15.05 -7.40
CA ALA B 202 42.02 14.26 -8.27
C ALA B 202 41.25 13.11 -8.94
N ALA B 203 40.31 12.50 -8.21
CA ALA B 203 39.47 11.46 -8.78
C ALA B 203 38.56 12.02 -9.86
N ARG B 204 38.05 13.25 -9.67
CA ARG B 204 37.20 13.87 -10.67
C ARG B 204 37.98 14.23 -11.93
N THR B 205 39.22 14.71 -11.77
CA THR B 205 40.05 15.03 -12.93
C THR B 205 40.44 13.77 -13.70
N THR B 206 40.80 12.70 -12.98
CA THR B 206 41.12 11.45 -13.67
C THR B 206 39.88 10.82 -14.30
N MET B 207 38.70 11.02 -13.71
CA MET B 207 37.47 10.52 -14.30
C MET B 207 37.11 11.30 -15.57
N PHE B 208 37.37 12.61 -15.58
CA PHE B 208 37.19 13.38 -16.80
C PHE B 208 38.17 12.94 -17.89
N GLU B 209 39.43 12.67 -17.50
CA GLU B 209 40.43 12.20 -18.46
C GLU B 209 40.06 10.83 -19.02
N ILE B 210 39.45 9.98 -18.21
CA ILE B 210 39.04 8.66 -18.68
C ILE B 210 37.82 8.78 -19.59
N ASN B 211 36.82 9.57 -19.18
CA ASN B 211 35.56 9.62 -19.91
C ASN B 211 35.66 10.42 -21.21
N VAL B 212 36.59 11.36 -21.31
CA VAL B 212 36.77 12.07 -22.58
C VAL B 212 37.39 11.14 -23.62
N GLY B 213 38.50 10.49 -23.27
CA GLY B 213 39.07 9.48 -24.14
C GLY B 213 39.89 10.07 -25.27
N ASP B 214 39.85 9.39 -26.41
CA ASP B 214 40.63 9.76 -27.59
C ASP B 214 39.91 10.73 -28.51
N THR B 215 38.92 11.46 -28.01
CA THR B 215 38.24 12.46 -28.82
C THR B 215 39.16 13.67 -29.01
N PRO B 216 39.35 14.16 -30.25
CA PRO B 216 40.23 15.32 -30.46
C PRO B 216 39.67 16.60 -29.86
N CYS B 217 40.33 17.10 -28.82
CA CYS B 217 39.89 18.28 -28.10
C CYS B 217 41.08 19.18 -27.82
N VAL B 218 40.78 20.45 -27.55
CA VAL B 218 41.81 21.42 -27.20
C VAL B 218 42.04 21.51 -25.69
N LEU B 219 41.41 20.65 -24.91
CA LEU B 219 41.53 20.69 -23.46
C LEU B 219 42.91 20.21 -23.01
N THR B 220 43.40 20.80 -21.93
CA THR B 220 44.68 20.47 -21.34
C THR B 220 44.48 19.98 -19.91
N LYS B 221 45.60 19.72 -19.23
CA LYS B 221 45.55 19.28 -17.84
C LYS B 221 45.05 20.39 -16.92
N GLU B 222 45.39 21.64 -17.20
CA GLU B 222 44.84 22.75 -16.45
C GLU B 222 43.35 22.93 -16.70
N ASP B 223 42.89 22.64 -17.92
CA ASP B 223 41.47 22.68 -18.21
C ASP B 223 40.71 21.58 -17.47
N TYR B 224 41.30 20.38 -17.40
CA TYR B 224 40.69 19.29 -16.63
C TYR B 224 40.70 19.60 -15.14
N ARG B 225 41.74 20.29 -14.66
CA ARG B 225 41.81 20.69 -13.26
C ARG B 225 40.75 21.73 -12.93
N THR B 226 40.52 22.69 -13.82
CA THR B 226 39.46 23.67 -13.61
C THR B 226 38.08 23.04 -13.70
N LEU B 227 37.92 22.02 -14.55
CA LEU B 227 36.66 21.29 -14.63
C LEU B 227 36.39 20.53 -13.34
N GLY B 228 37.42 19.86 -12.81
CA GLY B 228 37.26 19.16 -11.54
C GLY B 228 37.04 20.09 -10.37
N ALA B 229 37.61 21.29 -10.42
CA ALA B 229 37.32 22.28 -9.38
C ALA B 229 35.92 22.85 -9.54
N MET B 230 35.39 22.87 -10.77
CA MET B 230 34.05 23.38 -11.01
C MET B 230 33.00 22.38 -10.51
N THR B 231 33.19 21.09 -10.80
CA THR B 231 32.25 20.06 -10.37
C THR B 231 32.46 19.81 -8.88
N GLU B 232 31.77 20.60 -8.06
CA GLU B 232 31.88 20.51 -6.61
C GLU B 232 30.68 19.74 -6.07
N GLY B 233 30.91 18.49 -5.70
CA GLY B 233 29.87 17.65 -5.16
C GLY B 233 29.20 16.72 -6.17
N TYR B 234 29.75 16.62 -7.37
CA TYR B 234 29.18 15.75 -8.39
C TYR B 234 29.54 14.29 -8.12
N SER B 235 28.77 13.39 -8.73
CA SER B 235 29.01 11.97 -8.63
C SER B 235 29.56 11.44 -9.95
N GLY B 236 29.89 10.14 -9.97
CA GLY B 236 30.51 9.56 -11.14
C GLY B 236 29.58 9.48 -12.33
N SER B 237 28.31 9.15 -12.08
CA SER B 237 27.31 9.17 -13.15
C SER B 237 27.05 10.58 -13.64
N ASP B 238 27.16 11.58 -12.75
CA ASP B 238 27.00 12.96 -13.17
C ASP B 238 28.15 13.42 -14.05
N ILE B 239 29.38 12.98 -13.72
CA ILE B 239 30.53 13.26 -14.58
C ILE B 239 30.37 12.54 -15.93
N ALA B 240 29.85 11.32 -15.92
CA ALA B 240 29.62 10.59 -17.16
C ALA B 240 28.58 11.28 -18.04
N VAL B 241 27.51 11.81 -17.44
CA VAL B 241 26.50 12.46 -18.27
C VAL B 241 26.89 13.88 -18.68
N VAL B 242 27.74 14.58 -17.92
CA VAL B 242 28.20 15.87 -18.46
C VAL B 242 29.24 15.64 -19.55
N VAL B 243 29.99 14.55 -19.49
CA VAL B 243 30.88 14.19 -20.60
C VAL B 243 30.06 13.80 -21.83
N LYS B 244 28.94 13.09 -21.62
CA LYS B 244 28.05 12.72 -22.70
C LYS B 244 27.40 13.95 -23.34
N ASP B 245 27.00 14.93 -22.52
CA ASP B 245 26.39 16.15 -23.04
C ASP B 245 27.39 17.01 -23.79
N ALA B 246 28.61 17.14 -23.25
CA ALA B 246 29.65 17.88 -23.94
C ALA B 246 30.10 17.18 -25.23
N LEU B 247 30.01 15.85 -25.29
CA LEU B 247 30.32 15.16 -26.53
C LEU B 247 29.19 15.26 -27.54
N MET B 248 27.94 15.36 -27.08
CA MET B 248 26.82 15.55 -27.99
C MET B 248 26.68 17.00 -28.43
N GLN B 249 27.37 17.93 -27.77
CA GLN B 249 27.31 19.34 -28.17
C GLN B 249 27.81 19.66 -29.58
N PRO B 250 28.87 19.04 -30.14
CA PRO B 250 29.16 19.28 -31.57
C PRO B 250 28.10 18.78 -32.54
N ILE B 251 27.28 17.80 -32.14
CA ILE B 251 26.17 17.38 -33.00
C ILE B 251 25.12 18.47 -33.06
N ARG B 252 24.82 19.13 -31.93
CA ARG B 252 23.93 20.28 -31.95
C ARG B 252 24.55 21.46 -32.68
N LYS B 253 25.88 21.59 -32.63
CA LYS B 253 26.55 22.65 -33.38
C LYS B 253 26.46 22.42 -34.88
N ILE B 254 26.61 21.17 -35.33
CA ILE B 254 26.48 20.85 -36.75
C ILE B 254 25.02 20.78 -37.20
N GLN B 255 24.08 20.68 -36.26
CA GLN B 255 22.66 20.68 -36.61
C GLN B 255 22.10 22.09 -36.72
N SER B 256 22.21 22.89 -35.66
CA SER B 256 21.58 24.21 -35.61
C SER B 256 22.52 25.32 -36.09
N ALA B 257 23.09 25.16 -37.27
CA ALA B 257 23.96 26.18 -37.85
C ALA B 257 23.99 26.02 -39.36
N THR B 258 24.22 27.13 -40.05
CA THR B 258 24.37 27.17 -41.50
C THR B 258 25.71 27.82 -41.85
N HIS B 259 25.90 28.05 -43.16
CA HIS B 259 27.06 28.72 -43.74
C HIS B 259 28.36 27.99 -43.40
N PHE B 260 28.45 26.78 -43.94
CA PHE B 260 29.63 25.94 -43.74
C PHE B 260 30.81 26.48 -44.56
N LYS B 261 31.99 25.91 -44.32
CA LYS B 261 33.21 26.37 -44.99
C LYS B 261 34.20 25.22 -45.05
N ASP B 262 34.72 24.95 -46.24
CA ASP B 262 35.69 23.89 -46.43
C ASP B 262 37.03 24.28 -45.79
N VAL B 263 37.49 23.46 -44.85
CA VAL B 263 38.75 23.69 -44.16
C VAL B 263 39.75 22.64 -44.58
N SER B 264 40.92 23.10 -45.02
CA SER B 264 42.06 22.28 -45.48
C SER B 264 41.70 21.31 -46.60
N GLU B 269 41.00 17.54 -49.46
CA GLU B 269 40.67 16.49 -48.52
C GLU B 269 39.22 16.04 -48.68
N THR B 270 38.73 16.17 -49.92
CA THR B 270 37.37 15.80 -50.34
C THR B 270 36.32 16.56 -49.52
N ARG B 271 36.47 17.89 -49.50
CA ARG B 271 35.49 18.86 -49.01
C ARG B 271 35.16 18.65 -47.52
N LYS B 272 36.19 18.76 -46.68
CA LYS B 272 36.01 18.69 -45.23
C LYS B 272 35.46 20.03 -44.75
N LEU B 273 34.14 20.16 -44.79
CA LEU B 273 33.46 21.42 -44.49
C LEU B 273 33.00 21.44 -43.05
N THR B 274 33.01 22.63 -42.46
CA THR B 274 32.83 22.85 -41.03
C THR B 274 31.91 24.04 -40.82
N PRO B 275 30.95 23.95 -39.89
CA PRO B 275 30.13 25.12 -39.57
C PRO B 275 30.95 26.22 -38.90
N CYS B 276 30.63 27.46 -39.23
CA CYS B 276 31.35 28.62 -38.72
C CYS B 276 30.38 29.79 -38.65
N SER B 277 30.93 31.00 -38.52
CA SER B 277 30.11 32.20 -38.52
C SER B 277 29.54 32.47 -39.92
N PRO B 278 28.36 33.08 -40.01
CA PRO B 278 27.78 33.40 -41.31
C PRO B 278 28.57 34.50 -42.01
N GLY B 279 29.19 34.15 -43.13
CA GLY B 279 29.99 35.07 -43.89
C GLY B 279 31.48 34.88 -43.67
N ASP B 280 32.12 34.18 -44.60
CA ASP B 280 33.55 33.82 -44.52
C ASP B 280 34.04 33.59 -45.94
N ASP B 281 35.22 32.99 -46.06
CA ASP B 281 35.80 32.63 -47.35
C ASP B 281 35.17 31.34 -47.85
N GLY B 282 33.95 31.47 -48.38
CA GLY B 282 33.21 30.32 -48.88
C GLY B 282 32.10 29.86 -47.97
N ALA B 283 31.35 30.82 -47.43
CA ALA B 283 30.23 30.51 -46.52
C ALA B 283 29.03 30.04 -47.35
N ILE B 284 29.07 28.77 -47.71
CA ILE B 284 28.03 28.16 -48.54
C ILE B 284 26.83 27.85 -47.66
N GLU B 285 25.68 28.42 -48.01
CA GLU B 285 24.45 28.25 -47.24
C GLU B 285 23.73 27.00 -47.74
N MET B 286 23.86 25.91 -46.99
CA MET B 286 23.17 24.66 -47.29
C MET B 286 22.81 23.97 -45.98
N SER B 287 22.36 22.73 -46.08
CA SER B 287 21.96 21.94 -44.92
C SER B 287 22.94 20.79 -44.69
N TRP B 288 23.00 20.34 -43.44
CA TRP B 288 23.88 19.23 -43.10
C TRP B 288 23.31 17.88 -43.52
N THR B 289 21.99 17.82 -43.77
CA THR B 289 21.38 16.56 -44.17
C THR B 289 21.75 16.18 -45.60
N ASP B 290 22.01 17.19 -46.45
CA ASP B 290 22.44 16.90 -47.82
C ASP B 290 23.89 16.45 -47.87
N ILE B 291 24.67 16.76 -46.84
CA ILE B 291 26.08 16.37 -46.80
C ILE B 291 26.18 14.88 -46.53
N GLU B 292 26.83 14.16 -47.44
CA GLU B 292 27.04 12.73 -47.26
C GLU B 292 28.17 12.50 -46.26
N ALA B 293 28.33 11.25 -45.83
CA ALA B 293 29.31 10.91 -44.81
C ALA B 293 30.73 11.02 -45.34
N ASP B 294 31.68 11.08 -44.39
CA ASP B 294 33.14 11.06 -44.54
C ASP B 294 33.72 12.36 -45.08
N GLU B 295 32.89 13.30 -45.51
CA GLU B 295 33.29 14.71 -45.60
C GLU B 295 32.79 15.49 -44.38
N LEU B 296 33.07 14.96 -43.19
CA LEU B 296 32.53 15.51 -41.95
C LEU B 296 33.70 15.94 -41.07
N LYS B 297 33.78 17.25 -40.82
CA LYS B 297 34.78 17.83 -39.92
C LYS B 297 34.01 18.58 -38.84
N GLU B 298 33.63 17.86 -37.78
CA GLU B 298 32.91 18.46 -36.68
C GLU B 298 33.83 19.37 -35.87
N PRO B 299 33.29 20.40 -35.22
CA PRO B 299 34.12 21.25 -34.36
C PRO B 299 34.61 20.49 -33.13
N ASP B 300 35.84 20.80 -32.74
CA ASP B 300 36.48 20.11 -31.63
C ASP B 300 35.92 20.62 -30.30
N LEU B 301 36.10 19.81 -29.25
CA LEU B 301 35.62 20.19 -27.93
C LEU B 301 36.48 21.29 -27.33
N THR B 302 35.83 22.18 -26.60
CA THR B 302 36.49 23.25 -25.86
C THR B 302 36.06 23.16 -24.39
N ILE B 303 36.45 24.16 -23.61
CA ILE B 303 35.99 24.24 -22.23
C ILE B 303 34.60 24.87 -22.14
N LYS B 304 34.14 25.52 -23.21
CA LYS B 304 32.83 26.15 -23.20
C LYS B 304 31.71 25.11 -23.23
N ASP B 305 31.91 24.02 -23.97
CA ASP B 305 30.92 22.96 -24.02
C ASP B 305 30.80 22.24 -22.70
N PHE B 306 31.93 21.99 -22.02
CA PHE B 306 31.88 21.36 -20.71
C PHE B 306 31.33 22.30 -19.66
N LEU B 307 31.57 23.61 -19.80
CA LEU B 307 30.96 24.57 -18.89
C LEU B 307 29.46 24.64 -19.08
N LYS B 308 28.99 24.53 -20.32
CA LYS B 308 27.56 24.50 -20.59
C LYS B 308 26.93 23.21 -20.06
N ALA B 309 27.66 22.09 -20.15
CA ALA B 309 27.17 20.83 -19.60
C ALA B 309 27.09 20.87 -18.09
N ILE B 310 28.07 21.51 -17.43
CA ILE B 310 28.01 21.71 -15.98
C ILE B 310 26.86 22.62 -15.59
N LYS B 311 26.62 23.68 -16.37
CA LYS B 311 25.53 24.60 -16.06
C LYS B 311 24.16 23.96 -16.31
N SER B 312 24.09 23.03 -17.26
CA SER B 312 22.81 22.36 -17.53
C SER B 312 22.52 21.25 -16.52
N THR B 313 23.43 20.30 -16.38
CA THR B 313 23.19 19.13 -15.54
C THR B 313 23.47 19.44 -14.07
N ARG B 314 22.58 19.00 -13.20
CA ARG B 314 22.59 19.25 -11.77
C ARG B 314 23.01 17.99 -11.02
N PRO B 315 23.69 18.14 -9.87
CA PRO B 315 24.00 16.97 -9.04
C PRO B 315 22.76 16.27 -8.50
N THR B 316 22.88 14.96 -8.30
CA THR B 316 21.73 14.14 -7.91
C THR B 316 21.71 13.90 -6.40
N VAL B 317 22.87 13.65 -5.81
CA VAL B 317 22.96 13.24 -4.40
C VAL B 317 22.73 14.46 -3.52
N ASN B 318 21.86 14.30 -2.52
CA ASN B 318 21.56 15.37 -1.57
C ASN B 318 22.59 15.42 -0.45
N GLU B 319 22.31 16.18 0.61
CA GLU B 319 23.25 16.36 1.71
C GLU B 319 22.69 15.81 3.03
N ASP B 320 21.70 14.94 2.96
CA ASP B 320 21.19 14.23 4.13
C ASP B 320 21.57 12.76 4.12
N ASP B 321 21.52 12.12 2.94
CA ASP B 321 22.01 10.77 2.79
C ASP B 321 23.51 10.68 3.06
N LEU B 322 24.25 11.76 2.76
CA LEU B 322 25.66 11.82 3.12
C LEU B 322 25.84 11.80 4.63
N LEU B 323 24.95 12.46 5.38
CA LEU B 323 25.01 12.41 6.84
C LEU B 323 24.66 11.02 7.35
N LYS B 324 23.71 10.33 6.70
CA LYS B 324 23.38 8.97 7.11
C LYS B 324 24.53 8.01 6.83
N GLN B 325 25.21 8.15 5.69
CA GLN B 325 26.38 7.33 5.40
C GLN B 325 27.53 7.64 6.34
N GLU B 326 27.68 8.91 6.72
CA GLU B 326 28.73 9.28 7.67
C GLU B 326 28.47 8.70 9.06
N GLN B 327 27.20 8.69 9.48
CA GLN B 327 26.83 8.06 10.74
C GLN B 327 27.06 6.55 10.69
N PHE B 328 26.79 5.93 9.54
CA PHE B 328 27.06 4.50 9.43
C PHE B 328 28.55 4.18 9.41
N THR B 329 29.37 5.07 8.84
CA THR B 329 30.83 4.85 8.88
C THR B 329 31.35 4.98 10.30
N ARG B 330 30.95 6.04 11.00
CA ARG B 330 31.38 6.24 12.39
C ARG B 330 30.80 5.18 13.33
N ASP B 331 29.72 4.49 12.94
CA ASP B 331 29.21 3.39 13.74
C ASP B 331 29.94 2.07 13.45
N PHE B 332 29.86 1.58 12.21
CA PHE B 332 30.37 0.24 11.90
C PHE B 332 31.22 0.17 10.64
N GLY B 333 31.80 1.27 10.16
CA GLY B 333 32.37 1.29 8.84
C GLY B 333 33.83 1.74 8.81
N GLN B 334 34.51 1.30 7.76
CA GLN B 334 35.86 1.72 7.44
C GLN B 334 35.80 2.90 6.45
N GLU B 335 36.94 3.25 5.85
CA GLU B 335 37.01 4.27 4.82
C GLU B 335 37.57 3.66 3.55
N GLY B 336 37.08 4.16 2.41
CA GLY B 336 37.50 3.64 1.12
C GLY B 336 38.32 4.62 0.30
N ASN B 337 38.80 5.68 0.96
CA ASN B 337 39.64 6.73 0.38
C ASN B 337 39.02 7.40 -0.84
N ASN C 12 8.06 -18.80 -18.22
CA ASN C 12 8.68 -17.95 -19.22
C ASN C 12 7.71 -17.62 -20.35
N LYS C 13 7.08 -18.66 -20.91
CA LYS C 13 6.13 -18.46 -21.99
C LYS C 13 4.80 -17.89 -21.51
N LYS C 14 4.41 -18.22 -20.28
CA LYS C 14 3.19 -17.65 -19.71
C LYS C 14 3.37 -16.15 -19.42
N LEU C 15 4.54 -15.76 -18.95
CA LEU C 15 4.82 -14.35 -18.71
C LEU C 15 4.91 -13.57 -20.01
N ARG C 16 5.47 -14.19 -21.06
CA ARG C 16 5.52 -13.56 -22.36
C ARG C 16 4.13 -13.44 -22.98
N GLY C 17 3.26 -14.44 -22.77
CA GLY C 17 1.88 -14.34 -23.22
C GLY C 17 1.08 -13.31 -22.45
N ALA C 18 1.44 -13.08 -21.18
CA ALA C 18 0.80 -12.01 -20.41
C ALA C 18 1.31 -10.63 -20.82
N LEU C 19 2.57 -10.53 -21.22
CA LEU C 19 3.17 -9.25 -21.59
C LEU C 19 3.05 -8.93 -23.08
N SER C 20 2.52 -9.85 -23.88
CA SER C 20 2.33 -9.58 -25.30
C SER C 20 1.27 -8.52 -25.58
N SER C 21 0.40 -8.23 -24.61
CA SER C 21 -0.61 -7.18 -24.75
C SER C 21 -0.11 -5.83 -24.26
N ALA C 22 1.21 -5.62 -24.22
CA ALA C 22 1.78 -4.35 -23.81
C ALA C 22 2.35 -3.53 -24.96
N ILE C 23 2.78 -4.18 -26.04
CA ILE C 23 3.26 -3.47 -27.22
C ILE C 23 2.05 -2.91 -27.96
N LEU C 24 1.91 -1.59 -27.99
CA LEU C 24 0.79 -1.00 -28.71
C LEU C 24 1.07 -1.03 -30.21
N SER C 25 0.09 -1.49 -30.98
CA SER C 25 0.15 -1.51 -32.44
C SER C 25 -0.89 -0.58 -33.03
N GLU C 26 -1.19 0.51 -32.34
CA GLU C 26 -2.21 1.46 -32.75
C GLU C 26 -1.63 2.68 -33.44
N LYS C 27 -0.44 3.14 -33.02
CA LYS C 27 0.31 4.28 -33.54
C LYS C 27 -0.54 5.55 -33.57
N PRO C 28 -0.79 6.20 -32.42
CA PRO C 28 -1.63 7.41 -32.40
C PRO C 28 -1.02 8.57 -33.16
N ASN C 29 -1.74 9.07 -34.16
CA ASN C 29 -1.19 10.03 -35.12
C ASN C 29 -1.11 11.41 -34.48
N VAL C 30 -0.03 11.60 -33.72
CA VAL C 30 0.34 12.89 -33.15
C VAL C 30 1.76 13.19 -33.60
N LYS C 31 1.92 14.22 -34.41
CA LYS C 31 3.22 14.58 -34.95
C LYS C 31 3.90 15.61 -34.05
N TRP C 32 5.14 15.94 -34.40
CA TRP C 32 5.92 16.89 -33.62
C TRP C 32 5.38 18.32 -33.73
N GLU C 33 4.73 18.65 -34.83
CA GLU C 33 4.11 19.97 -34.99
C GLU C 33 2.81 20.11 -34.21
N ASP C 34 2.23 19.00 -33.74
CA ASP C 34 1.02 19.07 -32.94
C ASP C 34 1.31 19.60 -31.54
N VAL C 35 2.51 19.31 -31.02
CA VAL C 35 2.89 19.81 -29.70
C VAL C 35 3.35 21.26 -29.84
N ALA C 36 2.81 22.14 -29.00
CA ALA C 36 3.17 23.54 -29.01
C ALA C 36 4.12 23.85 -27.86
N GLY C 37 5.21 24.54 -28.17
CA GLY C 37 6.20 24.84 -27.16
C GLY C 37 7.04 23.62 -26.82
N LEU C 38 7.65 23.69 -25.63
CA LEU C 38 8.51 22.64 -25.05
C LEU C 38 9.67 22.28 -25.99
N GLU C 39 10.46 23.31 -26.31
CA GLU C 39 11.51 23.16 -27.31
C GLU C 39 12.67 22.31 -26.81
N GLY C 40 13.02 22.43 -25.52
CA GLY C 40 14.10 21.62 -24.98
C GLY C 40 13.75 20.16 -24.88
N ALA C 41 12.51 19.86 -24.43
CA ALA C 41 12.03 18.49 -24.39
C ALA C 41 11.89 17.92 -25.80
N LYS C 42 11.45 18.75 -26.74
CA LYS C 42 11.36 18.33 -28.14
C LYS C 42 12.72 17.98 -28.71
N GLU C 43 13.73 18.81 -28.44
CA GLU C 43 15.07 18.56 -28.97
C GLU C 43 15.71 17.34 -28.34
N ALA C 44 15.53 17.16 -27.02
CA ALA C 44 16.12 16.03 -26.33
C ALA C 44 15.48 14.71 -26.76
N LEU C 45 14.14 14.68 -26.85
CA LEU C 45 13.46 13.49 -27.36
C LEU C 45 13.80 13.24 -28.82
N LYS C 46 13.97 14.32 -29.60
CA LYS C 46 14.29 14.21 -31.01
C LYS C 46 15.66 13.56 -31.23
N GLU C 47 16.68 14.00 -30.49
CA GLU C 47 17.99 13.37 -30.63
C GLU C 47 17.96 11.94 -30.09
N ALA C 48 17.46 11.74 -28.86
CA ALA C 48 17.54 10.44 -28.21
C ALA C 48 16.64 9.38 -28.83
N VAL C 49 15.70 9.75 -29.70
CA VAL C 49 14.89 8.80 -30.43
C VAL C 49 15.32 8.68 -31.89
N ILE C 50 15.45 9.81 -32.59
CA ILE C 50 15.66 9.78 -34.03
C ILE C 50 17.12 9.46 -34.36
N LEU C 51 18.07 10.10 -33.66
CA LEU C 51 19.48 10.06 -34.09
C LEU C 51 20.17 8.70 -34.06
N PRO C 52 20.04 7.84 -33.02
CA PRO C 52 20.74 6.54 -33.11
C PRO C 52 20.14 5.57 -34.11
N VAL C 53 18.86 5.72 -34.46
CA VAL C 53 18.24 4.81 -35.42
C VAL C 53 18.32 5.34 -36.85
N LYS C 54 18.58 6.64 -37.03
CA LYS C 54 18.75 7.21 -38.35
C LYS C 54 20.21 7.33 -38.76
N PHE C 55 21.07 7.85 -37.88
CA PHE C 55 22.49 7.99 -38.15
C PHE C 55 23.27 7.21 -37.09
N PRO C 56 23.41 5.89 -37.26
CA PRO C 56 24.10 5.09 -36.24
C PRO C 56 25.62 5.20 -36.31
N HIS C 57 26.18 5.76 -37.37
CA HIS C 57 27.63 5.87 -37.50
C HIS C 57 28.22 6.96 -36.62
N LEU C 58 27.40 7.90 -36.15
CA LEU C 58 27.92 8.96 -35.28
C LEU C 58 28.17 8.45 -33.87
N PHE C 59 27.23 7.68 -33.32
CA PHE C 59 27.33 7.18 -31.95
C PHE C 59 28.20 5.93 -31.95
N LYS C 60 29.51 6.14 -31.87
CA LYS C 60 30.48 5.06 -31.83
C LYS C 60 31.70 5.51 -31.06
N GLY C 61 32.14 4.70 -30.10
CA GLY C 61 33.30 5.03 -29.31
C GLY C 61 32.97 5.66 -27.98
N ASN C 62 33.24 6.96 -27.85
CA ASN C 62 32.98 7.68 -26.62
C ASN C 62 31.60 8.30 -26.56
N ARG C 63 30.89 8.37 -27.68
CA ARG C 63 29.57 8.98 -27.73
C ARG C 63 28.50 7.91 -27.62
N LYS C 64 27.64 8.04 -26.62
CA LYS C 64 26.53 7.13 -26.37
C LYS C 64 25.23 7.93 -26.25
N PRO C 65 24.11 7.35 -26.67
CA PRO C 65 22.83 8.06 -26.57
C PRO C 65 22.31 8.08 -25.13
N THR C 66 21.24 8.84 -24.94
CA THR C 66 20.60 8.93 -23.64
C THR C 66 19.82 7.65 -23.34
N SER C 67 20.01 7.12 -22.14
CA SER C 67 19.39 5.86 -21.74
C SER C 67 18.16 6.05 -20.86
N GLY C 68 17.76 7.30 -20.58
CA GLY C 68 16.57 7.54 -19.79
C GLY C 68 16.22 9.01 -19.68
N ILE C 69 14.96 9.34 -19.94
CA ILE C 69 14.46 10.72 -19.89
C ILE C 69 13.25 10.74 -18.97
N LEU C 70 13.25 11.66 -18.02
CA LEU C 70 12.14 11.85 -17.09
C LEU C 70 11.44 13.16 -17.40
N LEU C 71 10.12 13.09 -17.57
CA LEU C 71 9.28 14.27 -17.84
C LEU C 71 8.39 14.50 -16.63
N TYR C 72 8.49 15.67 -16.02
CA TYR C 72 7.71 15.99 -14.84
C TYR C 72 7.13 17.39 -14.96
N GLY C 73 6.15 17.69 -14.12
CA GLY C 73 5.51 18.98 -14.11
C GLY C 73 4.13 18.95 -13.48
N PRO C 74 3.35 20.00 -13.70
CA PRO C 74 1.97 20.02 -13.22
C PRO C 74 1.10 19.07 -14.02
N PRO C 75 -0.03 18.63 -13.48
CA PRO C 75 -0.89 17.69 -14.21
C PRO C 75 -1.57 18.37 -15.39
N GLY C 76 -1.50 17.72 -16.54
CA GLY C 76 -2.13 18.24 -17.75
C GLY C 76 -1.31 19.27 -18.48
N THR C 77 -0.07 18.91 -18.84
CA THR C 77 0.81 19.83 -19.56
C THR C 77 1.32 19.28 -20.88
N GLY C 78 1.25 17.97 -21.10
CA GLY C 78 1.65 17.42 -22.39
C GLY C 78 2.70 16.33 -22.32
N LYS C 79 2.84 15.69 -21.16
CA LYS C 79 3.82 14.62 -21.01
C LYS C 79 3.39 13.38 -21.77
N SER C 80 2.14 12.94 -21.58
CA SER C 80 1.61 11.84 -22.37
C SER C 80 1.43 12.20 -23.83
N TYR C 81 1.25 13.49 -24.15
CA TYR C 81 1.18 13.91 -25.54
C TYR C 81 2.56 13.81 -26.21
N LEU C 82 3.62 14.17 -25.48
CA LEU C 82 4.97 13.99 -25.98
C LEU C 82 5.31 12.52 -26.12
N ALA C 83 4.81 11.68 -25.20
CA ALA C 83 5.00 10.24 -25.33
C ALA C 83 4.25 9.67 -26.53
N LYS C 84 3.07 10.22 -26.84
CA LYS C 84 2.33 9.81 -28.04
C LYS C 84 3.07 10.24 -29.30
N ALA C 85 3.66 11.43 -29.29
CA ALA C 85 4.45 11.88 -30.44
C ALA C 85 5.70 11.04 -30.64
N VAL C 86 6.32 10.60 -29.54
CA VAL C 86 7.47 9.71 -29.60
C VAL C 86 7.06 8.35 -30.14
N ALA C 87 5.92 7.82 -29.67
CA ALA C 87 5.41 6.55 -30.18
C ALA C 87 4.97 6.64 -31.64
N THR C 88 4.59 7.82 -32.11
CA THR C 88 4.22 7.97 -33.52
C THR C 88 5.45 8.06 -34.41
N GLU C 89 6.39 8.94 -34.08
CA GLU C 89 7.55 9.20 -34.93
C GLU C 89 8.79 8.42 -34.53
N ALA C 90 8.65 7.36 -33.72
CA ALA C 90 9.81 6.64 -33.25
C ALA C 90 10.28 5.57 -34.22
N ASN C 91 9.31 4.90 -34.87
CA ASN C 91 9.54 3.71 -35.71
C ASN C 91 10.30 2.63 -34.93
N SER C 92 9.77 2.33 -33.74
CA SER C 92 10.36 1.34 -32.86
C SER C 92 9.24 0.61 -32.13
N THR C 93 9.59 -0.52 -31.50
CA THR C 93 8.63 -1.27 -30.71
C THR C 93 8.35 -0.53 -29.40
N PHE C 94 7.29 0.27 -29.38
CA PHE C 94 6.98 1.11 -28.24
C PHE C 94 6.33 0.27 -27.14
N PHE C 95 7.02 0.14 -26.02
CA PHE C 95 6.50 -0.58 -24.85
C PHE C 95 5.84 0.43 -23.92
N SER C 96 4.55 0.24 -23.66
CA SER C 96 3.79 1.10 -22.75
C SER C 96 3.25 0.23 -21.62
N VAL C 97 3.92 0.29 -20.47
CA VAL C 97 3.54 -0.49 -19.30
C VAL C 97 3.09 0.46 -18.21
N SER C 98 2.51 -0.12 -17.16
CA SER C 98 2.05 0.63 -16.00
C SER C 98 2.19 -0.27 -14.78
N SER C 99 1.51 0.08 -13.69
CA SER C 99 1.59 -0.68 -12.46
C SER C 99 0.61 -1.85 -12.42
N SER C 100 -0.05 -2.18 -13.53
CA SER C 100 -0.93 -3.34 -13.59
C SER C 100 -0.35 -4.51 -14.36
N ASP C 101 0.62 -4.26 -15.23
CA ASP C 101 1.26 -5.34 -15.99
C ASP C 101 2.44 -5.96 -15.24
N LEU C 102 3.00 -5.25 -14.27
CA LEU C 102 4.18 -5.72 -13.55
C LEU C 102 3.82 -6.40 -12.23
N VAL C 103 2.87 -5.84 -11.48
CA VAL C 103 2.49 -6.39 -10.18
C VAL C 103 1.60 -7.61 -10.40
N SER C 104 1.89 -8.69 -9.68
CA SER C 104 1.14 -9.92 -9.79
C SER C 104 0.73 -10.40 -8.41
N LYS C 105 -0.02 -11.50 -8.36
CA LYS C 105 -0.57 -12.03 -7.13
C LYS C 105 0.37 -13.01 -6.44
N TRP C 106 1.10 -13.82 -7.21
CA TRP C 106 1.91 -14.89 -6.66
C TRP C 106 3.18 -14.34 -5.99
N MET C 107 3.95 -15.23 -5.40
CA MET C 107 5.18 -14.87 -4.70
C MET C 107 6.35 -14.97 -5.66
N GLY C 108 7.05 -13.85 -5.85
CA GLY C 108 8.20 -13.84 -6.73
C GLY C 108 7.87 -13.93 -8.21
N GLU C 109 6.66 -13.52 -8.59
CA GLU C 109 6.27 -13.49 -9.99
C GLU C 109 6.16 -12.08 -10.55
N SER C 110 6.25 -11.05 -9.71
CA SER C 110 6.27 -9.67 -10.21
C SER C 110 7.65 -9.25 -10.70
N GLU C 111 8.71 -9.92 -10.23
CA GLU C 111 10.07 -9.60 -10.64
C GLU C 111 10.43 -10.25 -11.97
N LYS C 112 9.96 -11.48 -12.18
CA LYS C 112 10.18 -12.15 -13.45
C LYS C 112 9.42 -11.47 -14.58
N LEU C 113 8.32 -10.79 -14.25
CA LEU C 113 7.61 -10.00 -15.25
C LEU C 113 8.45 -8.82 -15.75
N VAL C 114 9.09 -8.10 -14.83
CA VAL C 114 9.94 -6.97 -15.22
C VAL C 114 11.20 -7.47 -15.93
N LYS C 115 11.73 -8.62 -15.50
CA LYS C 115 12.89 -9.21 -16.16
C LYS C 115 12.56 -9.65 -17.58
N GLN C 116 11.39 -10.26 -17.78
CA GLN C 116 10.99 -10.67 -19.12
C GLN C 116 10.61 -9.47 -19.98
N LEU C 117 10.11 -8.39 -19.37
CA LEU C 117 9.81 -7.17 -20.10
C LEU C 117 11.10 -6.54 -20.65
N PHE C 118 12.12 -6.43 -19.80
CA PHE C 118 13.38 -5.89 -20.26
C PHE C 118 14.10 -6.85 -21.21
N ALA C 119 13.88 -8.16 -21.05
CA ALA C 119 14.46 -9.11 -21.99
C ALA C 119 13.81 -9.01 -23.37
N MET C 120 12.49 -8.78 -23.42
CA MET C 120 11.82 -8.57 -24.69
C MET C 120 12.22 -7.24 -25.31
N ALA C 121 12.47 -6.22 -24.47
CA ALA C 121 12.94 -4.94 -24.98
C ALA C 121 14.34 -5.04 -25.55
N ARG C 122 15.19 -5.87 -24.95
CA ARG C 122 16.52 -6.10 -25.50
C ARG C 122 16.47 -6.99 -26.74
N GLU C 123 15.51 -7.92 -26.80
CA GLU C 123 15.36 -8.76 -27.97
C GLU C 123 14.76 -8.02 -29.15
N ASN C 124 14.04 -6.93 -28.91
CA ASN C 124 13.44 -6.14 -29.98
C ASN C 124 14.07 -4.74 -30.04
N LYS C 125 15.40 -4.67 -29.90
CA LYS C 125 16.06 -3.38 -29.96
C LYS C 125 16.16 -2.89 -31.41
N PRO C 126 16.01 -1.58 -31.65
CA PRO C 126 15.74 -0.48 -30.72
C PRO C 126 14.29 -0.42 -30.23
N SER C 127 14.13 -0.25 -28.93
CA SER C 127 12.81 -0.23 -28.29
C SER C 127 12.75 0.92 -27.30
N ILE C 128 11.53 1.39 -27.05
CA ILE C 128 11.29 2.48 -26.11
C ILE C 128 10.28 2.01 -25.08
N ILE C 129 10.67 2.06 -23.80
CA ILE C 129 9.80 1.69 -22.69
C ILE C 129 9.27 2.97 -22.07
N PHE C 130 7.94 3.10 -22.04
CA PHE C 130 7.28 4.24 -21.43
C PHE C 130 6.53 3.77 -20.20
N ILE C 131 6.99 4.16 -19.03
CA ILE C 131 6.35 3.82 -17.76
C ILE C 131 5.64 5.08 -17.28
N ASP C 132 4.34 5.15 -17.52
CA ASP C 132 3.56 6.29 -17.06
C ASP C 132 3.33 6.18 -15.56
N GLU C 133 3.46 7.30 -14.85
CA GLU C 133 3.31 7.42 -13.40
C GLU C 133 4.28 6.49 -12.67
N VAL C 134 5.57 6.84 -12.80
CA VAL C 134 6.63 6.08 -12.13
C VAL C 134 6.63 6.27 -10.61
N ASP C 135 5.89 7.25 -10.10
CA ASP C 135 5.80 7.49 -8.67
C ASP C 135 5.09 6.37 -7.91
N ALA C 136 4.29 5.56 -8.61
CA ALA C 136 3.59 4.46 -7.94
C ALA C 136 4.51 3.29 -7.65
N LEU C 137 5.42 2.98 -8.58
CA LEU C 137 6.31 1.84 -8.41
C LEU C 137 7.44 2.16 -7.44
N THR C 138 7.96 3.38 -7.47
CA THR C 138 9.12 3.79 -6.68
C THR C 138 8.65 4.77 -5.61
N GLY C 139 8.83 4.40 -4.35
CA GLY C 139 8.38 5.22 -3.24
C GLY C 139 9.43 5.46 -2.18
N THR C 140 10.69 5.65 -2.61
CA THR C 140 11.88 5.93 -1.81
C THR C 140 12.25 4.83 -0.81
N ARG C 141 11.59 3.66 -0.91
CA ARG C 141 11.77 2.44 -0.11
C ARG C 141 12.03 2.70 1.38
N GLY C 142 11.24 3.60 1.94
CA GLY C 142 11.40 3.96 3.34
C GLY C 142 10.48 3.23 4.29
N GLU C 143 9.17 3.24 4.00
CA GLU C 143 8.19 2.61 4.88
C GLU C 143 7.09 1.88 4.10
N GLY C 144 7.31 1.59 2.83
CA GLY C 144 6.31 0.91 2.03
C GLY C 144 6.21 -0.57 2.36
N GLU C 145 5.35 -1.26 1.62
CA GLU C 145 5.16 -2.69 1.83
C GLU C 145 6.38 -3.46 1.33
N SER C 146 7.03 -4.17 2.26
CA SER C 146 8.43 -4.54 2.21
C SER C 146 8.80 -5.42 1.02
N GLU C 147 8.21 -6.62 0.96
CA GLU C 147 8.60 -7.64 -0.02
C GLU C 147 8.40 -7.16 -1.45
N ALA C 148 7.15 -6.88 -1.83
CA ALA C 148 6.86 -6.53 -3.21
C ALA C 148 7.41 -5.17 -3.59
N SER C 149 7.33 -4.18 -2.68
CA SER C 149 7.78 -2.83 -3.00
C SER C 149 9.30 -2.77 -3.14
N ARG C 150 10.03 -3.26 -2.13
CA ARG C 150 11.49 -3.23 -2.19
C ARG C 150 12.04 -4.15 -3.27
N ARG C 151 11.40 -5.30 -3.51
CA ARG C 151 11.87 -6.17 -4.57
C ARG C 151 11.62 -5.59 -5.96
N ILE C 152 10.49 -4.91 -6.17
CA ILE C 152 10.25 -4.34 -7.50
C ILE C 152 11.13 -3.11 -7.72
N LYS C 153 11.48 -2.38 -6.65
CA LYS C 153 12.40 -1.26 -6.80
C LYS C 153 13.82 -1.74 -7.10
N THR C 154 14.28 -2.77 -6.39
CA THR C 154 15.62 -3.29 -6.66
C THR C 154 15.68 -4.01 -8.00
N GLU C 155 14.57 -4.60 -8.45
CA GLU C 155 14.54 -5.23 -9.76
C GLU C 155 14.58 -4.20 -10.88
N LEU C 156 13.89 -3.06 -10.72
CA LEU C 156 14.01 -1.98 -11.69
C LEU C 156 15.42 -1.40 -11.69
N LEU C 157 16.02 -1.25 -10.51
CA LEU C 157 17.37 -0.70 -10.42
C LEU C 157 18.41 -1.64 -11.02
N VAL C 158 18.20 -2.95 -10.91
CA VAL C 158 19.11 -3.91 -11.52
C VAL C 158 18.90 -3.95 -13.04
N GLN C 159 17.65 -3.96 -13.50
CA GLN C 159 17.39 -4.13 -14.92
C GLN C 159 17.64 -2.86 -15.73
N MET C 160 17.74 -1.69 -15.08
CA MET C 160 18.00 -0.47 -15.86
C MET C 160 19.45 -0.42 -16.35
N ASN C 161 20.42 -0.40 -15.43
CA ASN C 161 21.82 -0.49 -15.83
C ASN C 161 22.50 -1.76 -15.31
N GLY C 162 22.51 -2.00 -14.00
CA GLY C 162 22.99 -3.20 -13.33
C GLY C 162 24.44 -3.52 -13.62
N VAL C 163 24.74 -4.82 -13.64
CA VAL C 163 26.06 -5.34 -13.94
C VAL C 163 26.03 -6.29 -15.13
N GLY C 164 25.23 -7.34 -15.06
CA GLY C 164 25.19 -8.33 -16.12
C GLY C 164 24.04 -8.16 -17.09
N ASN C 165 23.64 -6.91 -17.34
CA ASN C 165 22.53 -6.62 -18.23
C ASN C 165 22.98 -5.88 -19.49
N ASP C 166 23.64 -4.73 -19.34
CA ASP C 166 24.18 -3.90 -20.42
C ASP C 166 23.07 -3.49 -21.41
N SER C 167 22.14 -2.69 -20.87
CA SER C 167 21.00 -2.20 -21.65
C SER C 167 21.50 -1.17 -22.65
N GLN C 168 21.65 -1.59 -23.90
CA GLN C 168 22.12 -0.72 -24.97
C GLN C 168 21.07 -0.70 -26.07
N GLY C 169 20.52 0.49 -26.32
CA GLY C 169 19.50 0.67 -27.34
C GLY C 169 18.11 0.96 -26.80
N VAL C 170 17.83 0.58 -25.57
CA VAL C 170 16.52 0.80 -24.98
C VAL C 170 16.47 2.20 -24.37
N LEU C 171 15.26 2.68 -24.13
CA LEU C 171 15.03 3.99 -23.54
C LEU C 171 13.89 3.89 -22.54
N VAL C 172 14.09 4.44 -21.35
CA VAL C 172 13.11 4.39 -20.27
C VAL C 172 12.55 5.80 -20.12
N LEU C 173 11.33 6.02 -20.61
CA LEU C 173 10.66 7.30 -20.47
C LEU C 173 9.83 7.32 -19.21
N GLY C 174 9.88 8.42 -18.47
CA GLY C 174 9.07 8.57 -17.28
C GLY C 174 8.14 9.76 -17.38
N ALA C 175 6.98 9.68 -16.73
CA ALA C 175 6.00 10.77 -16.77
C ALA C 175 5.25 10.77 -15.46
N THR C 176 5.62 11.67 -14.55
CA THR C 176 5.01 11.73 -13.23
C THR C 176 4.61 13.17 -12.92
N ASN C 177 3.64 13.29 -12.02
CA ASN C 177 3.18 14.61 -11.58
C ASN C 177 3.83 15.05 -10.28
N ILE C 178 4.17 14.09 -9.42
CA ILE C 178 4.86 14.39 -8.16
C ILE C 178 6.24 13.74 -8.21
N PRO C 179 7.28 14.51 -8.55
CA PRO C 179 8.60 13.90 -8.73
C PRO C 179 9.46 13.87 -7.48
N TRP C 180 9.10 14.58 -6.41
CA TRP C 180 9.91 14.56 -5.20
C TRP C 180 9.70 13.31 -4.36
N GLN C 181 8.71 12.48 -4.71
CA GLN C 181 8.52 11.18 -4.06
C GLN C 181 9.29 10.07 -4.75
N LEU C 182 10.12 10.40 -5.74
CA LEU C 182 10.92 9.40 -6.43
C LEU C 182 12.12 9.01 -5.57
N ASP C 183 12.57 7.76 -5.73
CA ASP C 183 13.74 7.29 -5.03
C ASP C 183 14.99 7.98 -5.58
N SER C 184 16.01 8.09 -4.72
CA SER C 184 17.25 8.76 -5.12
C SER C 184 18.01 7.97 -6.17
N ALA C 185 18.02 6.64 -6.05
CA ALA C 185 18.70 5.82 -7.05
C ALA C 185 17.95 5.83 -8.38
N ILE C 186 16.62 5.90 -8.33
CA ILE C 186 15.82 5.99 -9.56
C ILE C 186 16.01 7.35 -10.23
N ARG C 187 16.11 8.42 -9.41
CA ARG C 187 16.45 9.73 -9.94
C ARG C 187 17.86 9.78 -10.51
N ARG C 188 18.77 8.98 -9.97
CA ARG C 188 20.09 8.82 -10.58
C ARG C 188 19.98 8.10 -11.92
N ARG C 189 19.09 7.10 -12.01
CA ARG C 189 18.91 6.36 -13.26
C ARG C 189 18.33 7.24 -14.35
N PHE C 190 17.37 8.09 -14.02
CA PHE C 190 16.81 9.04 -14.97
C PHE C 190 17.79 10.18 -15.10
N GLU C 191 18.68 10.07 -16.09
CA GLU C 191 19.83 10.95 -16.21
C GLU C 191 19.50 12.33 -16.76
N ARG C 192 18.27 12.55 -17.23
CA ARG C 192 17.85 13.86 -17.74
C ARG C 192 16.45 14.16 -17.21
N ARG C 193 16.38 15.05 -16.22
CA ARG C 193 15.11 15.48 -15.66
C ARG C 193 14.64 16.72 -16.39
N ILE C 194 13.60 16.57 -17.20
CA ILE C 194 13.06 17.66 -18.02
C ILE C 194 11.77 18.14 -17.40
N TYR C 195 11.72 19.42 -17.04
CA TYR C 195 10.54 20.02 -16.43
C TYR C 195 9.62 20.52 -17.54
N ILE C 196 8.37 20.07 -17.52
CA ILE C 196 7.35 20.51 -18.48
C ILE C 196 6.49 21.57 -17.81
N PRO C 197 6.70 22.86 -18.11
CA PRO C 197 5.98 23.92 -17.37
C PRO C 197 4.63 24.25 -17.98
N LEU C 198 3.96 25.24 -17.40
CA LEU C 198 2.75 25.76 -18.00
C LEU C 198 3.12 26.58 -19.24
N PRO C 199 2.31 26.51 -20.29
CA PRO C 199 2.70 27.13 -21.57
C PRO C 199 2.57 28.64 -21.54
N ASP C 200 3.35 29.29 -22.40
CA ASP C 200 3.36 30.73 -22.57
C ASP C 200 2.41 31.14 -23.71
N LEU C 201 2.49 32.41 -24.09
CA LEU C 201 1.48 33.00 -24.98
C LEU C 201 1.55 32.42 -26.39
N ALA C 202 2.76 32.23 -26.92
CA ALA C 202 2.90 31.67 -28.25
C ALA C 202 2.46 30.21 -28.30
N ALA C 203 2.75 29.44 -27.24
CA ALA C 203 2.31 28.05 -27.19
C ALA C 203 0.80 27.96 -27.04
N ARG C 204 0.19 28.88 -26.30
CA ARG C 204 -1.27 28.90 -26.18
C ARG C 204 -1.93 29.28 -27.48
N THR C 205 -1.34 30.25 -28.21
CA THR C 205 -1.88 30.63 -29.52
C THR C 205 -1.74 29.49 -30.52
N THR C 206 -0.62 28.77 -30.48
CA THR C 206 -0.43 27.63 -31.37
C THR C 206 -1.37 26.48 -31.00
N MET C 207 -1.64 26.27 -29.71
CA MET C 207 -2.60 25.24 -29.31
C MET C 207 -4.02 25.61 -29.72
N PHE C 208 -4.36 26.90 -29.68
CA PHE C 208 -5.67 27.33 -30.16
C PHE C 208 -5.80 27.13 -31.66
N GLU C 209 -4.74 27.46 -32.41
CA GLU C 209 -4.77 27.27 -33.86
C GLU C 209 -4.80 25.79 -34.23
N ILE C 210 -4.20 24.93 -33.41
CA ILE C 210 -4.20 23.50 -33.68
C ILE C 210 -5.56 22.90 -33.33
N ASN C 211 -6.13 23.28 -32.19
CA ASN C 211 -7.37 22.68 -31.71
C ASN C 211 -8.57 23.16 -32.52
N VAL C 212 -8.55 24.41 -32.99
CA VAL C 212 -9.60 24.86 -33.90
C VAL C 212 -9.40 24.24 -35.28
N GLY C 213 -8.24 24.49 -35.89
CA GLY C 213 -7.83 23.79 -37.09
C GLY C 213 -8.59 24.14 -38.35
N ASP C 214 -9.21 23.12 -38.96
CA ASP C 214 -9.91 23.26 -40.22
C ASP C 214 -11.40 23.56 -40.04
N THR C 215 -11.80 24.01 -38.86
CA THR C 215 -13.19 24.37 -38.63
C THR C 215 -13.50 25.68 -39.35
N PRO C 216 -14.65 25.77 -40.06
CA PRO C 216 -15.05 27.04 -40.67
C PRO C 216 -15.34 28.12 -39.63
N CYS C 217 -14.51 29.15 -39.60
CA CYS C 217 -14.60 30.19 -38.58
C CYS C 217 -14.05 31.49 -39.14
N VAL C 218 -14.44 32.60 -38.53
CA VAL C 218 -13.98 33.93 -38.93
C VAL C 218 -12.87 34.45 -38.02
N LEU C 219 -12.26 33.57 -37.21
CA LEU C 219 -11.22 33.99 -36.29
C LEU C 219 -9.93 34.33 -37.03
N THR C 220 -9.26 35.38 -36.58
CA THR C 220 -8.04 35.86 -37.19
C THR C 220 -6.87 35.75 -36.22
N LYS C 221 -5.71 36.25 -36.66
CA LYS C 221 -4.51 36.21 -35.84
C LYS C 221 -4.63 37.12 -34.64
N GLU C 222 -5.30 38.27 -34.79
CA GLU C 222 -5.53 39.14 -33.64
C GLU C 222 -6.49 38.51 -32.64
N ASP C 223 -7.49 37.77 -33.12
CA ASP C 223 -8.41 37.06 -32.24
C ASP C 223 -7.69 35.96 -31.47
N TYR C 224 -6.82 35.20 -32.16
CA TYR C 224 -6.04 34.16 -31.50
C TYR C 224 -5.05 34.75 -30.50
N ARG C 225 -4.48 35.91 -30.82
CA ARG C 225 -3.56 36.58 -29.91
C ARG C 225 -4.29 37.07 -28.66
N THR C 226 -5.50 37.61 -28.82
CA THR C 226 -6.28 38.05 -27.67
C THR C 226 -6.75 36.88 -26.81
N LEU C 227 -7.06 35.73 -27.44
CA LEU C 227 -7.42 34.54 -26.68
C LEU C 227 -6.23 34.01 -25.89
N GLY C 228 -5.05 33.97 -26.53
CA GLY C 228 -3.85 33.52 -25.83
C GLY C 228 -3.41 34.47 -24.73
N ALA C 229 -3.70 35.76 -24.88
CA ALA C 229 -3.43 36.70 -23.79
C ALA C 229 -4.49 36.59 -22.70
N MET C 230 -5.71 36.18 -23.04
CA MET C 230 -6.77 36.10 -22.05
C MET C 230 -6.63 34.88 -21.15
N THR C 231 -6.30 33.72 -21.73
CA THR C 231 -6.16 32.50 -20.95
C THR C 231 -4.82 32.49 -20.22
N GLU C 232 -4.75 33.27 -19.14
CA GLU C 232 -3.55 33.34 -18.31
C GLU C 232 -3.64 32.29 -17.21
N GLY C 233 -2.60 31.47 -17.10
CA GLY C 233 -2.58 30.40 -16.11
C GLY C 233 -3.26 29.12 -16.52
N TYR C 234 -3.83 29.07 -17.72
CA TYR C 234 -4.50 27.87 -18.20
C TYR C 234 -3.48 26.84 -18.66
N SER C 235 -3.94 25.60 -18.81
CA SER C 235 -3.12 24.50 -19.27
C SER C 235 -3.66 23.95 -20.59
N GLY C 236 -3.00 22.91 -21.09
CA GLY C 236 -3.37 22.35 -22.38
C GLY C 236 -4.71 21.65 -22.39
N SER C 237 -5.03 20.91 -21.33
CA SER C 237 -6.33 20.28 -21.22
C SER C 237 -7.44 21.33 -21.05
N ASP C 238 -7.13 22.44 -20.37
CA ASP C 238 -8.10 23.51 -20.24
C ASP C 238 -8.35 24.20 -21.57
N ILE C 239 -7.30 24.37 -22.38
CA ILE C 239 -7.47 24.92 -23.72
C ILE C 239 -8.26 23.95 -24.60
N ALA C 240 -8.03 22.64 -24.45
CA ALA C 240 -8.79 21.65 -25.20
C ALA C 240 -10.26 21.66 -24.82
N VAL C 241 -10.59 21.81 -23.54
CA VAL C 241 -12.00 21.78 -23.17
C VAL C 241 -12.69 23.12 -23.48
N VAL C 242 -11.97 24.25 -23.50
CA VAL C 242 -12.65 25.48 -23.91
C VAL C 242 -12.85 25.50 -25.42
N VAL C 243 -11.95 24.87 -26.19
CA VAL C 243 -12.19 24.71 -27.61
C VAL C 243 -13.35 23.75 -27.85
N LYS C 244 -13.47 22.71 -27.02
CA LYS C 244 -14.59 21.78 -27.12
C LYS C 244 -15.92 22.46 -26.79
N ASP C 245 -15.93 23.35 -25.79
CA ASP C 245 -17.16 24.07 -25.44
C ASP C 245 -17.51 25.10 -26.51
N ALA C 246 -16.51 25.77 -27.08
CA ALA C 246 -16.77 26.71 -28.17
C ALA C 246 -17.26 26.01 -29.43
N LEU C 247 -16.85 24.75 -29.64
CA LEU C 247 -17.40 23.98 -30.76
C LEU C 247 -18.78 23.43 -30.44
N MET C 248 -19.07 23.19 -29.16
CA MET C 248 -20.38 22.68 -28.76
C MET C 248 -21.45 23.77 -28.77
N GLN C 249 -21.05 25.03 -28.62
CA GLN C 249 -22.01 26.12 -28.58
C GLN C 249 -22.86 26.34 -29.84
N PRO C 250 -22.38 26.16 -31.09
CA PRO C 250 -23.33 26.21 -32.22
C PRO C 250 -24.41 25.16 -32.20
N ILE C 251 -24.16 23.98 -31.62
CA ILE C 251 -25.24 23.00 -31.49
C ILE C 251 -26.26 23.45 -30.45
N ARG C 252 -25.83 24.17 -29.40
CA ARG C 252 -26.79 24.78 -28.49
C ARG C 252 -27.59 25.89 -29.16
N LYS C 253 -26.96 26.64 -30.07
CA LYS C 253 -27.70 27.64 -30.83
C LYS C 253 -28.68 26.99 -31.81
N ILE C 254 -28.33 25.82 -32.35
CA ILE C 254 -29.24 25.06 -33.20
C ILE C 254 -30.38 24.48 -32.37
N GLN C 255 -30.13 24.16 -31.11
CA GLN C 255 -31.19 23.68 -30.22
C GLN C 255 -32.17 24.82 -29.89
N SER C 256 -31.65 26.00 -29.55
CA SER C 256 -32.51 27.16 -29.32
C SER C 256 -32.51 28.05 -30.58
N ALA C 257 -33.28 27.62 -31.56
CA ALA C 257 -33.26 28.18 -32.92
C ALA C 257 -34.65 28.44 -33.45
N THR C 258 -35.49 29.12 -32.67
CA THR C 258 -36.78 29.56 -33.19
C THR C 258 -36.58 30.59 -34.32
N HIS C 259 -37.56 30.61 -35.23
CA HIS C 259 -37.59 31.48 -36.42
C HIS C 259 -36.37 31.25 -37.32
N PHE C 260 -36.33 30.05 -37.90
CA PHE C 260 -35.32 29.68 -38.87
C PHE C 260 -35.36 30.57 -40.12
N LYS C 261 -34.25 30.58 -40.84
CA LYS C 261 -34.14 31.38 -42.07
C LYS C 261 -33.28 30.61 -43.06
N ASP C 262 -33.89 30.19 -44.17
CA ASP C 262 -33.17 29.47 -45.22
C ASP C 262 -32.40 30.48 -46.06
N VAL C 263 -31.08 30.51 -45.88
CA VAL C 263 -30.20 31.39 -46.64
C VAL C 263 -29.47 30.55 -47.69
N SER C 264 -29.51 31.02 -48.94
CA SER C 264 -28.92 30.37 -50.11
C SER C 264 -29.38 28.93 -50.30
N GLU C 269 -26.98 26.77 -50.66
CA GLU C 269 -27.65 25.95 -51.65
C GLU C 269 -28.43 24.83 -50.99
N THR C 270 -29.30 24.17 -51.78
CA THR C 270 -30.23 23.08 -51.47
C THR C 270 -30.83 23.13 -50.06
N ARG C 271 -31.40 24.29 -49.71
CA ARG C 271 -32.16 24.54 -48.47
C ARG C 271 -31.30 24.28 -47.23
N LYS C 272 -30.27 25.12 -47.08
CA LYS C 272 -29.43 25.11 -45.88
C LYS C 272 -30.02 26.09 -44.86
N LEU C 273 -30.59 25.55 -43.80
CA LEU C 273 -31.29 26.37 -42.81
C LEU C 273 -30.31 27.01 -41.83
N THR C 274 -30.62 28.23 -41.40
CA THR C 274 -29.77 29.00 -40.52
C THR C 274 -30.64 29.78 -39.55
N PRO C 275 -30.35 29.73 -38.25
CA PRO C 275 -31.13 30.51 -37.29
C PRO C 275 -30.74 31.98 -37.31
N CYS C 276 -31.62 32.80 -36.73
CA CYS C 276 -31.43 34.25 -36.68
C CYS C 276 -32.25 34.80 -35.52
N SER C 277 -32.42 36.13 -35.53
CA SER C 277 -33.30 36.79 -34.58
C SER C 277 -34.75 36.43 -34.86
N PRO C 278 -35.62 36.40 -33.82
CA PRO C 278 -37.04 36.10 -34.06
C PRO C 278 -37.76 37.18 -34.84
N GLY C 279 -38.07 36.88 -36.10
CA GLY C 279 -38.73 37.81 -37.00
C GLY C 279 -37.76 38.47 -37.96
N ASP C 280 -37.66 37.92 -39.16
CA ASP C 280 -36.73 38.38 -40.20
C ASP C 280 -37.32 38.01 -41.55
N ASP C 281 -36.51 38.13 -42.60
CA ASP C 281 -36.94 37.76 -43.95
C ASP C 281 -36.92 36.24 -44.06
N GLY C 282 -38.07 35.65 -44.40
CA GLY C 282 -38.18 34.21 -44.48
C GLY C 282 -38.15 33.51 -43.14
N ALA C 283 -38.73 34.12 -42.10
CA ALA C 283 -38.68 33.58 -40.74
C ALA C 283 -39.66 32.41 -40.64
N ILE C 284 -39.20 31.23 -41.05
CA ILE C 284 -39.99 30.01 -40.93
C ILE C 284 -39.88 29.53 -39.49
N GLU C 285 -40.89 29.84 -38.69
CA GLU C 285 -40.86 29.52 -37.26
C GLU C 285 -41.15 28.03 -37.06
N MET C 286 -40.11 27.27 -36.75
CA MET C 286 -40.24 25.85 -36.45
C MET C 286 -39.11 25.45 -35.51
N SER C 287 -38.98 24.16 -35.28
CA SER C 287 -37.95 23.60 -34.42
C SER C 287 -36.92 22.85 -35.27
N TRP C 288 -35.91 22.31 -34.60
CA TRP C 288 -34.85 21.55 -35.25
C TRP C 288 -35.06 20.05 -35.19
N THR C 289 -36.17 19.59 -34.59
CA THR C 289 -36.43 18.16 -34.48
C THR C 289 -36.89 17.60 -35.83
N ASP C 290 -37.85 18.27 -36.46
CA ASP C 290 -38.40 17.79 -37.73
C ASP C 290 -37.47 18.01 -38.92
N ILE C 291 -36.43 18.81 -38.76
CA ILE C 291 -35.47 19.03 -39.85
C ILE C 291 -34.58 17.81 -39.97
N GLU C 292 -34.57 17.20 -41.16
CA GLU C 292 -33.76 16.02 -41.38
C GLU C 292 -32.30 16.41 -41.62
N ALA C 293 -31.43 15.40 -41.65
CA ALA C 293 -29.99 15.62 -41.72
C ALA C 293 -29.58 15.93 -43.16
N ASP C 294 -28.27 16.07 -43.36
CA ASP C 294 -27.59 16.34 -44.63
C ASP C 294 -28.02 17.65 -45.30
N GLU C 295 -28.62 18.58 -44.54
CA GLU C 295 -28.95 19.88 -45.08
C GLU C 295 -28.72 21.01 -44.07
N LEU C 296 -28.15 20.72 -42.91
CA LEU C 296 -27.98 21.73 -41.88
C LEU C 296 -26.77 22.61 -42.16
N LYS C 297 -26.85 23.86 -41.69
CA LYS C 297 -25.74 24.80 -41.77
C LYS C 297 -25.53 25.40 -40.38
N GLU C 298 -24.42 25.06 -39.76
CA GLU C 298 -24.11 25.57 -38.43
C GLU C 298 -23.62 27.02 -38.53
N PRO C 299 -23.90 27.84 -37.52
CA PRO C 299 -23.35 29.20 -37.50
C PRO C 299 -21.84 29.20 -37.31
N ASP C 300 -21.22 30.28 -37.78
CA ASP C 300 -19.77 30.42 -37.74
C ASP C 300 -19.29 30.75 -36.33
N LEU C 301 -18.04 30.40 -36.06
CA LEU C 301 -17.45 30.66 -34.76
C LEU C 301 -16.91 32.08 -34.68
N THR C 302 -17.29 32.79 -33.64
CA THR C 302 -16.79 34.14 -33.37
C THR C 302 -15.93 34.10 -32.10
N ILE C 303 -15.45 35.28 -31.70
CA ILE C 303 -14.67 35.37 -30.47
C ILE C 303 -15.57 35.41 -29.24
N LYS C 304 -16.87 35.66 -29.42
CA LYS C 304 -17.78 35.73 -28.29
C LYS C 304 -18.04 34.36 -27.68
N ASP C 305 -18.12 33.32 -28.51
CA ASP C 305 -18.30 31.96 -28.02
C ASP C 305 -17.06 31.49 -27.24
N PHE C 306 -15.87 31.86 -27.73
CA PHE C 306 -14.64 31.50 -27.03
C PHE C 306 -14.49 32.27 -25.73
N LEU C 307 -14.91 33.53 -25.70
CA LEU C 307 -14.90 34.30 -24.45
C LEU C 307 -15.91 33.73 -23.45
N LYS C 308 -17.05 33.24 -23.95
CA LYS C 308 -18.03 32.58 -23.08
C LYS C 308 -17.46 31.29 -22.52
N ALA C 309 -16.73 30.52 -23.34
CA ALA C 309 -16.11 29.29 -22.86
C ALA C 309 -15.01 29.57 -21.84
N ILE C 310 -14.26 30.66 -22.04
CA ILE C 310 -13.23 31.06 -21.08
C ILE C 310 -13.86 31.48 -19.76
N LYS C 311 -14.95 32.25 -19.82
CA LYS C 311 -15.64 32.66 -18.60
C LYS C 311 -16.36 31.49 -17.92
N SER C 312 -16.69 30.44 -18.68
CA SER C 312 -17.38 29.30 -18.09
C SER C 312 -16.42 28.31 -17.45
N THR C 313 -15.31 28.00 -18.12
CA THR C 313 -14.39 26.98 -17.64
C THR C 313 -13.21 27.63 -16.93
N ARG C 314 -12.87 27.12 -15.75
CA ARG C 314 -11.82 27.62 -14.88
C ARG C 314 -10.53 26.84 -15.08
N PRO C 315 -9.38 27.41 -14.72
CA PRO C 315 -8.14 26.64 -14.72
C PRO C 315 -8.15 25.53 -13.67
N THR C 316 -7.19 24.62 -13.81
CA THR C 316 -7.13 23.44 -12.96
C THR C 316 -6.06 23.51 -11.89
N VAL C 317 -4.84 23.89 -12.24
CA VAL C 317 -3.71 23.83 -11.32
C VAL C 317 -3.68 25.11 -10.48
N ASN C 318 -3.17 24.99 -9.25
CA ASN C 318 -3.05 26.10 -8.33
C ASN C 318 -1.59 26.59 -8.29
N GLU C 319 -1.30 27.52 -7.37
CA GLU C 319 -0.04 28.25 -7.39
C GLU C 319 0.86 27.90 -6.20
N ASP C 320 0.79 26.67 -5.71
CA ASP C 320 1.77 26.19 -4.73
C ASP C 320 2.39 24.89 -5.23
N ASP C 321 1.60 24.13 -6.00
CA ASP C 321 2.14 22.97 -6.70
C ASP C 321 3.18 23.40 -7.73
N LEU C 322 2.94 24.55 -8.39
CA LEU C 322 3.94 25.14 -9.28
C LEU C 322 5.20 25.54 -8.52
N LEU C 323 5.04 26.02 -7.27
CA LEU C 323 6.19 26.35 -6.44
C LEU C 323 6.98 25.10 -6.08
N LYS C 324 6.30 24.00 -5.79
CA LYS C 324 7.00 22.75 -5.48
C LYS C 324 7.70 22.18 -6.71
N GLN C 325 7.07 22.32 -7.89
CA GLN C 325 7.70 21.85 -9.12
C GLN C 325 8.93 22.70 -9.47
N GLU C 326 8.85 24.01 -9.26
CA GLU C 326 10.00 24.87 -9.48
C GLU C 326 11.10 24.61 -8.47
N GLN C 327 10.74 24.25 -7.23
CA GLN C 327 11.72 23.89 -6.22
C GLN C 327 12.46 22.60 -6.60
N PHE C 328 11.72 21.59 -7.07
CA PHE C 328 12.37 20.36 -7.53
C PHE C 328 13.21 20.60 -8.78
N THR C 329 12.77 21.52 -9.65
CA THR C 329 13.56 21.84 -10.84
C THR C 329 14.88 22.50 -10.47
N ARG C 330 14.84 23.54 -9.63
CA ARG C 330 16.06 24.22 -9.22
C ARG C 330 16.92 23.37 -8.28
N ASP C 331 16.37 22.30 -7.70
CA ASP C 331 17.19 21.41 -6.90
C ASP C 331 17.86 20.31 -7.72
N PHE C 332 17.10 19.57 -8.56
CA PHE C 332 17.67 18.41 -9.22
C PHE C 332 17.25 18.26 -10.68
N GLY C 333 16.88 19.34 -11.38
CA GLY C 333 16.38 19.21 -12.73
C GLY C 333 16.88 20.34 -13.62
N GLN C 334 16.51 20.25 -14.90
CA GLN C 334 16.79 21.27 -15.89
C GLN C 334 15.47 21.81 -16.46
N GLU C 335 15.55 22.98 -17.08
CA GLU C 335 14.37 23.62 -17.65
C GLU C 335 14.12 23.07 -19.05
N GLY C 336 12.90 22.58 -19.28
CA GLY C 336 12.54 22.05 -20.57
C GLY C 336 11.65 22.99 -21.37
N ASN C 337 11.95 24.29 -21.27
CA ASN C 337 11.22 25.38 -21.93
C ASN C 337 9.73 25.39 -21.63
N ASN D 12 -9.03 -14.23 -16.07
CA ASN D 12 -9.87 -13.86 -17.20
C ASN D 12 -11.34 -14.07 -16.88
N LYS D 13 -11.73 -15.32 -16.62
CA LYS D 13 -13.12 -15.63 -16.33
C LYS D 13 -13.53 -15.15 -14.94
N LYS D 14 -12.59 -15.13 -13.99
CA LYS D 14 -12.90 -14.72 -12.63
C LYS D 14 -13.20 -13.22 -12.56
N LEU D 15 -12.41 -12.41 -13.26
CA LEU D 15 -12.60 -10.96 -13.23
C LEU D 15 -13.89 -10.56 -13.94
N ARG D 16 -14.20 -11.20 -15.08
CA ARG D 16 -15.45 -10.91 -15.77
C ARG D 16 -16.66 -11.42 -15.01
N GLY D 17 -16.53 -12.57 -14.33
CA GLY D 17 -17.62 -13.05 -13.50
C GLY D 17 -17.84 -12.20 -12.26
N ALA D 18 -16.78 -11.55 -11.76
CA ALA D 18 -16.95 -10.64 -10.64
C ALA D 18 -17.50 -9.28 -11.08
N LEU D 19 -17.17 -8.85 -12.29
CA LEU D 19 -17.59 -7.54 -12.78
C LEU D 19 -18.88 -7.58 -13.59
N SER D 20 -19.45 -8.77 -13.84
CA SER D 20 -20.73 -8.83 -14.53
C SER D 20 -21.87 -8.35 -13.65
N SER D 21 -21.71 -8.40 -12.33
CA SER D 21 -22.75 -7.94 -11.42
C SER D 21 -22.84 -6.42 -11.33
N ALA D 22 -21.83 -5.70 -11.83
CA ALA D 22 -21.86 -4.24 -11.79
C ALA D 22 -22.81 -3.66 -12.83
N ILE D 23 -23.10 -4.39 -13.91
CA ILE D 23 -24.03 -3.90 -14.91
C ILE D 23 -25.46 -4.06 -14.39
N LEU D 24 -26.23 -2.99 -14.45
CA LEU D 24 -27.63 -3.02 -14.03
C LEU D 24 -28.53 -3.12 -15.25
N SER D 25 -29.51 -4.01 -15.18
CA SER D 25 -30.49 -4.18 -16.24
C SER D 25 -31.92 -3.94 -15.76
N GLU D 26 -32.10 -3.49 -14.51
CA GLU D 26 -33.43 -3.29 -13.96
C GLU D 26 -34.09 -2.03 -14.52
N LYS D 27 -33.28 -1.03 -14.92
CA LYS D 27 -33.68 0.25 -15.50
C LYS D 27 -34.69 0.99 -14.63
N PRO D 28 -34.25 1.59 -13.51
CA PRO D 28 -35.20 2.26 -12.61
C PRO D 28 -35.82 3.49 -13.25
N ASN D 29 -37.16 3.53 -13.27
CA ASN D 29 -37.91 4.51 -14.03
C ASN D 29 -37.92 5.85 -13.28
N VAL D 30 -36.93 6.68 -13.55
CA VAL D 30 -36.88 8.07 -13.08
C VAL D 30 -36.65 8.94 -14.32
N LYS D 31 -37.67 9.69 -14.71
CA LYS D 31 -37.59 10.52 -15.90
C LYS D 31 -36.91 11.86 -15.57
N TRP D 32 -36.68 12.66 -16.62
CA TRP D 32 -36.07 13.97 -16.41
C TRP D 32 -37.03 14.95 -15.73
N GLU D 33 -38.34 14.70 -15.82
CA GLU D 33 -39.30 15.56 -15.15
C GLU D 33 -39.41 15.26 -13.66
N ASP D 34 -38.83 14.16 -13.19
CA ASP D 34 -38.86 13.82 -11.78
C ASP D 34 -37.80 14.53 -10.97
N VAL D 35 -36.96 15.34 -11.62
CA VAL D 35 -35.93 16.12 -10.93
C VAL D 35 -36.30 17.59 -11.06
N ALA D 36 -36.29 18.30 -9.93
CA ALA D 36 -36.66 19.70 -9.89
C ALA D 36 -35.42 20.58 -9.95
N GLY D 37 -35.46 21.60 -10.79
CA GLY D 37 -34.34 22.50 -10.92
C GLY D 37 -33.18 21.87 -11.69
N LEU D 38 -31.98 22.40 -11.42
CA LEU D 38 -30.71 21.93 -12.00
C LEU D 38 -30.73 21.97 -13.53
N GLU D 39 -30.95 23.18 -14.07
CA GLU D 39 -31.15 23.33 -15.50
C GLU D 39 -29.86 23.15 -16.28
N GLY D 40 -28.76 23.73 -15.79
CA GLY D 40 -27.49 23.58 -16.47
C GLY D 40 -26.94 22.18 -16.43
N ALA D 41 -27.06 21.52 -15.26
CA ALA D 41 -26.66 20.12 -15.13
C ALA D 41 -27.53 19.22 -15.99
N LYS D 42 -28.84 19.52 -16.05
CA LYS D 42 -29.76 18.76 -16.89
C LYS D 42 -29.39 18.90 -18.37
N GLU D 43 -29.04 20.12 -18.80
CA GLU D 43 -28.69 20.35 -20.19
C GLU D 43 -27.37 19.68 -20.55
N ALA D 44 -26.37 19.76 -19.66
CA ALA D 44 -25.07 19.17 -19.92
C ALA D 44 -25.14 17.65 -19.97
N LEU D 45 -25.82 17.04 -18.99
CA LEU D 45 -26.01 15.59 -19.01
C LEU D 45 -26.87 15.15 -20.17
N LYS D 46 -27.88 15.96 -20.54
CA LYS D 46 -28.77 15.62 -21.65
C LYS D 46 -28.01 15.57 -22.96
N GLU D 47 -27.18 16.59 -23.23
CA GLU D 47 -26.40 16.56 -24.47
C GLU D 47 -25.36 15.46 -24.45
N ALA D 48 -24.62 15.31 -23.33
CA ALA D 48 -23.50 14.39 -23.27
C ALA D 48 -23.91 12.92 -23.25
N VAL D 49 -25.18 12.61 -22.94
CA VAL D 49 -25.65 11.24 -23.03
C VAL D 49 -26.59 11.01 -24.23
N ILE D 50 -27.29 12.03 -24.71
CA ILE D 50 -28.29 11.85 -25.75
C ILE D 50 -27.70 12.08 -27.14
N LEU D 51 -26.95 13.17 -27.32
CA LEU D 51 -26.53 13.59 -28.66
C LEU D 51 -25.55 12.66 -29.38
N PRO D 52 -24.52 12.07 -28.74
CA PRO D 52 -23.73 11.08 -29.48
C PRO D 52 -24.47 9.78 -29.75
N VAL D 53 -25.53 9.48 -29.00
CA VAL D 53 -26.32 8.29 -29.27
C VAL D 53 -27.37 8.58 -30.35
N LYS D 54 -27.99 9.75 -30.31
CA LYS D 54 -29.06 10.07 -31.25
C LYS D 54 -28.52 10.54 -32.60
N PHE D 55 -27.66 11.57 -32.58
CA PHE D 55 -27.14 12.18 -33.81
C PHE D 55 -25.61 12.06 -33.79
N PRO D 56 -25.06 10.94 -34.27
CA PRO D 56 -23.60 10.79 -34.27
C PRO D 56 -22.91 11.55 -35.38
N HIS D 57 -23.64 12.11 -36.34
CA HIS D 57 -23.04 12.87 -37.43
C HIS D 57 -22.69 14.30 -37.06
N LEU D 58 -23.08 14.75 -35.86
CA LEU D 58 -22.75 16.11 -35.43
C LEU D 58 -21.35 16.20 -34.85
N PHE D 59 -20.82 15.10 -34.33
CA PHE D 59 -19.48 15.04 -33.76
C PHE D 59 -18.60 14.24 -34.72
N LYS D 60 -18.03 14.92 -35.70
CA LYS D 60 -17.17 14.29 -36.70
C LYS D 60 -15.85 15.05 -36.76
N GLY D 61 -14.80 14.46 -36.21
CA GLY D 61 -13.48 15.04 -36.31
C GLY D 61 -13.10 15.99 -35.20
N ASN D 62 -13.26 17.29 -35.45
CA ASN D 62 -12.76 18.31 -34.53
C ASN D 62 -13.62 18.41 -33.28
N ARG D 63 -14.90 18.10 -33.36
CA ARG D 63 -15.81 18.21 -32.23
C ARG D 63 -16.01 16.84 -31.59
N LYS D 64 -15.72 16.76 -30.29
CA LYS D 64 -15.82 15.53 -29.52
C LYS D 64 -16.73 15.76 -28.32
N PRO D 65 -17.45 14.72 -27.87
CA PRO D 65 -18.31 14.89 -26.70
C PRO D 65 -17.52 14.93 -25.41
N THR D 66 -18.24 15.18 -24.32
CA THR D 66 -17.64 15.25 -23.00
C THR D 66 -17.24 13.86 -22.52
N SER D 67 -16.07 13.76 -21.89
CA SER D 67 -15.49 12.49 -21.47
C SER D 67 -15.31 12.46 -19.95
N GLY D 68 -16.33 12.88 -19.22
CA GLY D 68 -16.30 12.84 -17.78
C GLY D 68 -16.94 14.04 -17.13
N ILE D 69 -17.90 13.80 -16.24
CA ILE D 69 -18.68 14.85 -15.57
C ILE D 69 -18.66 14.57 -14.07
N LEU D 70 -18.28 15.58 -13.29
CA LEU D 70 -18.29 15.48 -11.84
C LEU D 70 -19.49 16.24 -11.29
N LEU D 71 -20.29 15.56 -10.46
CA LEU D 71 -21.47 16.16 -9.85
C LEU D 71 -21.21 16.25 -8.34
N TYR D 72 -20.83 17.43 -7.89
CA TYR D 72 -20.49 17.65 -6.48
C TYR D 72 -21.51 18.57 -5.83
N GLY D 73 -21.49 18.59 -4.50
CA GLY D 73 -22.39 19.43 -3.75
C GLY D 73 -22.67 18.89 -2.35
N PRO D 74 -23.67 19.45 -1.68
CA PRO D 74 -24.05 18.97 -0.35
C PRO D 74 -24.69 17.59 -0.44
N PRO D 75 -24.66 16.81 0.65
CA PRO D 75 -25.26 15.47 0.61
C PRO D 75 -26.78 15.55 0.61
N GLY D 76 -27.40 14.74 -0.24
CA GLY D 76 -28.85 14.73 -0.35
C GLY D 76 -29.37 15.90 -1.16
N THR D 77 -28.92 16.01 -2.41
CA THR D 77 -29.32 17.13 -3.25
C THR D 77 -29.82 16.60 -4.61
N GLY D 78 -29.74 15.30 -4.80
CA GLY D 78 -30.23 14.69 -6.02
C GLY D 78 -29.17 14.28 -7.00
N LYS D 79 -27.94 14.02 -6.54
CA LYS D 79 -26.87 13.60 -7.43
C LYS D 79 -27.09 12.17 -7.92
N SER D 80 -27.34 11.24 -6.99
CA SER D 80 -27.65 9.87 -7.38
C SER D 80 -29.01 9.78 -8.07
N TYR D 81 -29.93 10.70 -7.76
CA TYR D 81 -31.20 10.74 -8.49
C TYR D 81 -31.00 11.20 -9.93
N LEU D 82 -30.09 12.15 -10.15
CA LEU D 82 -29.77 12.57 -11.51
C LEU D 82 -29.05 11.47 -12.26
N ALA D 83 -28.19 10.71 -11.57
CA ALA D 83 -27.56 9.54 -12.18
C ALA D 83 -28.58 8.45 -12.50
N LYS D 84 -29.62 8.31 -11.67
CA LYS D 84 -30.71 7.38 -11.97
C LYS D 84 -31.50 7.84 -13.19
N ALA D 85 -31.67 9.16 -13.35
CA ALA D 85 -32.35 9.68 -14.53
C ALA D 85 -31.54 9.44 -15.80
N VAL D 86 -30.20 9.59 -15.71
CA VAL D 86 -29.32 9.28 -16.83
C VAL D 86 -29.36 7.79 -17.15
N ALA D 87 -29.35 6.94 -16.12
CA ALA D 87 -29.43 5.49 -16.34
C ALA D 87 -30.78 5.07 -16.89
N THR D 88 -31.83 5.85 -16.62
CA THR D 88 -33.15 5.54 -17.17
C THR D 88 -33.23 5.92 -18.64
N GLU D 89 -32.99 7.19 -18.95
CA GLU D 89 -33.11 7.64 -20.34
C GLU D 89 -31.76 7.76 -21.04
N ALA D 90 -30.84 6.83 -20.77
CA ALA D 90 -29.56 6.81 -21.46
C ALA D 90 -29.59 5.96 -22.72
N ASN D 91 -30.35 4.84 -22.68
CA ASN D 91 -30.41 3.83 -23.75
C ASN D 91 -29.01 3.30 -24.09
N SER D 92 -28.20 3.08 -23.07
CA SER D 92 -26.84 2.58 -23.22
C SER D 92 -26.49 1.74 -22.01
N THR D 93 -25.29 1.16 -22.04
CA THR D 93 -24.84 0.30 -20.95
C THR D 93 -24.40 1.17 -19.77
N PHE D 94 -24.91 0.84 -18.58
CA PHE D 94 -24.65 1.61 -17.36
C PHE D 94 -23.87 0.73 -16.39
N PHE D 95 -22.70 1.21 -15.96
CA PHE D 95 -21.85 0.52 -15.00
C PHE D 95 -21.93 1.27 -13.67
N SER D 96 -22.46 0.62 -12.66
CA SER D 96 -22.58 1.19 -11.31
C SER D 96 -21.58 0.47 -10.42
N VAL D 97 -20.40 1.04 -10.27
CA VAL D 97 -19.33 0.45 -9.47
C VAL D 97 -19.20 1.23 -8.17
N SER D 98 -18.53 0.62 -7.21
CA SER D 98 -18.31 1.22 -5.90
C SER D 98 -16.99 0.71 -5.36
N SER D 99 -16.76 0.90 -4.06
CA SER D 99 -15.49 0.50 -3.46
C SER D 99 -15.38 -1.01 -3.27
N SER D 100 -16.50 -1.69 -3.04
CA SER D 100 -16.46 -3.12 -2.77
C SER D 100 -16.27 -3.96 -4.03
N ASP D 101 -16.48 -3.39 -5.22
CA ASP D 101 -16.34 -4.14 -6.45
C ASP D 101 -14.97 -4.01 -7.10
N LEU D 102 -14.22 -2.95 -6.77
CA LEU D 102 -12.89 -2.73 -7.34
C LEU D 102 -11.78 -3.18 -6.40
N VAL D 103 -11.88 -2.85 -5.12
CA VAL D 103 -10.82 -3.18 -4.17
C VAL D 103 -10.90 -4.66 -3.81
N SER D 104 -9.77 -5.36 -3.92
CA SER D 104 -9.68 -6.78 -3.63
C SER D 104 -8.64 -7.03 -2.55
N LYS D 105 -8.59 -8.27 -2.07
CA LYS D 105 -7.69 -8.66 -1.00
C LYS D 105 -6.28 -8.97 -1.48
N TRP D 106 -6.14 -9.54 -2.68
CA TRP D 106 -4.85 -10.00 -3.16
C TRP D 106 -3.98 -8.82 -3.57
N MET D 107 -2.71 -9.11 -3.85
CA MET D 107 -1.72 -8.10 -4.24
C MET D 107 -1.79 -7.91 -5.74
N GLY D 108 -2.09 -6.69 -6.18
CA GLY D 108 -2.19 -6.41 -7.59
C GLY D 108 -3.43 -6.97 -8.25
N GLU D 109 -4.58 -6.88 -7.57
CA GLU D 109 -5.84 -7.36 -8.10
C GLU D 109 -6.85 -6.25 -8.37
N SER D 110 -6.75 -5.13 -7.66
CA SER D 110 -7.68 -4.01 -7.88
C SER D 110 -7.40 -3.31 -9.19
N GLU D 111 -6.12 -3.19 -9.57
CA GLU D 111 -5.76 -2.54 -10.82
C GLU D 111 -6.20 -3.36 -12.02
N LYS D 112 -6.08 -4.68 -11.93
CA LYS D 112 -6.60 -5.55 -12.98
C LYS D 112 -8.13 -5.48 -13.05
N LEU D 113 -8.79 -5.25 -11.92
CA LEU D 113 -10.24 -5.11 -11.93
C LEU D 113 -10.66 -3.80 -12.59
N VAL D 114 -9.94 -2.71 -12.34
CA VAL D 114 -10.24 -1.43 -12.99
C VAL D 114 -9.96 -1.53 -14.49
N LYS D 115 -8.87 -2.20 -14.87
CA LYS D 115 -8.54 -2.38 -16.29
C LYS D 115 -9.59 -3.25 -16.99
N GLN D 116 -10.06 -4.31 -16.32
CA GLN D 116 -11.09 -5.16 -16.91
C GLN D 116 -12.44 -4.45 -16.97
N LEU D 117 -12.72 -3.57 -16.01
CA LEU D 117 -13.95 -2.78 -16.03
C LEU D 117 -13.96 -1.83 -17.22
N PHE D 118 -12.85 -1.11 -17.45
CA PHE D 118 -12.78 -0.21 -18.58
C PHE D 118 -12.72 -0.96 -19.91
N ALA D 119 -12.11 -2.15 -19.92
CA ALA D 119 -12.10 -2.96 -21.14
C ALA D 119 -13.48 -3.54 -21.45
N MET D 120 -14.28 -3.85 -20.43
CA MET D 120 -15.64 -4.29 -20.65
C MET D 120 -16.53 -3.13 -21.08
N ALA D 121 -16.26 -1.93 -20.57
CA ALA D 121 -17.02 -0.76 -20.99
C ALA D 121 -16.65 -0.31 -22.40
N ARG D 122 -15.42 -0.57 -22.85
CA ARG D 122 -15.03 -0.20 -24.21
C ARG D 122 -15.56 -1.17 -25.25
N GLU D 123 -15.89 -2.40 -24.86
CA GLU D 123 -16.47 -3.36 -25.81
C GLU D 123 -17.94 -3.09 -26.07
N ASN D 124 -18.61 -2.34 -25.20
CA ASN D 124 -20.03 -2.08 -25.33
C ASN D 124 -20.30 -0.60 -25.54
N LYS D 125 -19.54 0.02 -26.44
CA LYS D 125 -19.69 1.45 -26.67
C LYS D 125 -21.01 1.73 -27.38
N PRO D 126 -21.78 2.75 -26.94
CA PRO D 126 -21.46 3.67 -25.84
C PRO D 126 -21.81 3.13 -24.45
N SER D 127 -21.01 3.49 -23.45
CA SER D 127 -21.21 3.01 -22.10
C SER D 127 -21.01 4.15 -21.12
N ILE D 128 -21.62 4.02 -19.95
CA ILE D 128 -21.48 4.98 -18.87
C ILE D 128 -20.95 4.24 -17.64
N ILE D 129 -19.93 4.82 -17.01
CA ILE D 129 -19.37 4.29 -15.78
C ILE D 129 -19.66 5.30 -14.68
N PHE D 130 -20.55 4.95 -13.77
CA PHE D 130 -20.93 5.83 -12.65
C PHE D 130 -20.17 5.36 -11.42
N ILE D 131 -18.98 5.92 -11.22
CA ILE D 131 -18.21 5.68 -10.01
C ILE D 131 -18.81 6.54 -8.90
N ASP D 132 -19.66 5.94 -8.07
CA ASP D 132 -20.23 6.68 -6.96
C ASP D 132 -19.20 6.83 -5.85
N GLU D 133 -19.17 8.03 -5.25
CA GLU D 133 -18.28 8.40 -4.15
C GLU D 133 -16.81 8.23 -4.54
N VAL D 134 -16.39 9.09 -5.47
CA VAL D 134 -15.00 9.08 -5.95
C VAL D 134 -14.03 9.57 -4.89
N ASP D 135 -14.53 10.26 -3.86
CA ASP D 135 -13.66 10.71 -2.77
C ASP D 135 -13.12 9.54 -1.93
N ALA D 136 -13.81 8.41 -1.91
CA ALA D 136 -13.35 7.23 -1.19
C ALA D 136 -12.27 6.47 -1.94
N LEU D 137 -12.10 6.72 -3.24
CA LEU D 137 -11.06 6.10 -4.03
C LEU D 137 -9.97 7.05 -4.49
N THR D 138 -10.11 8.35 -4.21
CA THR D 138 -9.12 9.35 -4.56
C THR D 138 -8.82 10.19 -3.32
N GLY D 139 -7.59 10.11 -2.84
CA GLY D 139 -7.20 10.81 -1.62
C GLY D 139 -5.93 11.62 -1.77
N THR D 140 -5.78 12.26 -2.94
CA THR D 140 -4.79 13.26 -3.35
C THR D 140 -3.33 12.81 -3.22
N ARG D 141 -3.10 11.52 -2.94
CA ARG D 141 -1.78 10.86 -2.93
C ARG D 141 -0.79 11.55 -1.98
N GLY D 142 -1.29 12.05 -0.85
CA GLY D 142 -0.44 12.75 0.08
C GLY D 142 0.07 11.92 1.24
N GLU D 143 -0.83 11.28 1.97
CA GLU D 143 -0.45 10.58 3.20
C GLU D 143 -1.16 9.25 3.42
N GLY D 144 -1.99 8.80 2.49
CA GLY D 144 -2.80 7.62 2.69
C GLY D 144 -2.00 6.32 2.59
N GLU D 145 -2.74 5.23 2.42
CA GLU D 145 -2.12 3.92 2.29
C GLU D 145 -1.42 3.82 0.94
N SER D 146 -0.16 3.36 0.99
CA SER D 146 0.74 3.47 -0.16
C SER D 146 0.28 2.60 -1.32
N GLU D 147 0.13 1.30 -1.09
CA GLU D 147 -0.24 0.34 -2.13
C GLU D 147 -1.59 0.68 -2.74
N ALA D 148 -2.63 0.72 -1.89
CA ALA D 148 -4.00 0.96 -2.34
C ALA D 148 -4.15 2.31 -3.03
N SER D 149 -3.73 3.38 -2.33
CA SER D 149 -3.83 4.75 -2.83
C SER D 149 -3.09 4.96 -4.14
N ARG D 150 -1.75 4.74 -4.13
CA ARG D 150 -0.95 5.01 -5.31
C ARG D 150 -1.31 4.10 -6.47
N ARG D 151 -1.54 2.80 -6.23
CA ARG D 151 -1.78 1.89 -7.34
C ARG D 151 -3.18 2.06 -7.94
N ILE D 152 -4.21 2.26 -7.11
CA ILE D 152 -5.55 2.44 -7.64
C ILE D 152 -5.68 3.79 -8.34
N LYS D 153 -5.11 4.85 -7.76
CA LYS D 153 -5.18 6.15 -8.41
C LYS D 153 -4.34 6.20 -9.68
N THR D 154 -3.19 5.49 -9.70
CA THR D 154 -2.36 5.44 -10.89
C THR D 154 -3.05 4.65 -12.00
N GLU D 155 -3.70 3.53 -11.65
CA GLU D 155 -4.45 2.77 -12.63
C GLU D 155 -5.64 3.56 -13.18
N LEU D 156 -6.30 4.37 -12.33
CA LEU D 156 -7.38 5.21 -12.81
C LEU D 156 -6.88 6.30 -13.76
N LEU D 157 -5.76 6.94 -13.41
CA LEU D 157 -5.21 8.01 -14.25
C LEU D 157 -4.70 7.47 -15.58
N VAL D 158 -4.15 6.26 -15.59
CA VAL D 158 -3.71 5.66 -16.84
C VAL D 158 -4.91 5.15 -17.64
N GLN D 159 -5.93 4.61 -16.97
CA GLN D 159 -7.03 3.98 -17.69
C GLN D 159 -8.06 4.96 -18.20
N MET D 160 -8.08 6.20 -17.68
CA MET D 160 -9.06 7.17 -18.16
C MET D 160 -8.73 7.64 -19.57
N ASN D 161 -7.57 8.26 -19.78
CA ASN D 161 -7.12 8.60 -21.12
C ASN D 161 -5.84 7.87 -21.53
N GLY D 162 -4.75 8.02 -20.77
CA GLY D 162 -3.52 7.27 -21.01
C GLY D 162 -2.88 7.54 -22.35
N VAL D 163 -2.25 6.49 -22.90
CA VAL D 163 -1.60 6.58 -24.21
C VAL D 163 -2.20 5.53 -25.14
N GLY D 164 -2.12 4.27 -24.75
CA GLY D 164 -2.61 3.18 -25.59
C GLY D 164 -3.98 2.67 -25.21
N ASN D 165 -4.88 3.59 -24.85
CA ASN D 165 -6.24 3.23 -24.43
C ASN D 165 -7.29 3.66 -25.44
N ASP D 166 -7.29 4.95 -25.83
CA ASP D 166 -8.23 5.56 -26.77
C ASP D 166 -9.68 5.38 -26.30
N SER D 167 -9.96 6.00 -25.16
CA SER D 167 -11.29 5.94 -24.58
C SER D 167 -12.25 6.84 -25.33
N GLN D 168 -12.87 6.31 -26.38
CA GLN D 168 -13.88 7.02 -27.17
C GLN D 168 -15.20 6.30 -27.02
N GLY D 169 -16.23 7.04 -26.59
CA GLY D 169 -17.53 6.46 -26.37
C GLY D 169 -17.80 6.02 -24.95
N VAL D 170 -17.07 6.53 -23.97
CA VAL D 170 -17.31 6.24 -22.57
C VAL D 170 -17.58 7.55 -21.83
N LEU D 171 -18.07 7.42 -20.61
CA LEU D 171 -18.37 8.58 -19.78
C LEU D 171 -18.20 8.19 -18.33
N VAL D 172 -17.35 8.91 -17.61
CA VAL D 172 -17.03 8.61 -16.22
C VAL D 172 -17.83 9.59 -15.37
N LEU D 173 -19.01 9.18 -14.95
CA LEU D 173 -19.83 9.99 -14.08
C LEU D 173 -19.37 9.84 -12.63
N GLY D 174 -19.14 10.97 -11.97
CA GLY D 174 -18.69 10.95 -10.60
C GLY D 174 -19.54 11.82 -9.69
N ALA D 175 -19.88 11.30 -8.52
CA ALA D 175 -20.70 12.03 -7.55
C ALA D 175 -20.00 12.01 -6.21
N THR D 176 -19.62 13.18 -5.71
CA THR D 176 -18.91 13.28 -4.43
C THR D 176 -19.51 14.40 -3.60
N ASN D 177 -19.24 14.34 -2.30
CA ASN D 177 -19.67 15.36 -1.35
C ASN D 177 -18.55 16.25 -0.86
N ILE D 178 -17.31 15.76 -0.88
CA ILE D 178 -16.14 16.54 -0.48
C ILE D 178 -15.17 16.64 -1.66
N PRO D 179 -15.43 17.51 -2.63
CA PRO D 179 -14.59 17.55 -3.84
C PRO D 179 -13.26 18.24 -3.65
N TRP D 180 -13.05 18.97 -2.55
CA TRP D 180 -11.76 19.61 -2.30
C TRP D 180 -10.71 18.63 -1.81
N GLN D 181 -11.11 17.41 -1.43
CA GLN D 181 -10.18 16.36 -1.02
C GLN D 181 -9.85 15.41 -2.17
N LEU D 182 -9.95 15.89 -3.41
CA LEU D 182 -9.63 15.10 -4.59
C LEU D 182 -8.28 15.52 -5.14
N ASP D 183 -7.67 14.61 -5.91
CA ASP D 183 -6.36 14.88 -6.49
C ASP D 183 -6.47 15.90 -7.61
N SER D 184 -5.37 16.63 -7.84
CA SER D 184 -5.33 17.62 -8.92
C SER D 184 -5.41 16.95 -10.29
N ALA D 185 -4.77 15.79 -10.43
CA ALA D 185 -4.85 15.05 -11.68
C ALA D 185 -6.25 14.49 -11.92
N ILE D 186 -6.96 14.11 -10.87
CA ILE D 186 -8.33 13.62 -11.01
C ILE D 186 -9.28 14.76 -11.35
N ARG D 187 -9.07 15.93 -10.74
CA ARG D 187 -9.85 17.11 -11.09
C ARG D 187 -9.57 17.57 -12.52
N ARG D 188 -8.34 17.34 -13.00
CA ARG D 188 -8.05 17.56 -14.41
C ARG D 188 -8.75 16.52 -15.29
N ARG D 189 -8.84 15.28 -14.82
CA ARG D 189 -9.51 14.22 -15.58
C ARG D 189 -10.99 14.50 -15.78
N PHE D 190 -11.68 14.90 -14.71
CA PHE D 190 -13.09 15.25 -14.79
C PHE D 190 -13.21 16.61 -15.45
N GLU D 191 -13.81 16.64 -16.64
CA GLU D 191 -13.83 17.87 -17.44
C GLU D 191 -14.81 18.88 -16.88
N ARG D 192 -16.06 18.48 -16.66
CA ARG D 192 -17.12 19.36 -16.21
C ARG D 192 -17.39 19.10 -14.73
N ARG D 193 -17.02 20.05 -13.88
CA ARG D 193 -17.28 19.99 -12.46
C ARG D 193 -18.52 20.84 -12.19
N ILE D 194 -19.68 20.20 -12.21
CA ILE D 194 -20.96 20.90 -12.12
C ILE D 194 -21.39 20.97 -10.66
N TYR D 195 -21.66 22.18 -10.18
CA TYR D 195 -22.15 22.38 -8.82
C TYR D 195 -23.63 22.06 -8.75
N ILE D 196 -24.02 21.31 -7.74
CA ILE D 196 -25.42 21.02 -7.46
C ILE D 196 -25.81 21.78 -6.19
N PRO D 197 -26.29 23.02 -6.30
CA PRO D 197 -26.55 23.81 -5.09
C PRO D 197 -27.87 23.46 -4.43
N LEU D 198 -28.19 24.14 -3.34
CA LEU D 198 -29.46 23.92 -2.66
C LEU D 198 -30.61 24.47 -3.50
N PRO D 199 -31.76 23.79 -3.49
CA PRO D 199 -32.86 24.20 -4.36
C PRO D 199 -33.52 25.49 -3.90
N ASP D 200 -34.09 26.20 -4.87
CA ASP D 200 -34.77 27.46 -4.64
C ASP D 200 -36.27 27.21 -4.48
N LEU D 201 -37.06 28.30 -4.50
CA LEU D 201 -38.49 28.21 -4.23
C LEU D 201 -39.23 27.46 -5.33
N ALA D 202 -38.85 27.68 -6.59
CA ALA D 202 -39.51 26.99 -7.70
C ALA D 202 -39.21 25.50 -7.69
N ALA D 203 -37.96 25.12 -7.36
CA ALA D 203 -37.63 23.70 -7.25
C ALA D 203 -38.28 23.06 -6.03
N ARG D 204 -38.47 23.83 -4.96
CA ARG D 204 -39.18 23.30 -3.79
C ARG D 204 -40.65 23.04 -4.11
N THR D 205 -41.30 23.97 -4.81
CA THR D 205 -42.69 23.78 -5.20
C THR D 205 -42.84 22.65 -6.21
N THR D 206 -41.86 22.50 -7.11
CA THR D 206 -41.88 21.39 -8.06
C THR D 206 -41.67 20.06 -7.37
N MET D 207 -40.80 20.01 -6.36
CA MET D 207 -40.60 18.78 -5.59
C MET D 207 -41.84 18.42 -4.79
N PHE D 208 -42.55 19.42 -4.24
CA PHE D 208 -43.81 19.15 -3.57
C PHE D 208 -44.86 18.64 -4.54
N GLU D 209 -44.91 19.21 -5.75
CA GLU D 209 -45.90 18.80 -6.74
C GLU D 209 -45.62 17.41 -7.30
N ILE D 210 -44.35 16.99 -7.34
CA ILE D 210 -44.06 15.63 -7.79
C ILE D 210 -44.05 14.62 -6.64
N ASN D 211 -43.96 15.09 -5.40
CA ASN D 211 -43.99 14.18 -4.27
C ASN D 211 -45.39 13.95 -3.73
N VAL D 212 -46.34 14.85 -4.03
CA VAL D 212 -47.71 14.61 -3.61
C VAL D 212 -48.33 13.46 -4.41
N GLY D 213 -47.91 13.29 -5.66
CA GLY D 213 -48.37 12.16 -6.45
C GLY D 213 -49.80 12.34 -6.91
N ASP D 214 -50.60 11.28 -6.76
CA ASP D 214 -52.01 11.29 -7.14
C ASP D 214 -52.91 11.02 -5.94
N THR D 215 -52.43 11.33 -4.74
CA THR D 215 -53.22 11.13 -3.54
C THR D 215 -54.28 12.23 -3.42
N PRO D 216 -55.46 11.92 -2.85
CA PRO D 216 -56.47 12.97 -2.65
C PRO D 216 -56.05 14.03 -1.64
N CYS D 217 -55.98 15.29 -2.09
CA CYS D 217 -55.59 16.39 -1.23
C CYS D 217 -56.33 17.65 -1.65
N VAL D 218 -56.40 18.61 -0.74
CA VAL D 218 -57.05 19.89 -0.99
C VAL D 218 -56.04 21.00 -1.25
N LEU D 219 -54.76 20.67 -1.33
CA LEU D 219 -53.72 21.67 -1.52
C LEU D 219 -53.74 22.20 -2.96
N THR D 220 -53.48 23.49 -3.09
CA THR D 220 -53.53 24.18 -4.37
C THR D 220 -52.15 24.74 -4.71
N LYS D 221 -52.11 25.54 -5.78
CA LYS D 221 -50.84 26.11 -6.25
C LYS D 221 -50.29 27.14 -5.25
N GLU D 222 -51.17 28.00 -4.71
CA GLU D 222 -50.74 28.93 -3.68
C GLU D 222 -50.40 28.23 -2.37
N ASP D 223 -51.05 27.10 -2.08
CA ASP D 223 -50.69 26.31 -0.92
C ASP D 223 -49.29 25.71 -1.07
N TYR D 224 -48.98 25.21 -2.26
CA TYR D 224 -47.64 24.70 -2.53
C TYR D 224 -46.59 25.81 -2.52
N ARG D 225 -46.97 27.00 -2.98
CA ARG D 225 -46.05 28.14 -2.95
C ARG D 225 -45.76 28.59 -1.52
N THR D 226 -46.78 28.60 -0.66
CA THR D 226 -46.56 28.95 0.74
C THR D 226 -45.75 27.87 1.46
N LEU D 227 -45.98 26.60 1.12
CA LEU D 227 -45.19 25.51 1.69
C LEU D 227 -43.73 25.62 1.27
N GLY D 228 -43.47 25.88 -0.01
CA GLY D 228 -42.12 26.06 -0.48
C GLY D 228 -41.43 27.30 0.09
N ALA D 229 -42.22 28.34 0.40
CA ALA D 229 -41.66 29.47 1.12
C ALA D 229 -41.32 29.10 2.57
N MET D 230 -42.11 28.21 3.18
CA MET D 230 -41.83 27.83 4.56
C MET D 230 -40.66 26.85 4.69
N THR D 231 -40.38 26.04 3.67
CA THR D 231 -39.32 25.04 3.80
C THR D 231 -37.97 25.52 3.27
N GLU D 232 -37.68 26.82 3.36
CA GLU D 232 -36.40 27.34 2.93
C GLU D 232 -35.28 26.87 3.85
N GLY D 233 -34.11 26.61 3.26
CA GLY D 233 -33.00 26.06 3.99
C GLY D 233 -32.98 24.55 4.09
N TYR D 234 -33.89 23.87 3.40
CA TYR D 234 -33.99 22.42 3.43
C TYR D 234 -33.41 21.85 2.14
N SER D 235 -33.52 20.53 1.98
CA SER D 235 -33.02 19.84 0.80
C SER D 235 -34.08 18.86 0.30
N GLY D 236 -33.72 18.12 -0.75
CA GLY D 236 -34.67 17.22 -1.38
C GLY D 236 -35.03 16.03 -0.53
N SER D 237 -34.07 15.50 0.23
CA SER D 237 -34.37 14.41 1.15
C SER D 237 -35.26 14.88 2.29
N ASP D 238 -35.07 16.13 2.74
CA ASP D 238 -35.95 16.69 3.77
C ASP D 238 -37.36 16.91 3.23
N ILE D 239 -37.48 17.33 1.98
CA ILE D 239 -38.80 17.49 1.37
C ILE D 239 -39.48 16.13 1.20
N ALA D 240 -38.71 15.10 0.82
CA ALA D 240 -39.26 13.76 0.71
C ALA D 240 -39.70 13.19 2.06
N VAL D 241 -38.95 13.48 3.12
CA VAL D 241 -39.33 12.89 4.41
C VAL D 241 -40.48 13.68 5.04
N VAL D 242 -40.62 14.99 4.76
CA VAL D 242 -41.81 15.67 5.26
C VAL D 242 -43.04 15.29 4.45
N VAL D 243 -42.87 14.94 3.18
CA VAL D 243 -43.99 14.43 2.40
C VAL D 243 -44.41 13.04 2.90
N LYS D 244 -43.44 12.19 3.23
CA LYS D 244 -43.76 10.88 3.80
C LYS D 244 -44.38 10.99 5.19
N ASP D 245 -43.93 11.97 5.99
CA ASP D 245 -44.51 12.16 7.32
C ASP D 245 -45.93 12.70 7.23
N ALA D 246 -46.18 13.64 6.32
CA ALA D 246 -47.53 14.13 6.10
C ALA D 246 -48.43 13.08 5.47
N LEU D 247 -47.85 12.10 4.76
CA LEU D 247 -48.66 11.00 4.24
C LEU D 247 -48.96 9.97 5.32
N MET D 248 -48.07 9.82 6.30
CA MET D 248 -48.28 8.90 7.41
C MET D 248 -49.10 9.49 8.55
N GLN D 249 -49.27 10.82 8.59
CA GLN D 249 -50.15 11.43 9.58
C GLN D 249 -51.61 11.00 9.52
N PRO D 250 -52.27 10.82 8.36
CA PRO D 250 -53.64 10.25 8.41
C PRO D 250 -53.69 8.81 8.89
N ILE D 251 -52.63 8.03 8.68
CA ILE D 251 -52.60 6.69 9.25
C ILE D 251 -52.42 6.73 10.76
N ARG D 252 -51.70 7.72 11.28
CA ARG D 252 -51.64 7.93 12.72
C ARG D 252 -52.98 8.35 13.28
N LYS D 253 -53.74 9.15 12.50
CA LYS D 253 -55.09 9.50 12.92
C LYS D 253 -56.03 8.30 12.84
N ILE D 254 -55.77 7.36 11.93
CA ILE D 254 -56.52 6.11 11.87
C ILE D 254 -56.25 5.27 13.11
N GLN D 255 -54.98 5.10 13.45
CA GLN D 255 -54.61 4.19 14.53
C GLN D 255 -54.95 4.76 15.90
N SER D 256 -54.72 6.06 16.10
CA SER D 256 -54.98 6.69 17.39
C SER D 256 -56.37 7.31 17.44
N ALA D 257 -57.38 6.45 17.27
CA ALA D 257 -58.77 6.88 17.30
C ALA D 257 -59.64 5.72 17.74
N THR D 258 -60.61 6.02 18.61
CA THR D 258 -61.58 5.03 19.08
C THR D 258 -62.96 5.22 18.48
N HIS D 259 -63.44 6.45 18.39
CA HIS D 259 -64.76 6.72 17.84
C HIS D 259 -64.69 6.77 16.32
N PHE D 260 -65.49 5.95 15.66
CA PHE D 260 -65.52 5.84 14.21
C PHE D 260 -66.91 6.24 13.70
N LYS D 261 -67.04 6.32 12.37
CA LYS D 261 -68.27 6.79 11.75
C LYS D 261 -68.36 6.27 10.33
N ASP D 262 -69.50 5.69 9.98
CA ASP D 262 -69.75 5.22 8.62
C ASP D 262 -70.55 6.29 7.88
N VAL D 263 -69.93 6.91 6.88
CA VAL D 263 -70.57 7.94 6.08
C VAL D 263 -70.95 7.35 4.73
N SER D 264 -72.03 7.88 4.14
CA SER D 264 -72.67 7.42 2.88
C SER D 264 -72.91 5.92 2.84
N GLU D 269 -70.32 4.57 0.18
CA GLU D 269 -70.71 3.46 -0.67
C GLU D 269 -70.06 2.15 -0.20
N THR D 270 -70.92 1.23 0.25
CA THR D 270 -70.58 -0.08 0.81
C THR D 270 -69.62 0.10 1.98
N ARG D 271 -70.08 0.83 3.00
CA ARG D 271 -69.42 1.04 4.30
C ARG D 271 -68.04 1.68 4.13
N LYS D 272 -68.05 2.91 3.62
CA LYS D 272 -66.84 3.73 3.55
C LYS D 272 -66.68 4.46 4.88
N LEU D 273 -66.06 3.77 5.83
CA LEU D 273 -65.99 4.21 7.22
C LEU D 273 -64.77 5.08 7.46
N THR D 274 -64.92 6.07 8.34
CA THR D 274 -63.90 7.05 8.66
C THR D 274 -63.92 7.32 10.17
N PRO D 275 -62.80 7.77 10.73
CA PRO D 275 -62.81 8.22 12.13
C PRO D 275 -63.55 9.54 12.27
N CYS D 276 -63.86 9.87 13.52
CA CYS D 276 -64.60 11.08 13.85
C CYS D 276 -64.26 11.50 15.27
N SER D 277 -64.90 12.57 15.71
CA SER D 277 -64.75 13.08 17.07
C SER D 277 -65.58 12.21 18.02
N PRO D 278 -65.26 12.22 19.32
CA PRO D 278 -66.13 11.53 20.28
C PRO D 278 -67.47 12.24 20.45
N GLY D 279 -68.51 11.64 19.86
CA GLY D 279 -69.82 12.24 19.83
C GLY D 279 -70.13 12.86 18.47
N ASP D 280 -70.87 12.14 17.64
CA ASP D 280 -71.22 12.56 16.29
C ASP D 280 -72.46 11.79 15.86
N ASP D 281 -72.77 11.88 14.57
CA ASP D 281 -73.85 11.09 13.98
C ASP D 281 -73.37 9.67 13.75
N GLY D 282 -73.78 8.75 14.62
CA GLY D 282 -73.33 7.38 14.55
C GLY D 282 -71.89 7.21 15.01
N ALA D 283 -71.61 7.58 16.27
CA ALA D 283 -70.27 7.49 16.83
C ALA D 283 -70.00 6.08 17.36
N ILE D 284 -69.84 5.14 16.42
CA ILE D 284 -69.59 3.76 16.78
C ILE D 284 -68.13 3.60 17.20
N GLU D 285 -67.92 2.94 18.34
CA GLU D 285 -66.58 2.75 18.89
C GLU D 285 -66.13 1.32 18.62
N MET D 286 -65.16 1.17 17.73
CA MET D 286 -64.58 -0.13 17.40
C MET D 286 -63.10 0.08 17.06
N SER D 287 -62.48 -0.93 16.47
CA SER D 287 -61.05 -0.91 16.22
C SER D 287 -60.76 -1.17 14.73
N TRP D 288 -59.59 -0.73 14.30
CA TRP D 288 -59.15 -0.97 12.92
C TRP D 288 -58.81 -2.43 12.68
N THR D 289 -58.51 -3.20 13.73
CA THR D 289 -58.40 -4.64 13.59
C THR D 289 -59.76 -5.28 13.32
N ASP D 290 -60.82 -4.71 13.89
CA ASP D 290 -62.17 -5.13 13.55
C ASP D 290 -62.60 -4.60 12.18
N ILE D 291 -61.99 -3.52 11.71
CA ILE D 291 -62.25 -3.03 10.36
C ILE D 291 -61.59 -3.97 9.36
N GLU D 292 -62.39 -4.50 8.42
CA GLU D 292 -61.89 -5.41 7.41
C GLU D 292 -61.28 -4.63 6.24
N ALA D 293 -60.98 -5.33 5.15
CA ALA D 293 -60.46 -4.69 3.96
C ALA D 293 -61.60 -4.18 3.09
N ASP D 294 -61.25 -3.29 2.14
CA ASP D 294 -62.14 -2.65 1.17
C ASP D 294 -63.27 -1.86 1.83
N GLU D 295 -63.06 -1.38 3.06
CA GLU D 295 -64.05 -0.58 3.76
C GLU D 295 -63.44 0.57 4.54
N LEU D 296 -62.12 0.79 4.43
CA LEU D 296 -61.43 1.82 5.19
C LEU D 296 -61.29 3.06 4.32
N LYS D 297 -61.60 4.22 4.89
CA LYS D 297 -61.43 5.51 4.24
C LYS D 297 -60.57 6.40 5.11
N GLU D 298 -59.48 6.90 4.55
CA GLU D 298 -58.55 7.75 5.28
C GLU D 298 -59.06 9.20 5.31
N PRO D 299 -58.68 9.96 6.32
CA PRO D 299 -59.01 11.40 6.32
C PRO D 299 -58.24 12.14 5.24
N ASP D 300 -58.82 13.26 4.82
CA ASP D 300 -58.26 14.04 3.72
C ASP D 300 -57.08 14.88 4.20
N LEU D 301 -56.17 15.18 3.27
CA LEU D 301 -54.99 15.97 3.59
C LEU D 301 -55.33 17.45 3.67
N THR D 302 -54.48 18.19 4.38
CA THR D 302 -54.59 19.63 4.49
C THR D 302 -53.20 20.20 4.76
N ILE D 303 -53.14 21.52 4.96
CA ILE D 303 -51.87 22.19 5.19
C ILE D 303 -51.36 21.93 6.62
N LYS D 304 -52.23 21.49 7.53
CA LYS D 304 -51.83 21.30 8.92
C LYS D 304 -50.90 20.10 9.09
N ASP D 305 -51.14 19.03 8.35
CA ASP D 305 -50.26 17.85 8.44
C ASP D 305 -48.89 18.16 7.86
N PHE D 306 -48.84 18.92 6.76
CA PHE D 306 -47.57 19.32 6.17
C PHE D 306 -46.80 20.28 7.06
N LEU D 307 -47.50 21.23 7.69
CA LEU D 307 -46.84 22.13 8.64
C LEU D 307 -46.37 21.39 9.88
N LYS D 308 -47.12 20.37 10.33
CA LYS D 308 -46.69 19.57 11.47
C LYS D 308 -45.46 18.74 11.13
N ALA D 309 -45.39 18.19 9.91
CA ALA D 309 -44.21 17.45 9.49
C ALA D 309 -42.99 18.36 9.33
N ILE D 310 -43.20 19.58 8.82
CA ILE D 310 -42.11 20.54 8.68
C ILE D 310 -41.57 20.96 10.04
N LYS D 311 -42.47 21.22 10.99
CA LYS D 311 -42.05 21.53 12.36
C LYS D 311 -41.49 20.31 13.09
N SER D 312 -41.81 19.10 12.62
CA SER D 312 -41.34 17.90 13.30
C SER D 312 -39.92 17.51 12.89
N THR D 313 -39.61 17.53 11.59
CA THR D 313 -38.30 17.11 11.12
C THR D 313 -37.40 18.32 10.95
N ARG D 314 -36.17 18.23 11.48
CA ARG D 314 -35.16 19.27 11.44
C ARG D 314 -34.26 19.10 10.22
N PRO D 315 -33.68 20.18 9.71
CA PRO D 315 -32.74 20.06 8.58
C PRO D 315 -31.43 19.41 9.00
N THR D 316 -30.68 18.95 8.00
CA THR D 316 -29.44 18.23 8.23
C THR D 316 -28.20 18.95 7.73
N VAL D 317 -28.34 19.96 6.89
CA VAL D 317 -27.20 20.66 6.30
C VAL D 317 -26.79 21.81 7.22
N ASN D 318 -25.48 21.91 7.47
CA ASN D 318 -24.92 22.99 8.27
C ASN D 318 -24.62 24.19 7.38
N GLU D 319 -23.89 25.16 7.92
CA GLU D 319 -23.72 26.45 7.25
C GLU D 319 -22.26 26.82 6.95
N ASP D 320 -21.29 25.96 7.25
CA ASP D 320 -19.90 26.20 6.92
C ASP D 320 -19.41 25.35 5.75
N ASP D 321 -19.93 24.12 5.63
CA ASP D 321 -19.61 23.30 4.47
C ASP D 321 -20.22 23.90 3.20
N LEU D 322 -21.32 24.65 3.33
CA LEU D 322 -21.83 25.41 2.19
C LEU D 322 -20.87 26.49 1.76
N LEU D 323 -20.18 27.13 2.72
CA LEU D 323 -19.16 28.12 2.37
C LEU D 323 -17.96 27.46 1.71
N LYS D 324 -17.59 26.26 2.17
CA LYS D 324 -16.49 25.53 1.53
C LYS D 324 -16.87 25.08 0.12
N GLN D 325 -18.12 24.67 -0.09
CA GLN D 325 -18.60 24.29 -1.41
C GLN D 325 -18.65 25.49 -2.34
N GLU D 326 -19.04 26.67 -1.82
CA GLU D 326 -19.01 27.89 -2.61
C GLU D 326 -17.59 28.31 -2.97
N GLN D 327 -16.65 28.08 -2.04
CA GLN D 327 -15.25 28.38 -2.33
C GLN D 327 -14.70 27.47 -3.42
N PHE D 328 -15.02 26.18 -3.35
CA PHE D 328 -14.59 25.25 -4.41
C PHE D 328 -15.28 25.54 -5.73
N THR D 329 -16.53 26.00 -5.69
CA THR D 329 -17.22 26.37 -6.92
C THR D 329 -16.59 27.60 -7.58
N ARG D 330 -16.29 28.62 -6.77
CA ARG D 330 -15.62 29.81 -7.28
C ARG D 330 -14.21 29.51 -7.74
N ASP D 331 -13.56 28.50 -7.17
CA ASP D 331 -12.22 28.12 -7.63
C ASP D 331 -12.27 27.34 -8.94
N PHE D 332 -12.87 26.15 -8.93
CA PHE D 332 -12.81 25.25 -10.08
C PHE D 332 -14.18 24.64 -10.43
N GLY D 333 -15.26 25.42 -10.39
CA GLY D 333 -16.59 24.86 -10.54
C GLY D 333 -17.44 25.61 -11.54
N GLN D 334 -18.40 24.88 -12.12
CA GLN D 334 -19.42 25.45 -12.99
C GLN D 334 -20.66 25.79 -12.16
N GLU D 335 -21.76 26.10 -12.83
CA GLU D 335 -23.02 26.41 -12.17
C GLU D 335 -24.11 25.51 -12.75
N GLY D 336 -24.80 24.79 -11.87
CA GLY D 336 -25.86 23.89 -12.30
C GLY D 336 -27.22 24.54 -12.32
N ASN D 337 -27.44 25.46 -11.38
CA ASN D 337 -28.70 26.22 -11.20
C ASN D 337 -29.93 25.33 -11.06
N GLU E 26 -32.14 -17.82 13.96
CA GLU E 26 -32.00 -16.79 15.00
C GLU E 26 -33.36 -16.18 15.34
N LYS E 27 -34.00 -16.70 16.38
CA LYS E 27 -35.31 -16.23 16.80
C LYS E 27 -35.36 -16.14 18.32
N PRO E 28 -35.52 -14.94 18.89
CA PRO E 28 -35.70 -14.83 20.35
C PRO E 28 -37.15 -15.09 20.77
N ASN E 29 -37.46 -14.86 22.04
CA ASN E 29 -38.79 -15.12 22.57
C ASN E 29 -39.25 -13.96 23.45
N VAL E 30 -39.11 -12.73 22.96
CA VAL E 30 -39.48 -11.53 23.71
C VAL E 30 -40.58 -10.81 22.95
N LYS E 31 -41.75 -10.68 23.58
CA LYS E 31 -42.90 -10.05 22.94
C LYS E 31 -42.90 -8.54 23.19
N TRP E 32 -44.01 -7.88 22.87
CA TRP E 32 -44.11 -6.44 23.05
C TRP E 32 -44.25 -6.06 24.51
N GLU E 33 -44.93 -6.89 25.30
CA GLU E 33 -45.25 -6.53 26.68
C GLU E 33 -44.05 -6.68 27.61
N ASP E 34 -42.97 -7.33 27.16
CA ASP E 34 -41.80 -7.53 28.01
C ASP E 34 -40.91 -6.30 28.10
N VAL E 35 -41.18 -5.25 27.34
CA VAL E 35 -40.42 -4.01 27.39
C VAL E 35 -41.21 -3.00 28.21
N ALA E 36 -40.54 -2.39 29.19
CA ALA E 36 -41.16 -1.44 30.10
C ALA E 36 -40.88 -0.03 29.60
N GLY E 37 -41.93 0.74 29.34
CA GLY E 37 -41.79 2.10 28.89
C GLY E 37 -41.50 2.21 27.41
N LEU E 38 -40.91 3.34 27.01
CA LEU E 38 -40.51 3.65 25.63
C LEU E 38 -41.71 3.59 24.68
N GLU E 39 -42.72 4.42 24.98
CA GLU E 39 -43.99 4.34 24.28
C GLU E 39 -43.87 4.85 22.85
N GLY E 40 -43.14 5.95 22.63
CA GLY E 40 -43.01 6.50 21.30
C GLY E 40 -42.20 5.61 20.37
N ALA E 41 -41.09 5.07 20.89
CA ALA E 41 -40.28 4.13 20.11
C ALA E 41 -41.05 2.84 19.85
N LYS E 42 -41.84 2.39 20.83
CA LYS E 42 -42.65 1.19 20.67
C LYS E 42 -43.71 1.37 19.59
N GLU E 43 -44.44 2.48 19.62
CA GLU E 43 -45.47 2.70 18.59
C GLU E 43 -44.87 2.97 17.22
N ALA E 44 -43.71 3.64 17.16
CA ALA E 44 -43.07 3.90 15.88
C ALA E 44 -42.57 2.62 15.22
N LEU E 45 -41.87 1.78 15.98
CA LEU E 45 -41.43 0.48 15.45
C LEU E 45 -42.62 -0.42 15.15
N LYS E 46 -43.67 -0.35 15.97
CA LYS E 46 -44.86 -1.16 15.78
C LYS E 46 -45.55 -0.84 14.46
N GLU E 47 -45.77 0.45 14.18
CA GLU E 47 -46.39 0.81 12.91
C GLU E 47 -45.45 0.52 11.74
N ALA E 48 -44.16 0.84 11.88
CA ALA E 48 -43.23 0.77 10.76
C ALA E 48 -42.90 -0.65 10.33
N VAL E 49 -43.02 -1.64 11.22
CA VAL E 49 -42.73 -3.02 10.86
C VAL E 49 -44.00 -3.88 10.84
N ILE E 50 -45.13 -3.36 11.34
CA ILE E 50 -46.36 -4.16 11.34
C ILE E 50 -47.35 -3.72 10.27
N LEU E 51 -47.45 -2.42 9.96
CA LEU E 51 -48.42 -1.89 9.00
C LEU E 51 -48.30 -2.41 7.57
N PRO E 52 -47.09 -2.64 6.98
CA PRO E 52 -47.09 -3.30 5.66
C PRO E 52 -47.36 -4.79 5.70
N VAL E 53 -46.86 -5.49 6.74
CA VAL E 53 -46.95 -6.94 6.75
C VAL E 53 -48.32 -7.46 7.15
N LYS E 54 -49.19 -6.60 7.70
CA LYS E 54 -50.54 -7.00 8.06
C LYS E 54 -51.61 -6.37 7.18
N PHE E 55 -51.37 -5.15 6.69
CA PHE E 55 -52.32 -4.44 5.83
C PHE E 55 -51.63 -4.13 4.51
N PRO E 56 -51.63 -5.05 3.55
CA PRO E 56 -51.00 -4.76 2.25
C PRO E 56 -51.83 -3.84 1.36
N HIS E 57 -53.10 -3.62 1.70
CA HIS E 57 -53.96 -2.74 0.92
C HIS E 57 -53.75 -1.26 1.22
N LEU E 58 -52.87 -0.94 2.17
CA LEU E 58 -52.62 0.46 2.53
C LEU E 58 -51.46 1.04 1.72
N PHE E 59 -50.29 0.41 1.79
CA PHE E 59 -49.09 0.92 1.13
C PHE E 59 -49.17 0.62 -0.36
N LYS E 60 -49.85 1.52 -1.09
CA LYS E 60 -49.94 1.44 -2.54
C LYS E 60 -49.76 2.83 -3.11
N GLY E 61 -48.94 2.95 -4.14
CA GLY E 61 -48.70 4.24 -4.78
C GLY E 61 -47.57 4.99 -4.10
N ASN E 62 -47.91 6.17 -3.57
CA ASN E 62 -46.91 7.00 -2.91
C ASN E 62 -46.63 6.57 -1.47
N ARG E 63 -47.44 5.65 -0.92
CA ARG E 63 -47.29 5.22 0.48
C ARG E 63 -46.17 4.19 0.55
N LYS E 64 -45.01 4.61 1.05
CA LYS E 64 -43.87 3.74 1.23
C LYS E 64 -43.52 3.62 2.71
N PRO E 65 -43.10 2.43 3.17
CA PRO E 65 -42.75 2.27 4.58
C PRO E 65 -41.40 2.90 4.90
N THR E 66 -41.11 2.98 6.20
CA THR E 66 -39.86 3.55 6.66
C THR E 66 -38.70 2.61 6.36
N SER E 67 -37.62 3.17 5.83
CA SER E 67 -36.43 2.41 5.43
C SER E 67 -35.23 2.84 6.24
N GLY E 68 -35.43 3.06 7.54
CA GLY E 68 -34.33 3.34 8.44
C GLY E 68 -34.77 3.96 9.76
N ILE E 69 -34.20 3.46 10.86
CA ILE E 69 -34.56 3.88 12.21
C ILE E 69 -33.28 3.89 13.05
N LEU E 70 -32.98 5.02 13.68
CA LEU E 70 -31.83 5.14 14.57
C LEU E 70 -32.31 5.18 16.01
N LEU E 71 -31.88 4.21 16.82
CA LEU E 71 -32.24 4.11 18.22
C LEU E 71 -31.01 4.43 19.06
N TYR E 72 -30.89 5.69 19.47
CA TYR E 72 -29.73 6.15 20.21
C TYR E 72 -30.12 6.42 21.67
N GLY E 73 -29.15 6.90 22.45
CA GLY E 73 -29.37 7.18 23.84
C GLY E 73 -28.26 6.64 24.73
N PRO E 74 -28.48 6.64 26.05
CA PRO E 74 -27.49 6.08 26.95
C PRO E 74 -27.46 4.56 26.83
N PRO E 75 -26.31 3.92 27.11
CA PRO E 75 -26.21 2.48 26.91
C PRO E 75 -26.96 1.70 27.97
N GLY E 76 -27.35 0.48 27.60
CA GLY E 76 -28.05 -0.41 28.50
C GLY E 76 -29.55 -0.18 28.61
N THR E 77 -30.10 0.76 27.85
CA THR E 77 -31.52 1.09 27.96
C THR E 77 -32.38 0.31 26.96
N GLY E 78 -32.19 -1.00 26.92
CA GLY E 78 -33.09 -1.90 26.22
C GLY E 78 -33.17 -1.76 24.70
N LYS E 79 -32.10 -1.28 24.06
CA LYS E 79 -32.14 -1.11 22.60
C LYS E 79 -32.15 -2.46 21.89
N SER E 80 -31.22 -3.35 22.27
CA SER E 80 -31.20 -4.69 21.67
C SER E 80 -32.39 -5.52 22.13
N TYR E 81 -32.93 -5.23 23.33
CA TYR E 81 -34.15 -5.90 23.79
C TYR E 81 -35.35 -5.51 22.94
N LEU E 82 -35.47 -4.22 22.61
CA LEU E 82 -36.53 -3.77 21.71
C LEU E 82 -36.31 -4.30 20.30
N ALA E 83 -35.05 -4.43 19.87
CA ALA E 83 -34.75 -5.01 18.57
C ALA E 83 -35.16 -6.49 18.52
N LYS E 84 -34.95 -7.22 19.62
CA LYS E 84 -35.41 -8.60 19.69
C LYS E 84 -36.94 -8.68 19.74
N ALA E 85 -37.58 -7.68 20.34
CA ALA E 85 -39.04 -7.63 20.35
C ALA E 85 -39.60 -7.45 18.94
N VAL E 86 -39.00 -6.54 18.16
CA VAL E 86 -39.38 -6.39 16.76
C VAL E 86 -39.02 -7.63 15.95
N ALA E 87 -37.92 -8.30 16.29
CA ALA E 87 -37.55 -9.55 15.61
C ALA E 87 -38.54 -10.67 15.87
N THR E 88 -39.16 -10.68 17.05
CA THR E 88 -40.19 -11.68 17.35
C THR E 88 -41.51 -11.33 16.68
N GLU E 89 -42.00 -10.10 16.89
CA GLU E 89 -43.39 -9.82 16.57
C GLU E 89 -43.64 -9.53 15.10
N ALA E 90 -42.59 -9.28 14.32
CA ALA E 90 -42.78 -9.01 12.90
C ALA E 90 -43.03 -10.25 12.07
N ASN E 91 -42.59 -11.43 12.57
CA ASN E 91 -42.65 -12.71 11.86
C ASN E 91 -41.96 -12.64 10.50
N SER E 92 -40.72 -12.15 10.51
CA SER E 92 -39.92 -12.03 9.29
C SER E 92 -38.49 -12.43 9.59
N THR E 93 -37.66 -12.45 8.54
CA THR E 93 -36.27 -12.82 8.70
C THR E 93 -35.49 -11.71 9.38
N PHE E 94 -34.52 -12.10 10.21
CA PHE E 94 -33.76 -11.17 11.03
C PHE E 94 -32.27 -11.36 10.80
N PHE E 95 -31.52 -10.27 11.02
CA PHE E 95 -30.08 -10.28 10.95
C PHE E 95 -29.55 -9.40 12.08
N SER E 96 -28.75 -9.99 12.97
CA SER E 96 -28.36 -9.31 14.19
C SER E 96 -26.85 -9.15 14.31
N VAL E 97 -26.20 -8.70 13.23
CA VAL E 97 -24.76 -8.51 13.21
C VAL E 97 -24.37 -7.31 14.08
N SER E 98 -23.09 -7.18 14.37
CA SER E 98 -22.58 -6.16 15.27
C SER E 98 -21.49 -5.35 14.56
N SER E 99 -20.83 -4.48 15.33
CA SER E 99 -19.76 -3.65 14.77
C SER E 99 -18.50 -4.46 14.51
N SER E 100 -18.17 -5.39 15.41
CA SER E 100 -16.96 -6.19 15.24
C SER E 100 -17.09 -7.23 14.14
N ASP E 101 -18.32 -7.56 13.72
CA ASP E 101 -18.50 -8.53 12.66
C ASP E 101 -18.18 -7.94 11.29
N LEU E 102 -18.32 -6.63 11.14
CA LEU E 102 -18.14 -5.95 9.85
C LEU E 102 -16.82 -5.18 9.81
N VAL E 103 -15.84 -5.61 10.60
CA VAL E 103 -14.50 -5.02 10.60
C VAL E 103 -13.50 -6.14 10.42
N SER E 104 -12.73 -6.08 9.34
CA SER E 104 -11.72 -7.08 9.04
C SER E 104 -10.34 -6.41 8.93
N LYS E 105 -9.30 -7.24 8.96
CA LYS E 105 -7.94 -6.76 8.85
C LYS E 105 -7.44 -6.72 7.41
N TRP E 106 -8.05 -7.50 6.53
CA TRP E 106 -7.63 -7.53 5.13
C TRP E 106 -8.07 -6.25 4.42
N MET E 107 -7.41 -5.97 3.30
CA MET E 107 -7.69 -4.78 2.52
C MET E 107 -8.85 -5.04 1.58
N GLY E 108 -9.97 -4.35 1.81
CA GLY E 108 -11.13 -4.48 0.94
C GLY E 108 -11.99 -5.68 1.21
N GLU E 109 -11.85 -6.32 2.37
CA GLU E 109 -12.69 -7.45 2.73
C GLU E 109 -13.78 -7.10 3.73
N SER E 110 -13.74 -5.89 4.31
CA SER E 110 -14.76 -5.43 5.24
C SER E 110 -15.89 -4.68 4.56
N GLU E 111 -15.97 -4.75 3.23
CA GLU E 111 -17.08 -4.21 2.46
C GLU E 111 -17.84 -5.27 1.67
N LYS E 112 -17.16 -6.33 1.24
CA LYS E 112 -17.85 -7.45 0.63
C LYS E 112 -18.75 -8.18 1.61
N LEU E 113 -18.41 -8.13 2.91
CA LEU E 113 -19.31 -8.65 3.93
C LEU E 113 -20.61 -7.87 4.00
N VAL E 114 -20.53 -6.54 3.89
CA VAL E 114 -21.73 -5.71 3.88
C VAL E 114 -22.52 -5.92 2.61
N LYS E 115 -21.83 -6.12 1.48
CA LYS E 115 -22.50 -6.39 0.21
C LYS E 115 -23.24 -7.73 0.25
N GLN E 116 -22.60 -8.78 0.79
CA GLN E 116 -23.26 -10.06 0.93
C GLN E 116 -24.36 -10.02 1.97
N LEU E 117 -24.24 -9.16 2.98
CA LEU E 117 -25.29 -8.98 3.98
C LEU E 117 -26.54 -8.39 3.34
N PHE E 118 -26.38 -7.33 2.55
CA PHE E 118 -27.54 -6.74 1.89
C PHE E 118 -28.07 -7.63 0.78
N ALA E 119 -27.20 -8.44 0.16
CA ALA E 119 -27.66 -9.39 -0.86
C ALA E 119 -28.51 -10.50 -0.25
N MET E 120 -28.08 -11.05 0.90
CA MET E 120 -28.89 -12.08 1.55
C MET E 120 -30.10 -11.48 2.26
N ALA E 121 -30.08 -10.17 2.52
CA ALA E 121 -31.28 -9.50 3.00
C ALA E 121 -32.32 -9.36 1.90
N ARG E 122 -31.90 -8.91 0.71
CA ARG E 122 -32.80 -8.81 -0.42
C ARG E 122 -33.19 -10.16 -1.01
N GLU E 123 -32.43 -11.22 -0.71
CA GLU E 123 -32.82 -12.57 -1.13
C GLU E 123 -34.04 -13.07 -0.38
N ASN E 124 -34.20 -12.68 0.89
CA ASN E 124 -35.29 -13.14 1.75
C ASN E 124 -36.16 -11.97 2.16
N LYS E 125 -36.53 -11.13 1.19
CA LYS E 125 -37.37 -9.97 1.46
C LYS E 125 -38.80 -10.39 1.79
N PRO E 126 -39.45 -9.70 2.76
CA PRO E 126 -38.95 -8.60 3.58
C PRO E 126 -38.06 -9.05 4.75
N SER E 127 -37.12 -8.20 5.15
CA SER E 127 -36.15 -8.57 6.17
C SER E 127 -35.86 -7.37 7.06
N ILE E 128 -35.30 -7.65 8.23
CA ILE E 128 -34.89 -6.64 9.18
C ILE E 128 -33.40 -6.79 9.42
N ILE E 129 -32.67 -5.68 9.34
CA ILE E 129 -31.22 -5.67 9.54
C ILE E 129 -30.92 -4.89 10.80
N PHE E 130 -30.29 -5.54 11.78
CA PHE E 130 -29.88 -4.90 13.01
C PHE E 130 -28.37 -4.74 13.00
N ILE E 131 -27.89 -3.50 13.02
CA ILE E 131 -26.47 -3.18 13.08
C ILE E 131 -26.22 -2.44 14.38
N ASP E 132 -25.37 -3.02 15.23
CA ASP E 132 -25.07 -2.45 16.53
C ASP E 132 -23.76 -1.68 16.48
N GLU E 133 -23.71 -0.56 17.21
CA GLU E 133 -22.56 0.34 17.32
C GLU E 133 -22.12 0.87 15.95
N VAL E 134 -23.02 1.64 15.32
CA VAL E 134 -22.70 2.28 14.06
C VAL E 134 -21.72 3.42 14.24
N ASP E 135 -21.59 3.96 15.45
CA ASP E 135 -20.53 4.93 15.73
C ASP E 135 -19.17 4.27 15.76
N ALA E 136 -19.10 3.00 16.16
CA ALA E 136 -17.86 2.26 16.20
C ALA E 136 -17.59 1.51 14.89
N LEU E 137 -18.59 1.39 14.02
CA LEU E 137 -18.35 0.81 12.69
C LEU E 137 -17.44 1.71 11.86
N THR E 138 -17.74 3.01 11.84
CA THR E 138 -16.90 3.98 11.15
C THR E 138 -16.08 4.76 12.17
N GLY E 139 -15.33 5.75 11.70
CA GLY E 139 -14.60 6.64 12.58
C GLY E 139 -14.71 8.07 12.09
N THR E 140 -15.84 8.38 11.45
CA THR E 140 -16.25 9.65 10.81
C THR E 140 -15.16 10.31 9.95
N ARG E 141 -14.23 9.48 9.41
CA ARG E 141 -13.13 9.84 8.50
C ARG E 141 -12.38 11.12 8.88
N GLY E 142 -12.23 11.37 10.18
CA GLY E 142 -11.55 12.57 10.64
C GLY E 142 -10.08 12.38 10.93
N GLU E 143 -9.75 11.40 11.77
CA GLU E 143 -8.38 11.18 12.22
C GLU E 143 -7.92 9.73 12.15
N GLY E 144 -8.84 8.78 12.04
CA GLY E 144 -8.48 7.38 12.02
C GLY E 144 -7.97 6.93 10.66
N GLU E 145 -8.14 5.64 10.41
CA GLU E 145 -7.75 5.05 9.13
C GLU E 145 -8.65 5.56 8.00
N SER E 146 -8.08 6.41 7.14
CA SER E 146 -8.89 7.12 6.15
C SER E 146 -9.37 6.19 5.04
N GLU E 147 -8.51 5.28 4.57
CA GLU E 147 -8.87 4.35 3.50
C GLU E 147 -10.00 3.42 3.92
N ALA E 148 -9.81 2.72 5.05
CA ALA E 148 -10.82 1.80 5.55
C ALA E 148 -12.09 2.52 6.00
N SER E 149 -11.95 3.71 6.59
CA SER E 149 -13.11 4.46 7.05
C SER E 149 -13.96 4.95 5.88
N ARG E 150 -13.32 5.55 4.86
CA ARG E 150 -14.03 6.01 3.68
C ARG E 150 -14.68 4.86 2.93
N ARG E 151 -13.97 3.72 2.79
CA ARG E 151 -14.53 2.62 2.04
C ARG E 151 -15.70 1.95 2.77
N ILE E 152 -15.59 1.80 4.10
CA ILE E 152 -16.68 1.23 4.91
C ILE E 152 -17.90 2.14 4.87
N LYS E 153 -17.69 3.45 5.06
CA LYS E 153 -18.80 4.39 5.11
C LYS E 153 -19.49 4.51 3.76
N THR E 154 -18.72 4.63 2.68
CA THR E 154 -19.32 4.79 1.36
C THR E 154 -19.98 3.50 0.87
N GLU E 155 -19.42 2.33 1.21
CA GLU E 155 -20.09 1.09 0.84
C GLU E 155 -21.37 0.89 1.65
N LEU E 156 -21.39 1.35 2.90
CA LEU E 156 -22.62 1.31 3.68
C LEU E 156 -23.69 2.22 3.08
N LEU E 157 -23.30 3.41 2.62
CA LEU E 157 -24.26 4.32 2.01
C LEU E 157 -24.81 3.80 0.69
N VAL E 158 -23.92 3.26 -0.17
CA VAL E 158 -24.36 2.70 -1.45
C VAL E 158 -25.23 1.45 -1.25
N GLN E 159 -24.92 0.64 -0.24
CA GLN E 159 -25.79 -0.50 0.06
C GLN E 159 -27.10 -0.05 0.69
N MET E 160 -27.12 1.14 1.30
CA MET E 160 -28.37 1.65 1.86
C MET E 160 -29.31 2.15 0.76
N ASN E 161 -28.85 3.08 -0.08
CA ASN E 161 -29.70 3.52 -1.18
C ASN E 161 -29.15 3.16 -2.56
N GLY E 162 -27.94 3.62 -2.90
CA GLY E 162 -27.27 3.39 -4.17
C GLY E 162 -28.07 3.82 -5.39
N VAL E 163 -27.83 3.11 -6.49
CA VAL E 163 -28.54 3.31 -7.75
C VAL E 163 -29.28 2.05 -8.17
N GLY E 164 -28.56 0.94 -8.32
CA GLY E 164 -29.17 -0.31 -8.72
C GLY E 164 -29.26 -1.30 -7.58
N ASN E 165 -29.60 -0.81 -6.39
CA ASN E 165 -29.69 -1.66 -5.21
C ASN E 165 -31.10 -1.88 -4.69
N ASP E 166 -32.08 -1.06 -5.13
CA ASP E 166 -33.54 -1.16 -4.98
C ASP E 166 -34.06 -1.73 -3.65
N SER E 167 -33.59 -1.17 -2.54
CA SER E 167 -33.94 -1.68 -1.22
C SER E 167 -35.39 -1.37 -0.87
N GLN E 168 -36.29 -2.31 -1.14
CA GLN E 168 -37.70 -2.18 -0.81
C GLN E 168 -38.12 -3.37 0.03
N GLY E 169 -38.71 -3.10 1.19
CA GLY E 169 -39.06 -4.13 2.15
C GLY E 169 -37.98 -4.44 3.16
N VAL E 170 -36.72 -4.14 2.85
CA VAL E 170 -35.62 -4.35 3.79
C VAL E 170 -35.50 -3.13 4.68
N LEU E 171 -35.61 -3.34 5.99
CA LEU E 171 -35.54 -2.27 6.97
C LEU E 171 -34.19 -2.28 7.65
N VAL E 172 -33.50 -1.15 7.63
CA VAL E 172 -32.21 -1.00 8.30
C VAL E 172 -32.47 -0.42 9.69
N LEU E 173 -32.29 -1.25 10.72
CA LEU E 173 -32.57 -0.88 12.10
C LEU E 173 -31.23 -0.70 12.81
N GLY E 174 -30.81 0.54 12.97
CA GLY E 174 -29.51 0.86 13.56
C GLY E 174 -29.67 1.34 14.99
N ALA E 175 -28.75 0.89 15.86
CA ALA E 175 -28.73 1.30 17.25
C ALA E 175 -27.32 1.71 17.63
N THR E 176 -27.23 2.69 18.53
CA THR E 176 -25.94 3.23 18.93
C THR E 176 -26.04 3.81 20.34
N ASN E 177 -24.88 4.00 20.96
CA ASN E 177 -24.79 4.63 22.26
C ASN E 177 -24.27 6.06 22.20
N ILE E 178 -23.48 6.39 21.19
CA ILE E 178 -23.01 7.75 20.98
C ILE E 178 -23.48 8.21 19.60
N PRO E 179 -24.52 9.04 19.50
CA PRO E 179 -25.03 9.44 18.18
C PRO E 179 -24.32 10.63 17.59
N TRP E 180 -23.66 11.44 18.41
CA TRP E 180 -23.07 12.68 17.90
C TRP E 180 -21.73 12.48 17.21
N GLN E 181 -21.21 11.25 17.19
CA GLN E 181 -19.99 10.93 16.46
C GLN E 181 -20.27 10.23 15.13
N LEU E 182 -21.46 10.44 14.57
CA LEU E 182 -21.83 9.83 13.30
C LEU E 182 -21.53 10.81 12.15
N ASP E 183 -21.87 10.39 10.93
CA ASP E 183 -21.68 11.22 9.75
C ASP E 183 -23.01 11.86 9.35
N SER E 184 -22.91 13.00 8.66
CA SER E 184 -24.10 13.70 8.17
C SER E 184 -24.83 12.86 7.13
N ALA E 185 -24.08 12.15 6.28
CA ALA E 185 -24.70 11.28 5.29
C ALA E 185 -25.37 10.07 5.93
N ILE E 186 -24.78 9.54 7.00
CA ILE E 186 -25.39 8.39 7.68
C ILE E 186 -26.65 8.82 8.43
N ARG E 187 -26.62 9.98 9.08
CA ARG E 187 -27.80 10.48 9.75
C ARG E 187 -28.86 10.99 8.77
N ARG E 188 -28.46 11.28 7.52
CA ARG E 188 -29.46 11.52 6.48
C ARG E 188 -30.07 10.21 5.98
N ARG E 189 -29.26 9.15 5.90
CA ARG E 189 -29.76 7.85 5.49
C ARG E 189 -30.70 7.24 6.51
N PHE E 190 -30.48 7.51 7.80
CA PHE E 190 -31.40 7.10 8.84
C PHE E 190 -32.55 8.09 8.90
N GLU E 191 -33.77 7.60 8.66
CA GLU E 191 -34.92 8.49 8.54
C GLU E 191 -35.41 8.97 9.91
N ARG E 192 -35.82 8.05 10.76
CA ARG E 192 -36.39 8.38 12.07
C ARG E 192 -35.32 8.19 13.14
N ARG E 193 -34.86 9.29 13.72
CA ARG E 193 -33.88 9.25 14.80
C ARG E 193 -34.63 9.28 16.12
N ILE E 194 -34.90 8.10 16.66
CA ILE E 194 -35.68 7.96 17.90
C ILE E 194 -34.73 7.94 19.08
N TYR E 195 -35.04 8.74 20.10
CA TYR E 195 -34.24 8.82 21.30
C TYR E 195 -34.82 7.89 22.37
N ILE E 196 -33.94 7.08 22.98
CA ILE E 196 -34.32 6.22 24.09
C ILE E 196 -33.90 6.92 25.38
N PRO E 197 -34.82 7.49 26.14
CA PRO E 197 -34.43 8.26 27.33
C PRO E 197 -34.18 7.38 28.55
N LEU E 198 -33.90 8.02 29.67
CA LEU E 198 -33.79 7.31 30.94
C LEU E 198 -35.17 6.82 31.36
N PRO E 199 -35.25 5.68 32.06
CA PRO E 199 -36.56 5.15 32.47
C PRO E 199 -37.22 6.00 33.53
N ASP E 200 -38.53 5.78 33.67
CA ASP E 200 -39.39 6.52 34.58
C ASP E 200 -39.78 5.63 35.76
N LEU E 201 -40.70 6.13 36.58
CA LEU E 201 -41.09 5.43 37.81
C LEU E 201 -41.85 4.14 37.50
N ALA E 202 -42.85 4.24 36.63
CA ALA E 202 -43.62 3.06 36.24
C ALA E 202 -42.77 2.08 35.44
N ALA E 203 -41.82 2.59 34.66
CA ALA E 203 -40.90 1.72 33.93
C ALA E 203 -39.98 0.98 34.88
N ARG E 204 -39.52 1.65 35.95
CA ARG E 204 -38.66 1.00 36.93
C ARG E 204 -39.42 -0.06 37.73
N THR E 205 -40.68 0.23 38.11
CA THR E 205 -41.47 -0.75 38.83
C THR E 205 -41.82 -1.96 37.94
N THR E 206 -42.12 -1.71 36.66
CA THR E 206 -42.40 -2.80 35.74
C THR E 206 -41.15 -3.62 35.46
N MET E 207 -39.98 -2.98 35.39
CA MET E 207 -38.73 -3.72 35.20
C MET E 207 -38.39 -4.56 36.42
N PHE E 208 -38.67 -4.05 37.62
CA PHE E 208 -38.52 -4.85 38.83
C PHE E 208 -39.47 -6.05 38.82
N GLU E 209 -40.70 -5.83 38.38
CA GLU E 209 -41.71 -6.90 38.38
C GLU E 209 -41.38 -7.98 37.36
N ILE E 210 -40.79 -7.61 36.22
CA ILE E 210 -40.42 -8.62 35.24
C ILE E 210 -39.04 -9.23 35.54
N ASN E 211 -38.23 -8.55 36.36
CA ASN E 211 -36.92 -9.10 36.68
C ASN E 211 -36.96 -10.05 37.86
N VAL E 212 -37.91 -9.87 38.77
CA VAL E 212 -37.97 -10.72 39.97
C VAL E 212 -38.39 -12.14 39.60
N GLY E 213 -39.15 -12.31 38.51
CA GLY E 213 -39.47 -13.64 38.03
C GLY E 213 -40.50 -14.36 38.89
N ASP E 214 -40.41 -15.69 38.88
CA ASP E 214 -41.34 -16.54 39.58
C ASP E 214 -40.78 -17.07 40.90
N THR E 215 -39.87 -16.34 41.52
CA THR E 215 -39.33 -16.75 42.80
C THR E 215 -40.35 -16.49 43.91
N PRO E 216 -40.35 -17.30 44.98
CA PRO E 216 -41.23 -17.00 46.13
C PRO E 216 -40.83 -15.73 46.85
N CYS E 217 -41.69 -14.72 46.77
CA CYS E 217 -41.41 -13.40 47.33
C CYS E 217 -42.60 -12.91 48.13
N VAL E 218 -42.32 -11.98 49.04
CA VAL E 218 -43.33 -11.35 49.89
C VAL E 218 -43.48 -9.87 49.54
N LEU E 219 -42.92 -9.45 48.41
CA LEU E 219 -42.91 -8.05 48.00
C LEU E 219 -44.28 -7.63 47.47
N THR E 220 -44.60 -6.36 47.69
CA THR E 220 -45.88 -5.79 47.30
C THR E 220 -45.68 -4.64 46.33
N LYS E 221 -46.80 -4.09 45.85
CA LYS E 221 -46.76 -3.03 44.86
C LYS E 221 -46.25 -1.72 45.46
N GLU E 222 -46.59 -1.45 46.72
CA GLU E 222 -46.03 -0.26 47.38
C GLU E 222 -44.55 -0.42 47.65
N ASP E 223 -44.08 -1.64 47.90
CA ASP E 223 -42.66 -1.89 48.05
C ASP E 223 -41.93 -1.68 46.73
N TYR E 224 -42.54 -2.14 45.62
CA TYR E 224 -41.98 -1.89 44.30
C TYR E 224 -41.97 -0.40 43.97
N ARG E 225 -43.00 0.33 44.39
CA ARG E 225 -43.07 1.76 44.14
C ARG E 225 -42.01 2.52 44.92
N THR E 226 -41.80 2.15 46.19
CA THR E 226 -40.75 2.78 46.98
C THR E 226 -39.36 2.42 46.47
N LEU E 227 -39.19 1.18 45.98
CA LEU E 227 -37.91 0.78 45.38
C LEU E 227 -37.62 1.60 44.12
N GLY E 228 -38.62 1.74 43.24
CA GLY E 228 -38.45 2.53 42.03
C GLY E 228 -38.29 4.02 42.31
N ALA E 229 -38.85 4.50 43.41
CA ALA E 229 -38.59 5.87 43.83
C ALA E 229 -37.17 6.02 44.37
N MET E 230 -36.61 4.93 44.93
CA MET E 230 -35.25 4.99 45.46
C MET E 230 -34.19 4.87 44.37
N THR E 231 -34.46 4.11 43.30
CA THR E 231 -33.44 3.83 42.29
C THR E 231 -33.50 4.79 41.10
N GLU E 232 -33.97 6.01 41.32
CA GLU E 232 -34.08 7.00 40.25
C GLU E 232 -32.70 7.43 39.78
N GLY E 233 -32.44 7.26 38.48
CA GLY E 233 -31.14 7.55 37.91
C GLY E 233 -30.36 6.32 37.46
N TYR E 234 -30.92 5.12 37.60
CA TYR E 234 -30.22 3.90 37.25
C TYR E 234 -30.54 3.52 35.81
N SER E 235 -30.16 2.30 35.41
CA SER E 235 -30.42 1.80 34.07
C SER E 235 -31.05 0.42 34.16
N GLY E 236 -31.41 -0.13 33.01
CA GLY E 236 -32.05 -1.44 32.97
C GLY E 236 -31.10 -2.56 33.34
N SER E 237 -29.85 -2.48 32.88
CA SER E 237 -28.84 -3.47 33.28
C SER E 237 -28.52 -3.35 34.76
N ASP E 238 -28.55 -2.13 35.30
CA ASP E 238 -28.33 -1.94 36.73
C ASP E 238 -29.46 -2.54 37.55
N ILE E 239 -30.71 -2.37 37.08
CA ILE E 239 -31.85 -2.99 37.73
C ILE E 239 -31.77 -4.51 37.64
N ALA E 240 -31.31 -5.04 36.51
CA ALA E 240 -31.15 -6.48 36.35
C ALA E 240 -30.08 -7.04 37.29
N VAL E 241 -28.96 -6.33 37.44
CA VAL E 241 -27.91 -6.88 38.31
C VAL E 241 -28.25 -6.69 39.79
N VAL E 242 -29.02 -5.66 40.16
CA VAL E 242 -29.41 -5.60 41.57
C VAL E 242 -30.52 -6.60 41.89
N VAL E 243 -31.35 -6.96 40.92
CA VAL E 243 -32.29 -8.05 41.13
C VAL E 243 -31.56 -9.39 41.24
N LYS E 244 -30.51 -9.57 40.44
CA LYS E 244 -29.68 -10.78 40.54
C LYS E 244 -28.95 -10.84 41.89
N ASP E 245 -28.51 -9.68 42.39
CA ASP E 245 -27.85 -9.62 43.70
C ASP E 245 -28.83 -9.93 44.83
N ALA E 246 -30.05 -9.37 44.75
CA ALA E 246 -31.06 -9.63 45.76
C ALA E 246 -31.61 -11.04 45.68
N LEU E 247 -31.48 -11.70 44.53
CA LEU E 247 -31.85 -13.11 44.43
C LEU E 247 -30.73 -14.04 44.87
N MET E 248 -29.48 -13.62 44.74
CA MET E 248 -28.35 -14.44 45.17
C MET E 248 -28.01 -14.26 46.64
N GLN E 249 -28.43 -13.17 47.26
CA GLN E 249 -28.18 -12.93 48.68
C GLN E 249 -28.82 -13.92 49.66
N PRO E 250 -30.03 -14.46 49.45
CA PRO E 250 -30.47 -15.55 50.36
C PRO E 250 -29.64 -16.82 50.27
N ILE E 251 -29.28 -17.27 49.07
CA ILE E 251 -28.45 -18.46 48.97
C ILE E 251 -27.00 -18.17 49.33
N ARG E 252 -26.61 -16.89 49.38
CA ARG E 252 -25.31 -16.52 49.93
C ARG E 252 -25.34 -16.56 51.45
N LYS E 253 -26.41 -16.06 52.06
CA LYS E 253 -26.55 -16.09 53.51
C LYS E 253 -26.85 -17.48 54.05
N ILE E 254 -27.34 -18.40 53.20
CA ILE E 254 -27.48 -19.79 53.61
C ILE E 254 -26.11 -20.42 53.80
N GLN E 255 -25.21 -20.20 52.84
CA GLN E 255 -23.88 -20.82 52.89
C GLN E 255 -22.96 -20.13 53.89
N SER E 256 -23.01 -18.81 53.95
CA SER E 256 -22.09 -18.04 54.80
C SER E 256 -22.73 -17.74 56.16
N ALA E 257 -23.09 -18.81 56.86
CA ALA E 257 -23.68 -18.70 58.19
C ALA E 257 -23.45 -19.99 58.96
N THR E 258 -23.41 -19.86 60.29
CA THR E 258 -23.32 -21.00 61.19
C THR E 258 -24.42 -20.88 62.23
N HIS E 259 -24.48 -21.87 63.13
CA HIS E 259 -25.44 -21.97 64.24
C HIS E 259 -26.88 -21.94 63.72
N PHE E 260 -27.22 -23.00 62.98
CA PHE E 260 -28.54 -23.12 62.40
C PHE E 260 -29.57 -23.45 63.49
N LYS E 261 -30.84 -23.34 63.13
CA LYS E 261 -31.93 -23.53 64.08
C LYS E 261 -32.99 -24.44 63.48
N ASP E 262 -33.37 -25.49 64.22
CA ASP E 262 -34.45 -26.37 63.80
C ASP E 262 -35.78 -25.77 64.24
N VAL E 263 -36.53 -25.23 63.28
CA VAL E 263 -37.83 -24.61 63.55
C VAL E 263 -38.92 -25.65 63.33
N SER E 264 -40.01 -25.52 64.09
CA SER E 264 -41.19 -26.39 64.07
C SER E 264 -40.85 -27.87 64.28
N GLU E 269 -40.77 -29.17 61.26
CA GLU E 269 -41.45 -30.33 60.71
C GLU E 269 -40.47 -31.22 59.95
N THR E 270 -40.01 -32.28 60.62
CA THR E 270 -38.98 -33.21 60.16
C THR E 270 -37.71 -32.47 59.72
N ARG E 271 -37.11 -31.81 60.72
CA ARG E 271 -35.79 -31.17 60.64
C ARG E 271 -35.75 -30.06 59.58
N LYS E 272 -36.56 -29.02 59.83
CA LYS E 272 -36.53 -27.79 59.03
C LYS E 272 -35.49 -26.87 59.65
N LEU E 273 -34.35 -26.72 58.98
CA LEU E 273 -33.23 -25.95 59.49
C LEU E 273 -33.21 -24.56 58.88
N THR E 274 -32.94 -23.56 59.72
CA THR E 274 -32.90 -22.16 59.31
C THR E 274 -31.77 -21.46 60.05
N PRO E 275 -30.91 -20.71 59.37
CA PRO E 275 -29.84 -20.01 60.06
C PRO E 275 -30.35 -18.83 60.88
N CYS E 276 -29.60 -18.54 61.95
CA CYS E 276 -29.92 -17.44 62.85
C CYS E 276 -28.62 -16.91 63.45
N SER E 277 -28.77 -16.12 64.52
CA SER E 277 -27.63 -15.60 65.24
C SER E 277 -26.98 -16.71 66.07
N PRO E 278 -25.67 -16.61 66.35
CA PRO E 278 -25.02 -17.60 67.21
C PRO E 278 -25.47 -17.51 68.65
N GLY E 279 -26.27 -18.49 69.08
CA GLY E 279 -26.83 -18.49 70.41
C GLY E 279 -28.29 -18.08 70.41
N ASP E 280 -29.18 -19.06 70.45
CA ASP E 280 -30.61 -18.84 70.37
C ASP E 280 -31.32 -20.01 71.06
N ASP E 281 -32.63 -20.13 70.83
CA ASP E 281 -33.42 -21.24 71.36
C ASP E 281 -33.15 -22.51 70.54
N GLY E 282 -32.06 -23.19 70.91
CA GLY E 282 -31.65 -24.39 70.21
C GLY E 282 -30.86 -24.11 68.94
N ALA E 283 -29.80 -23.32 69.06
CA ALA E 283 -28.94 -22.98 67.93
C ALA E 283 -27.99 -24.14 67.67
N ILE E 284 -28.32 -24.97 66.67
CA ILE E 284 -27.51 -26.12 66.32
C ILE E 284 -26.35 -25.64 65.45
N GLU E 285 -25.13 -25.76 65.95
CA GLU E 285 -23.96 -25.34 65.21
C GLU E 285 -23.51 -26.47 64.29
N MET E 286 -23.69 -26.27 62.99
CA MET E 286 -23.29 -27.26 61.99
C MET E 286 -23.10 -26.54 60.65
N SER E 287 -22.70 -27.30 59.65
CA SER E 287 -22.53 -26.80 58.29
C SER E 287 -23.74 -27.22 57.45
N TRP E 288 -23.66 -26.98 56.14
CA TRP E 288 -24.72 -27.37 55.22
C TRP E 288 -24.45 -28.70 54.54
N THR E 289 -23.35 -29.38 54.89
CA THR E 289 -23.05 -30.67 54.27
C THR E 289 -23.88 -31.79 54.86
N ASP E 290 -24.14 -31.75 56.17
CA ASP E 290 -24.93 -32.78 56.83
C ASP E 290 -26.43 -32.49 56.80
N ILE E 291 -26.84 -31.36 56.23
CA ILE E 291 -28.26 -31.06 56.08
C ILE E 291 -28.82 -31.91 54.95
N GLU E 292 -29.91 -32.62 55.21
CA GLU E 292 -30.51 -33.51 54.22
C GLU E 292 -31.18 -32.71 53.12
N ALA E 293 -31.29 -33.31 51.95
CA ALA E 293 -31.87 -32.64 50.80
C ALA E 293 -33.38 -32.52 50.94
N ASP E 294 -33.93 -31.47 50.30
CA ASP E 294 -35.36 -31.14 50.25
C ASP E 294 -35.97 -30.91 51.64
N GLU E 295 -35.16 -30.48 52.60
CA GLU E 295 -35.66 -30.11 53.92
C GLU E 295 -35.06 -28.83 54.46
N LEU E 296 -34.04 -28.26 53.80
CA LEU E 296 -33.46 -27.00 54.24
C LEU E 296 -34.40 -25.85 53.92
N LYS E 297 -34.77 -25.09 54.95
CA LYS E 297 -35.70 -23.98 54.81
C LYS E 297 -34.95 -22.78 54.25
N GLU E 298 -35.25 -22.43 53.00
CA GLU E 298 -34.65 -21.25 52.40
C GLU E 298 -35.38 -19.99 52.88
N PRO E 299 -34.67 -19.01 53.42
CA PRO E 299 -35.34 -17.78 53.88
C PRO E 299 -35.81 -16.94 52.70
N ASP E 300 -37.00 -16.36 52.86
CA ASP E 300 -37.57 -15.52 51.83
C ASP E 300 -36.85 -14.17 51.77
N LEU E 301 -36.72 -13.63 50.57
CA LEU E 301 -36.07 -12.34 50.38
C LEU E 301 -37.00 -11.22 50.84
N THR E 302 -36.41 -10.19 51.42
CA THR E 302 -37.15 -9.09 52.01
C THR E 302 -36.68 -7.76 51.43
N ILE E 303 -37.14 -6.67 52.04
CA ILE E 303 -36.80 -5.32 51.58
C ILE E 303 -35.34 -4.97 51.86
N LYS E 304 -34.78 -5.50 52.95
CA LYS E 304 -33.42 -5.13 53.36
C LYS E 304 -32.37 -5.65 52.39
N ASP E 305 -32.65 -6.74 51.67
CA ASP E 305 -31.75 -7.21 50.63
C ASP E 305 -31.68 -6.21 49.48
N PHE E 306 -32.82 -5.67 49.07
CA PHE E 306 -32.85 -4.66 48.02
C PHE E 306 -32.24 -3.34 48.50
N LEU E 307 -32.41 -3.00 49.78
CA LEU E 307 -31.76 -1.80 50.32
C LEU E 307 -30.25 -1.96 50.34
N LYS E 308 -29.76 -3.15 50.70
CA LYS E 308 -28.32 -3.41 50.66
C LYS E 308 -27.80 -3.39 49.23
N ALA E 309 -28.60 -3.88 48.27
CA ALA E 309 -28.19 -3.88 46.88
C ALA E 309 -28.13 -2.46 46.31
N ILE E 310 -29.08 -1.60 46.67
CA ILE E 310 -29.05 -0.25 46.13
C ILE E 310 -28.00 0.60 46.87
N LYS E 311 -27.71 0.30 48.14
CA LYS E 311 -26.64 1.01 48.82
C LYS E 311 -25.26 0.53 48.40
N SER E 312 -25.15 -0.68 47.86
CA SER E 312 -23.88 -1.16 47.33
C SER E 312 -23.65 -0.66 45.91
N THR E 313 -24.64 -0.84 45.04
CA THR E 313 -24.51 -0.51 43.63
C THR E 313 -24.63 1.00 43.44
N ARG E 314 -23.72 1.56 42.64
CA ARG E 314 -23.67 2.97 42.32
C ARG E 314 -24.07 3.21 40.87
N PRO E 315 -24.56 4.41 40.53
CA PRO E 315 -24.85 4.71 39.13
C PRO E 315 -23.58 4.76 38.29
N THR E 316 -23.74 4.42 37.00
CA THR E 316 -22.61 4.27 36.09
C THR E 316 -22.49 5.41 35.09
N VAL E 317 -23.61 6.04 34.71
CA VAL E 317 -23.60 7.05 33.67
C VAL E 317 -22.99 8.35 34.18
N ASN E 318 -22.57 9.21 33.25
CA ASN E 318 -21.98 10.50 33.58
C ASN E 318 -23.10 11.54 33.58
N GLU E 319 -22.74 12.83 33.59
CA GLU E 319 -23.70 13.91 33.55
C GLU E 319 -23.66 14.71 32.25
N ASP E 320 -22.48 14.80 31.62
CA ASP E 320 -22.38 15.54 30.36
C ASP E 320 -22.96 14.79 29.17
N ASP E 321 -23.09 13.47 29.28
CA ASP E 321 -23.71 12.69 28.20
C ASP E 321 -25.19 12.99 28.10
N LEU E 322 -25.84 13.30 29.22
CA LEU E 322 -27.24 13.72 29.18
C LEU E 322 -27.39 15.07 28.51
N LEU E 323 -26.42 15.97 28.70
CA LEU E 323 -26.42 17.26 27.99
C LEU E 323 -26.19 17.05 26.50
N LYS E 324 -25.34 16.09 26.13
CA LYS E 324 -25.13 15.77 24.73
C LYS E 324 -26.37 15.15 24.09
N GLN E 325 -27.09 14.31 24.83
CA GLN E 325 -28.36 13.76 24.33
C GLN E 325 -29.41 14.86 24.19
N GLU E 326 -29.42 15.82 25.13
CA GLU E 326 -30.33 16.96 25.05
C GLU E 326 -30.04 17.80 23.82
N GLN E 327 -28.76 18.05 23.53
CA GLN E 327 -28.40 18.83 22.34
C GLN E 327 -28.73 18.08 21.06
N PHE E 328 -28.44 16.77 21.02
CA PHE E 328 -28.73 15.96 19.84
C PHE E 328 -30.21 15.88 19.56
N THR E 329 -31.05 15.75 20.60
CA THR E 329 -32.49 15.81 20.40
C THR E 329 -32.93 17.21 20.02
N ARG E 330 -32.24 18.24 20.51
CA ARG E 330 -32.62 19.62 20.25
C ARG E 330 -32.39 20.03 18.80
N ASP E 331 -31.38 19.49 18.12
CA ASP E 331 -31.26 19.79 16.70
C ASP E 331 -31.55 18.62 15.76
N PHE E 332 -31.90 17.43 16.26
CA PHE E 332 -32.38 16.34 15.41
C PHE E 332 -33.57 15.64 16.06
N GLY E 333 -34.51 16.42 16.57
CA GLY E 333 -35.72 15.86 17.15
C GLY E 333 -36.67 15.25 16.12
N GLY F 1 -1.61 -34.92 -1.27
CA GLY F 1 -2.17 -34.00 -2.24
C GLY F 1 -1.17 -33.51 -3.26
N GLY F 2 -1.54 -32.49 -4.02
CA GLY F 2 -0.68 -31.93 -5.03
C GLY F 2 0.30 -30.92 -4.47
N ASP F 3 0.76 -30.03 -5.35
CA ASP F 3 1.70 -29.00 -4.94
C ASP F 3 0.99 -27.91 -4.14
N GLU F 4 1.79 -27.17 -3.37
CA GLU F 4 1.30 -26.07 -2.56
C GLU F 4 1.98 -24.79 -3.03
N ILE F 5 1.18 -23.84 -3.52
CA ILE F 5 1.69 -22.62 -4.13
C ILE F 5 1.50 -21.47 -3.15
N VAL F 6 2.56 -20.69 -2.95
CA VAL F 6 2.53 -19.55 -2.05
C VAL F 6 1.96 -18.35 -2.80
N ASN F 7 1.03 -17.63 -2.16
CA ASN F 7 0.45 -16.41 -2.71
C ASN F 7 0.80 -15.24 -1.80
N LYS F 8 0.21 -14.08 -2.09
CA LYS F 8 0.48 -12.88 -1.33
C LYS F 8 -0.81 -12.10 -1.12
N VAL F 9 -0.99 -11.58 0.09
CA VAL F 9 -2.15 -10.80 0.46
C VAL F 9 -1.69 -9.41 0.91
N LEU F 10 -2.66 -8.58 1.29
CA LEU F 10 -2.40 -7.21 1.71
C LEU F 10 -3.01 -6.96 3.08
N GLY F 11 -2.29 -6.21 3.90
CA GLY F 11 -2.77 -5.88 5.24
C GLY F 11 -3.10 -4.41 5.39
N GLY F 12 -2.52 -3.76 6.39
CA GLY F 12 -2.76 -2.36 6.63
C GLY F 12 -3.11 -2.05 8.08
N UNK F 17 3.74 -9.14 3.29
CA UNK F 17 2.69 -9.15 4.30
C UNK F 17 2.56 -10.53 4.94
N UNK F 18 1.83 -11.42 4.28
CA UNK F 18 1.61 -12.77 4.77
C UNK F 18 1.74 -13.73 3.60
N UNK F 19 1.37 -15.00 3.84
CA UNK F 19 1.46 -16.05 2.82
C UNK F 19 0.22 -16.93 2.94
N UNK F 20 -0.80 -16.63 2.14
CA UNK F 20 -1.99 -17.45 2.06
C UNK F 20 -1.75 -18.51 1.00
N UNK F 21 -1.25 -19.67 1.43
CA UNK F 21 -0.85 -20.74 0.51
C UNK F 21 -2.07 -21.44 -0.06
N UNK F 22 -2.57 -20.94 -1.19
CA UNK F 22 -3.72 -21.54 -1.87
C UNK F 22 -3.19 -22.62 -2.82
N UNK F 23 -3.32 -23.88 -2.40
CA UNK F 23 -2.85 -25.00 -3.20
C UNK F 23 -3.87 -25.37 -4.26
N UNK F 24 -3.54 -26.36 -5.07
CA UNK F 24 -4.43 -26.83 -6.13
C UNK F 24 -5.03 -28.18 -5.78
PB ADP G . 28.20 -17.99 15.73
O1B ADP G . 28.81 -17.61 17.07
O2B ADP G . 27.29 -19.15 15.82
O3B ADP G . 27.48 -16.66 15.22
PA ADP G . 30.69 -18.97 14.65
O1A ADP G . 31.33 -18.86 13.32
O2A ADP G . 30.44 -20.44 15.06
O3A ADP G . 29.30 -18.23 14.61
O5' ADP G . 31.40 -18.22 15.83
C5' ADP G . 31.79 -16.84 15.66
C4' ADP G . 33.24 -16.81 15.32
O4' ADP G . 33.91 -15.88 16.20
C3' ADP G . 33.99 -18.13 15.49
O3' ADP G . 33.98 -18.88 14.28
C2' ADP G . 35.40 -17.64 15.84
O2' ADP G . 36.10 -17.21 14.70
C1' ADP G . 35.04 -16.50 16.79
N9 ADP G . 34.66 -16.92 18.13
C8 ADP G . 33.49 -16.64 18.78
N7 ADP G . 33.40 -17.15 19.98
C5 ADP G . 34.61 -17.82 20.13
C6 ADP G . 35.16 -18.58 21.18
N6 ADP G . 34.53 -18.79 22.34
N1 ADP G . 36.39 -19.11 21.00
C2 ADP G . 37.04 -18.90 19.85
N3 ADP G . 36.62 -18.20 18.79
C4 ADP G . 35.39 -17.69 18.99
BE BEF H . 25.91 -16.36 15.30
F1 BEF H . 25.07 -17.64 15.16
F2 BEF H . 25.67 -15.64 16.63
F3 BEF H . 25.75 -15.46 14.06
MG MG I . 25.74 -19.47 14.55
PB ADP J . 26.28 1.90 -9.15
O1B ADP J . 26.94 0.80 -8.42
O2B ADP J . 25.08 1.39 -9.96
O3B ADP J . 25.67 3.00 -8.19
PA ADP J . 27.78 2.47 -11.52
O1A ADP J . 28.76 1.36 -11.52
O2A ADP J . 26.54 2.16 -12.37
O3A ADP J . 27.30 2.71 -10.03
O5' ADP J . 28.33 3.88 -11.90
C5' ADP J . 27.64 4.68 -12.87
C4' ADP J . 28.50 4.79 -14.09
O4' ADP J . 29.24 6.04 -14.04
C3' ADP J . 29.55 3.68 -14.27
O3' ADP J . 29.02 2.62 -15.04
C2' ADP J . 30.66 4.43 -14.99
O2' ADP J . 30.40 4.53 -16.38
C1' ADP J . 30.61 5.79 -14.28
N9 ADP J . 31.28 5.85 -13.00
C8 ADP J . 30.71 6.10 -11.79
N7 ADP J . 31.54 6.11 -10.78
C5 ADP J . 32.76 5.84 -11.36
C6 ADP J . 34.06 5.71 -10.84
N6 ADP J . 34.35 5.83 -9.55
N1 ADP J . 35.07 5.43 -11.71
C2 ADP J . 34.79 5.31 -13.01
N3 ADP J . 33.59 5.41 -13.62
C4 ADP J . 32.62 5.68 -12.74
BE BEF K . 24.59 2.70 -7.05
F1 BEF K . 24.31 1.19 -6.96
F2 BEF K . 25.14 3.27 -5.74
F3 BEF K . 23.37 3.46 -7.61
MG MG L . 25.22 -0.25 -8.08
PB ADP M . -1.04 14.24 -19.81
O1B ADP M . 0.37 13.78 -19.93
O2B ADP M . -2.00 13.05 -19.72
O3B ADP M . -1.29 15.10 -18.50
PA ADP M . -2.19 14.94 -22.33
O1A ADP M . -1.31 14.13 -23.21
O2A ADP M . -3.49 14.21 -21.96
O3A ADP M . -1.43 15.23 -20.98
O5' ADP M . -2.52 16.39 -22.83
C5' ADP M . -3.86 16.90 -22.74
C4' ADP M . -4.35 17.21 -24.12
O4' ADP M . -4.33 18.64 -24.30
C3' ADP M . -3.51 16.62 -25.25
O3' ADP M . -4.04 15.36 -25.66
C2' ADP M . -3.65 17.68 -26.32
O2' ADP M . -4.85 17.53 -27.06
C1' ADP M . -3.62 18.96 -25.48
N9 ADP M . -2.30 19.42 -25.08
C8 ADP M . -1.82 19.54 -23.81
N7 ADP M . -0.59 19.99 -23.74
C5 ADP M . -0.25 20.19 -25.07
C6 ADP M . 0.92 20.67 -25.68
N6 ADP M . 2.01 21.04 -25.01
N1 ADP M . 0.94 20.75 -27.03
C2 ADP M . -0.16 20.38 -27.71
N3 ADP M . -1.32 19.92 -27.24
C4 ADP M . -1.29 19.85 -25.90
BE BEF N . -0.78 14.71 -17.04
F1 BEF N . -0.18 13.29 -17.05
F2 BEF N . 0.27 15.78 -16.65
F3 BEF N . -2.08 14.77 -16.24
MG MG O . 0.14 12.16 -18.70
PB ADP P . -26.88 11.87 -2.20
O1B ADP P . -26.38 11.23 -3.49
O2B ADP P . -26.35 13.26 -1.97
O3B ADP P . -26.80 10.96 -1.00
PA ADP P . -29.23 11.26 -3.60
O1A ADP P . -29.01 9.79 -3.32
O2A ADP P . -28.81 11.87 -4.91
O3A ADP P . -28.46 12.08 -2.44
O5' ADP P . -30.79 11.56 -3.36
C5' ADP P . -31.32 11.93 -2.09
C4' ADP P . -32.84 11.79 -2.11
O4' ADP P . -33.44 13.08 -2.21
C3' ADP P . -33.32 10.96 -3.30
O3' ADP P . -34.04 9.81 -2.84
C2' ADP P . -34.26 11.87 -4.08
O2' ADP P . -35.53 11.22 -4.23
C1' ADP P . -34.42 13.14 -3.25
N9 ADP P . -34.12 14.33 -4.09
C8 ADP P . -33.11 15.18 -3.86
N7 ADP P . -33.10 16.18 -4.78
C5 ADP P . -34.13 15.96 -5.62
C6 ADP P . -34.68 16.64 -6.81
N6 ADP P . -34.11 17.76 -7.30
N1 ADP P . -35.77 16.09 -7.39
C2 ADP P . -36.34 14.97 -6.92
N3 ADP P . -35.89 14.31 -5.84
C4 ADP P . -34.81 14.74 -5.16
MG MG Q . -25.20 9.61 -3.88
PB ADP R . -28.58 -2.20 25.00
O1B ADP R . -27.18 -2.73 24.81
O2B ADP R . -28.66 -0.70 25.21
O3B ADP R . -29.59 -2.75 24.03
PA ADP R . -28.99 -4.38 26.74
O1A ADP R . -27.55 -4.75 27.03
O2A ADP R . -29.74 -5.12 25.64
O3A ADP R . -29.03 -2.80 26.44
O5' ADP R . -29.82 -4.54 28.10
C5' ADP R . -29.39 -5.47 29.08
C4' ADP R . -30.60 -6.14 29.74
O4' ADP R . -31.39 -5.16 30.42
C3' ADP R . -31.49 -6.80 28.71
O3' ADP R . -31.44 -8.22 28.85
C2' ADP R . -32.88 -6.30 28.98
O2' ADP R . -33.76 -7.40 29.26
C1' ADP R . -32.78 -5.39 30.19
N9 ADP R . -33.46 -4.10 29.91
C8 ADP R . -32.84 -2.90 29.83
N7 ADP R . -33.73 -1.91 29.57
C5 ADP R . -34.94 -2.47 29.48
C6 ADP R . -36.32 -1.99 29.23
N6 ADP R . -36.57 -0.67 29.01
N1 ADP R . -37.31 -2.91 29.22
C2 ADP R . -37.07 -4.21 29.44
N3 ADP R . -35.85 -4.71 29.68
C4 ADP R . -34.76 -3.91 29.71
#